data_2LZE
#
_entry.id   2LZE
#
loop_
_entity.id
_entity.type
_entity.pdbx_description
1 polymer 'a primordial catalytic fold generated by in vitro evolution'
2 non-polymer 'ZINC ION'
#
_entity_poly.entity_id   1
_entity_poly.type   'polypeptide(L)'
_entity_poly.pdbx_seq_one_letter_code
;MGAPVPYPDPLEPRGGKHICAICGNNAEDYKHTDMDLTYTDRDYKNCESYHKCSDLCQYCRYQKDLAIHHQHHHGGSMGM
SGSGTGY
;
_entity_poly.pdbx_strand_id   A
#
loop_
_chem_comp.id
_chem_comp.type
_chem_comp.name
_chem_comp.formula
ZN non-polymer 'ZINC ION' 'Zn 2'
#
# COMPACT_ATOMS: atom_id res chain seq x y z
N MET A 1 -15.45 9.68 21.04
CA MET A 1 -16.27 8.44 21.10
C MET A 1 -15.38 7.28 21.55
N GLY A 2 -14.09 7.38 21.23
CA GLY A 2 -13.12 6.34 21.60
C GLY A 2 -13.26 5.13 20.69
N ALA A 3 -14.01 5.30 19.59
CA ALA A 3 -14.21 4.21 18.64
C ALA A 3 -12.92 3.84 17.89
N PRO A 4 -12.12 4.78 17.39
CA PRO A 4 -10.85 4.41 16.67
C PRO A 4 -9.88 3.65 17.58
N VAL A 5 -9.11 2.74 16.97
CA VAL A 5 -8.12 1.91 17.69
C VAL A 5 -6.88 1.67 16.78
N PRO A 6 -5.68 1.35 17.30
CA PRO A 6 -4.48 1.09 16.41
C PRO A 6 -4.77 0.05 15.33
N TYR A 7 -5.50 -1.00 15.71
CA TYR A 7 -5.84 -2.07 14.78
C TYR A 7 -6.80 -1.53 13.69
N PRO A 8 -6.88 -2.13 12.49
CA PRO A 8 -7.81 -1.63 11.44
C PRO A 8 -9.27 -1.94 11.78
N ASP A 9 -10.17 -1.58 10.88
CA ASP A 9 -11.61 -1.78 11.10
C ASP A 9 -11.98 -3.28 10.88
N PRO A 10 -13.17 -3.77 11.31
CA PRO A 10 -13.56 -5.19 11.09
C PRO A 10 -13.55 -5.57 9.61
N LEU A 11 -13.81 -4.59 8.77
CA LEU A 11 -13.87 -4.80 7.33
C LEU A 11 -12.50 -5.18 6.76
N GLU A 12 -11.46 -4.44 7.22
CA GLU A 12 -10.04 -4.62 6.79
C GLU A 12 -9.92 -5.16 5.33
N PRO A 13 -10.28 -4.39 4.31
CA PRO A 13 -10.20 -4.88 2.89
C PRO A 13 -8.80 -5.33 2.51
N ARG A 14 -8.72 -6.40 1.72
CA ARG A 14 -7.45 -6.94 1.29
C ARG A 14 -6.74 -5.92 0.39
N GLY A 15 -7.52 -5.24 -0.45
CA GLY A 15 -6.97 -4.24 -1.35
C GLY A 15 -6.52 -3.00 -0.57
N GLY A 16 -5.70 -2.17 -1.21
CA GLY A 16 -5.19 -0.96 -0.58
C GLY A 16 -4.53 -0.06 -1.60
N LYS A 17 -4.54 1.24 -1.34
CA LYS A 17 -3.90 2.16 -2.25
C LYS A 17 -2.42 1.90 -2.19
N HIS A 18 -1.91 1.75 -0.96
CA HIS A 18 -0.48 1.50 -0.73
C HIS A 18 0.05 0.29 -1.51
N ILE A 19 -0.79 -0.73 -1.70
CA ILE A 19 -0.39 -1.95 -2.42
C ILE A 19 -1.25 -2.06 -3.68
N CYS A 20 -0.63 -1.84 -4.82
CA CYS A 20 -1.36 -1.97 -6.07
C CYS A 20 -1.72 -3.44 -6.24
N ALA A 21 -2.99 -3.72 -6.29
CA ALA A 21 -3.48 -5.09 -6.40
C ALA A 21 -3.21 -5.68 -7.76
N ILE A 22 -2.74 -4.84 -8.68
CA ILE A 22 -2.46 -5.26 -10.06
C ILE A 22 -0.99 -5.62 -10.25
N CYS A 23 -0.12 -4.59 -10.29
CA CYS A 23 1.33 -4.79 -10.54
C CYS A 23 2.15 -4.82 -9.28
N GLY A 24 1.60 -4.32 -8.18
CA GLY A 24 2.34 -4.29 -6.91
C GLY A 24 3.39 -3.19 -6.84
N ASN A 25 3.29 -2.09 -7.64
CA ASN A 25 4.29 -1.00 -7.55
C ASN A 25 3.82 0.33 -8.21
N ASN A 26 2.52 0.47 -8.55
CA ASN A 26 1.97 1.76 -9.09
C ASN A 26 1.26 2.54 -8.00
N ALA A 27 1.25 1.96 -6.82
CA ALA A 27 0.61 2.57 -5.69
C ALA A 27 1.14 3.99 -5.48
N GLU A 28 2.37 4.08 -5.00
CA GLU A 28 3.02 5.37 -4.76
C GLU A 28 3.09 6.17 -6.07
N ASP A 29 3.58 5.51 -7.12
CA ASP A 29 3.73 6.14 -8.44
C ASP A 29 2.39 6.20 -9.19
N TYR A 30 2.46 6.28 -10.53
CA TYR A 30 1.27 6.36 -11.41
C TYR A 30 1.00 5.05 -12.15
N LYS A 31 -0.23 4.92 -12.64
CA LYS A 31 -0.69 3.74 -13.36
C LYS A 31 -0.11 3.72 -14.76
N HIS A 32 1.16 3.31 -14.84
CA HIS A 32 1.91 3.20 -16.09
C HIS A 32 2.20 1.76 -16.43
N THR A 33 2.56 0.99 -15.40
CA THR A 33 2.86 -0.43 -15.58
C THR A 33 1.58 -1.24 -15.52
N ASP A 34 0.50 -0.60 -15.06
CA ASP A 34 -0.79 -1.29 -14.99
C ASP A 34 -1.30 -1.58 -16.38
N MET A 35 -1.10 -0.63 -17.28
CA MET A 35 -1.55 -0.79 -18.65
C MET A 35 -0.79 -1.93 -19.33
N ASP A 36 0.52 -1.98 -19.08
CA ASP A 36 1.37 -3.02 -19.65
C ASP A 36 1.24 -4.33 -18.88
N LEU A 37 1.27 -5.45 -19.60
CA LEU A 37 1.14 -6.78 -18.99
C LEU A 37 2.47 -7.18 -18.35
N THR A 38 2.40 -7.65 -17.11
CA THR A 38 3.60 -8.09 -16.38
C THR A 38 4.06 -9.44 -16.90
N TYR A 39 3.17 -10.14 -17.59
CA TYR A 39 3.47 -11.45 -18.14
C TYR A 39 4.62 -11.37 -19.14
N THR A 40 4.58 -10.36 -20.00
CA THR A 40 5.62 -10.19 -21.01
C THR A 40 6.97 -9.93 -20.36
N ASP A 41 6.95 -9.23 -19.23
CA ASP A 41 8.19 -8.90 -18.50
C ASP A 41 7.87 -8.54 -17.05
N ARG A 42 8.14 -9.48 -16.15
CA ARG A 42 7.88 -9.27 -14.72
C ARG A 42 8.91 -8.29 -14.15
N ASP A 43 8.46 -7.42 -13.26
CA ASP A 43 9.35 -6.42 -12.66
C ASP A 43 10.38 -7.10 -11.77
N TYR A 44 11.61 -6.60 -11.85
CA TYR A 44 12.71 -7.14 -11.05
C TYR A 44 12.61 -6.63 -9.61
N LYS A 45 12.64 -7.57 -8.65
CA LYS A 45 12.56 -7.21 -7.24
C LYS A 45 13.85 -6.54 -6.79
N ASN A 46 13.71 -5.44 -6.05
CA ASN A 46 14.86 -4.69 -5.55
C ASN A 46 15.48 -5.39 -4.34
N CYS A 47 16.63 -6.01 -4.56
CA CYS A 47 17.33 -6.72 -3.49
C CYS A 47 17.79 -5.73 -2.42
N GLU A 48 18.28 -4.58 -2.86
CA GLU A 48 18.76 -3.57 -1.92
C GLU A 48 17.58 -3.00 -1.12
N SER A 49 17.82 -2.72 0.16
CA SER A 49 16.79 -2.17 1.04
C SER A 49 17.43 -1.51 2.25
N TYR A 50 16.66 -0.64 2.91
CA TYR A 50 17.13 0.08 4.10
C TYR A 50 15.93 0.58 4.90
N HIS A 51 16.08 0.62 6.24
CA HIS A 51 15.00 1.06 7.16
C HIS A 51 13.82 0.07 7.22
N LYS A 52 13.82 -0.93 6.31
CA LYS A 52 12.79 -1.97 6.24
C LYS A 52 11.37 -1.42 6.45
N CYS A 53 10.75 -0.96 5.36
CA CYS A 53 9.40 -0.37 5.38
C CYS A 53 8.40 -1.20 6.22
N SER A 54 7.29 -0.55 6.59
CA SER A 54 6.27 -1.19 7.41
C SER A 54 5.70 -2.43 6.73
N ASP A 55 5.47 -2.32 5.40
CA ASP A 55 4.92 -3.40 4.59
C ASP A 55 5.95 -3.87 3.54
N LEU A 56 5.92 -3.21 2.38
CA LEU A 56 6.80 -3.55 1.26
C LEU A 56 6.89 -2.39 0.26
N CYS A 57 6.39 -1.25 0.68
CA CYS A 57 6.40 -0.07 -0.17
C CYS A 57 7.82 0.43 -0.28
N GLN A 58 8.28 0.58 -1.50
CA GLN A 58 9.66 0.94 -1.73
C GLN A 58 10.03 2.34 -1.23
N TYR A 59 9.23 3.35 -1.55
CA TYR A 59 9.54 4.72 -1.18
C TYR A 59 9.38 4.97 0.31
N CYS A 60 8.59 4.14 0.97
CA CYS A 60 8.37 4.29 2.38
C CYS A 60 9.68 4.15 3.16
N ARG A 61 10.65 3.50 2.54
CA ARG A 61 11.95 3.27 3.17
C ARG A 61 12.62 4.59 3.54
N TYR A 62 12.53 5.56 2.63
CA TYR A 62 13.13 6.88 2.82
C TYR A 62 12.25 7.76 3.70
N GLN A 63 11.00 7.94 3.25
CA GLN A 63 10.00 8.75 3.95
C GLN A 63 8.63 8.09 3.82
N LYS A 64 8.01 7.81 4.95
CA LYS A 64 6.69 7.16 4.99
C LYS A 64 5.66 7.91 4.16
N ASP A 65 4.85 7.13 3.40
CA ASP A 65 3.78 7.65 2.53
C ASP A 65 2.40 7.13 2.97
N LEU A 66 2.20 6.96 4.28
CA LEU A 66 0.91 6.47 4.78
C LEU A 66 -0.24 7.49 4.54
N ALA A 67 0.09 8.62 3.89
CA ALA A 67 -0.90 9.65 3.61
C ALA A 67 -1.91 9.19 2.55
N ILE A 68 -1.46 8.41 1.56
CA ILE A 68 -2.37 7.94 0.52
C ILE A 68 -3.43 6.98 1.07
N HIS A 69 -3.01 5.91 1.78
CA HIS A 69 -3.95 4.96 2.38
C HIS A 69 -4.94 5.66 3.31
N HIS A 70 -4.45 6.55 4.15
CA HIS A 70 -5.31 7.29 5.07
C HIS A 70 -6.15 8.31 4.32
N GLN A 71 -7.47 8.17 4.41
CA GLN A 71 -8.38 9.08 3.74
C GLN A 71 -8.26 10.49 4.34
N HIS A 72 -8.13 10.55 5.66
CA HIS A 72 -8.02 11.82 6.35
C HIS A 72 -6.63 12.43 6.12
N HIS A 73 -6.61 13.69 5.70
CA HIS A 73 -5.36 14.40 5.44
C HIS A 73 -4.67 14.76 6.74
N HIS A 74 -3.35 14.59 6.78
CA HIS A 74 -2.58 14.92 7.97
C HIS A 74 -2.63 16.41 8.26
N GLY A 75 -2.52 17.21 7.20
CA GLY A 75 -2.54 18.66 7.33
C GLY A 75 -1.24 19.17 7.92
N GLY A 76 -0.20 18.34 7.87
CA GLY A 76 1.10 18.71 8.40
C GLY A 76 1.76 19.78 7.53
N SER A 77 2.59 20.62 8.16
CA SER A 77 3.27 21.69 7.44
C SER A 77 4.28 21.10 6.46
N MET A 78 4.43 21.76 5.32
CA MET A 78 5.38 21.30 4.30
C MET A 78 6.80 21.36 4.85
N GLY A 79 7.10 22.41 5.60
CA GLY A 79 8.43 22.60 6.18
C GLY A 79 9.43 23.03 5.12
N MET A 80 10.71 22.97 5.47
CA MET A 80 11.77 23.37 4.54
C MET A 80 11.78 22.43 3.33
N SER A 81 11.58 21.14 3.57
CA SER A 81 11.58 20.16 2.49
C SER A 81 10.32 20.30 1.64
N GLY A 82 10.38 19.78 0.42
CA GLY A 82 9.23 19.84 -0.49
C GLY A 82 9.05 21.25 -1.04
N SER A 83 10.12 22.04 -0.99
CA SER A 83 10.09 23.42 -1.49
C SER A 83 11.49 23.93 -1.78
N GLY A 84 11.59 25.00 -2.56
CA GLY A 84 12.89 25.58 -2.91
C GLY A 84 13.64 24.69 -3.90
N THR A 85 12.89 23.84 -4.60
CA THR A 85 13.48 22.93 -5.58
C THR A 85 13.81 23.67 -6.87
N GLY A 86 14.60 23.04 -7.72
CA GLY A 86 14.99 23.65 -8.99
C GLY A 86 13.79 23.90 -9.88
N TYR A 87 12.82 22.98 -9.84
CA TYR A 87 11.60 23.09 -10.65
C TYR A 87 10.52 22.17 -10.10
ZN ZN B . 4.52 4.26 0.91
ZN ZN C . -0.23 -1.15 -10.59
N MET A 1 -30.28 -21.97 -4.07
CA MET A 1 -31.56 -21.23 -4.24
C MET A 1 -32.41 -21.40 -2.99
N GLY A 2 -32.40 -22.61 -2.42
CA GLY A 2 -33.16 -22.90 -1.22
C GLY A 2 -32.66 -22.09 -0.04
N ALA A 3 -31.34 -21.97 0.07
CA ALA A 3 -30.71 -21.23 1.15
C ALA A 3 -29.24 -20.93 0.82
N PRO A 4 -28.94 -20.01 -0.10
CA PRO A 4 -27.52 -19.68 -0.43
C PRO A 4 -26.77 -19.19 0.79
N VAL A 5 -25.48 -19.57 0.88
CA VAL A 5 -24.61 -19.21 2.02
C VAL A 5 -23.25 -18.63 1.52
N PRO A 6 -23.26 -17.58 0.69
CA PRO A 6 -21.99 -16.98 0.20
C PRO A 6 -21.22 -16.31 1.34
N TYR A 7 -20.09 -15.69 1.00
CA TYR A 7 -19.25 -15.01 1.98
C TYR A 7 -18.35 -13.95 1.29
N PRO A 8 -18.88 -12.79 0.89
CA PRO A 8 -18.06 -11.74 0.21
C PRO A 8 -17.27 -10.88 1.19
N ASP A 9 -16.54 -9.90 0.66
CA ASP A 9 -15.71 -8.98 1.45
C ASP A 9 -15.61 -7.61 0.74
N PRO A 10 -16.66 -6.79 0.73
CA PRO A 10 -16.61 -5.44 0.06
C PRO A 10 -15.50 -4.56 0.62
N LEU A 11 -15.20 -4.80 1.88
CA LEU A 11 -14.17 -4.04 2.59
C LEU A 11 -12.81 -4.25 1.96
N GLU A 12 -12.54 -5.50 1.55
CA GLU A 12 -11.26 -5.89 0.94
C GLU A 12 -10.07 -5.40 1.80
N PRO A 13 -9.86 -5.96 3.00
CA PRO A 13 -8.72 -5.52 3.88
C PRO A 13 -7.37 -5.59 3.17
N ARG A 14 -7.20 -6.62 2.34
CA ARG A 14 -5.96 -6.79 1.60
C ARG A 14 -5.75 -5.64 0.62
N GLY A 15 -6.83 -5.21 -0.02
CA GLY A 15 -6.74 -4.11 -0.98
C GLY A 15 -6.42 -2.80 -0.29
N GLY A 16 -5.75 -1.91 -1.00
CA GLY A 16 -5.37 -0.62 -0.45
C GLY A 16 -4.65 0.21 -1.47
N LYS A 17 -4.41 1.47 -1.13
CA LYS A 17 -3.73 2.38 -2.01
C LYS A 17 -2.27 1.98 -2.06
N HIS A 18 -1.68 1.80 -0.89
CA HIS A 18 -0.27 1.46 -0.80
C HIS A 18 0.14 0.28 -1.65
N ILE A 19 -0.80 -0.64 -1.86
CA ILE A 19 -0.56 -1.85 -2.66
C ILE A 19 -1.37 -1.79 -3.93
N CYS A 20 -0.66 -1.83 -5.04
CA CYS A 20 -1.30 -1.83 -6.35
C CYS A 20 -1.87 -3.22 -6.60
N ALA A 21 -2.96 -3.32 -7.35
CA ALA A 21 -3.60 -4.62 -7.62
C ALA A 21 -2.83 -5.40 -8.68
N ILE A 22 -1.91 -4.71 -9.36
CA ILE A 22 -1.12 -5.29 -10.46
C ILE A 22 0.37 -5.35 -10.09
N CYS A 23 1.02 -4.19 -10.11
CA CYS A 23 2.45 -4.10 -9.86
C CYS A 23 2.79 -4.43 -8.42
N GLY A 24 1.78 -4.42 -7.59
CA GLY A 24 1.94 -4.72 -6.18
C GLY A 24 2.32 -3.50 -5.33
N ASN A 25 2.82 -2.40 -5.94
CA ASN A 25 3.20 -1.20 -5.14
C ASN A 25 3.45 0.08 -6.00
N ASN A 26 2.89 0.15 -7.22
CA ASN A 26 3.07 1.38 -8.05
C ASN A 26 1.96 2.39 -7.79
N ALA A 27 1.00 1.97 -6.96
CA ALA A 27 -0.11 2.81 -6.59
C ALA A 27 0.35 3.75 -5.50
N GLU A 28 1.29 4.63 -5.86
CA GLU A 28 1.86 5.58 -4.92
C GLU A 28 2.55 6.73 -5.65
N ASP A 29 3.57 6.38 -6.45
CA ASP A 29 4.37 7.36 -7.19
C ASP A 29 3.93 7.49 -8.65
N TYR A 30 4.42 6.58 -9.51
CA TYR A 30 4.10 6.57 -10.94
C TYR A 30 3.25 5.35 -11.24
N LYS A 31 2.61 5.38 -12.42
CA LYS A 31 1.73 4.30 -12.88
C LYS A 31 2.13 3.89 -14.31
N HIS A 32 3.43 3.74 -14.50
CA HIS A 32 3.98 3.36 -15.81
C HIS A 32 4.02 1.84 -15.98
N THR A 33 4.29 1.12 -14.88
CA THR A 33 4.38 -0.34 -14.91
C THR A 33 2.98 -0.96 -14.89
N ASP A 34 1.96 -0.13 -14.71
CA ASP A 34 0.60 -0.61 -14.71
C ASP A 34 0.23 -1.19 -16.06
N MET A 35 0.79 -0.60 -17.11
CA MET A 35 0.53 -1.06 -18.47
C MET A 35 1.08 -2.46 -18.69
N ASP A 36 2.30 -2.71 -18.18
CA ASP A 36 2.96 -4.01 -18.32
C ASP A 36 2.54 -4.94 -17.19
N LEU A 37 2.34 -6.21 -17.52
CA LEU A 37 1.93 -7.24 -16.56
C LEU A 37 3.16 -7.90 -15.96
N THR A 38 4.30 -7.24 -16.11
CA THR A 38 5.56 -7.76 -15.56
C THR A 38 5.67 -7.40 -14.09
N TYR A 39 6.48 -8.18 -13.36
CA TYR A 39 6.67 -7.97 -11.92
C TYR A 39 7.71 -6.88 -11.67
N THR A 40 7.40 -5.99 -10.72
CA THR A 40 8.30 -4.88 -10.40
C THR A 40 9.63 -5.41 -9.86
N ASP A 41 9.55 -6.33 -8.89
CA ASP A 41 10.75 -6.91 -8.29
C ASP A 41 11.24 -8.08 -9.13
N ARG A 42 12.36 -7.90 -9.79
CA ARG A 42 12.92 -8.95 -10.64
C ARG A 42 13.31 -10.15 -9.79
N ASP A 43 13.98 -9.87 -8.67
CA ASP A 43 14.42 -10.94 -7.77
C ASP A 43 13.20 -11.61 -7.12
N TYR A 44 13.19 -12.94 -7.14
CA TYR A 44 12.09 -13.69 -6.55
C TYR A 44 11.98 -13.43 -5.06
N LYS A 45 13.13 -13.49 -4.37
CA LYS A 45 13.16 -13.27 -2.93
C LYS A 45 13.08 -11.78 -2.63
N ASN A 46 12.22 -11.42 -1.67
CA ASN A 46 12.02 -10.01 -1.30
C ASN A 46 13.13 -9.55 -0.34
N CYS A 47 14.24 -9.09 -0.92
CA CYS A 47 15.36 -8.59 -0.12
C CYS A 47 15.04 -7.21 0.43
N GLU A 48 14.82 -7.14 1.75
CA GLU A 48 14.50 -5.88 2.41
C GLU A 48 15.79 -5.08 2.64
N SER A 49 15.88 -3.91 2.01
CA SER A 49 17.06 -3.05 2.14
C SER A 49 17.04 -2.30 3.48
N TYR A 50 16.24 -1.22 3.54
CA TYR A 50 16.12 -0.43 4.76
C TYR A 50 15.18 -1.10 5.75
N HIS A 51 15.55 -1.04 7.03
CA HIS A 51 14.75 -1.65 8.09
C HIS A 51 13.47 -0.86 8.35
N LYS A 52 13.42 0.38 7.88
CA LYS A 52 12.25 1.22 8.09
C LYS A 52 11.03 0.66 7.39
N CYS A 53 11.23 0.20 6.15
CA CYS A 53 10.13 -0.35 5.34
C CYS A 53 9.34 -1.39 6.14
N SER A 54 8.02 -1.38 5.94
CA SER A 54 7.13 -2.30 6.65
C SER A 54 5.79 -2.40 5.94
N ASP A 55 5.78 -2.04 4.65
CA ASP A 55 4.56 -2.08 3.82
C ASP A 55 4.89 -2.49 2.40
N LEU A 56 6.03 -3.16 2.22
CA LEU A 56 6.48 -3.65 0.90
C LEU A 56 6.56 -2.53 -0.12
N CYS A 57 6.50 -1.32 0.40
CA CYS A 57 6.54 -0.10 -0.39
C CYS A 57 7.99 0.33 -0.53
N GLN A 58 8.44 0.36 -1.75
CA GLN A 58 9.82 0.69 -2.04
C GLN A 58 10.17 2.15 -1.73
N TYR A 59 9.23 3.05 -1.99
CA TYR A 59 9.45 4.48 -1.78
C TYR A 59 9.38 4.87 -0.32
N CYS A 60 8.68 4.07 0.47
CA CYS A 60 8.55 4.35 1.88
C CYS A 60 9.92 4.32 2.56
N ARG A 61 10.86 3.60 1.94
CA ARG A 61 12.22 3.45 2.48
C ARG A 61 12.87 4.80 2.71
N TYR A 62 12.65 5.72 1.77
CA TYR A 62 13.21 7.07 1.85
C TYR A 62 12.28 8.02 2.58
N GLN A 63 11.03 8.08 2.11
CA GLN A 63 10.00 8.96 2.68
C GLN A 63 8.69 8.24 2.79
N LYS A 64 8.25 8.05 4.04
CA LYS A 64 6.99 7.36 4.34
C LYS A 64 5.83 8.00 3.59
N ASP A 65 4.93 7.11 3.10
CA ASP A 65 3.74 7.51 2.35
C ASP A 65 2.49 6.81 2.92
N LEU A 66 2.43 6.69 4.24
CA LEU A 66 1.28 6.06 4.92
C LEU A 66 0.05 6.99 4.87
N ALA A 67 0.20 8.14 4.21
CA ALA A 67 -0.88 9.10 4.09
C ALA A 67 -1.98 8.55 3.19
N ILE A 68 -1.59 8.03 2.02
CA ILE A 68 -2.57 7.52 1.08
C ILE A 68 -3.34 6.33 1.66
N HIS A 69 -2.64 5.41 2.34
CA HIS A 69 -3.28 4.26 2.95
C HIS A 69 -4.33 4.71 3.96
N HIS A 70 -3.98 5.70 4.78
CA HIS A 70 -4.89 6.24 5.79
C HIS A 70 -4.41 7.60 6.27
N GLN A 71 -5.31 8.57 6.23
CA GLN A 71 -4.98 9.93 6.67
C GLN A 71 -4.82 9.97 8.18
N HIS A 72 -3.76 10.62 8.64
CA HIS A 72 -3.49 10.72 10.08
C HIS A 72 -4.46 11.69 10.74
N HIS A 73 -5.06 11.27 11.84
CA HIS A 73 -6.02 12.10 12.57
C HIS A 73 -5.28 13.21 13.30
N HIS A 74 -5.83 14.43 13.22
CA HIS A 74 -5.22 15.58 13.87
C HIS A 74 -5.37 15.48 15.39
N GLY A 75 -4.31 15.84 16.10
CA GLY A 75 -4.33 15.78 17.57
C GLY A 75 -4.25 14.35 18.06
N GLY A 76 -3.74 13.46 17.21
CA GLY A 76 -3.62 12.05 17.58
C GLY A 76 -2.66 11.88 18.76
N SER A 77 -1.55 12.61 18.73
CA SER A 77 -0.56 12.53 19.80
C SER A 77 -1.18 12.96 21.14
N MET A 78 -1.97 14.03 21.09
CA MET A 78 -2.62 14.54 22.29
C MET A 78 -3.62 13.53 22.83
N GLY A 79 -4.33 12.86 21.92
CA GLY A 79 -5.32 11.86 22.31
C GLY A 79 -4.67 10.72 23.09
N MET A 80 -3.51 10.28 22.62
CA MET A 80 -2.79 9.19 23.27
C MET A 80 -2.34 9.61 24.67
N SER A 81 -1.87 10.84 24.79
CA SER A 81 -1.42 11.35 26.08
C SER A 81 -2.57 11.41 27.07
N GLY A 82 -3.74 11.84 26.59
CA GLY A 82 -4.92 11.93 27.44
C GLY A 82 -5.43 10.55 27.83
N SER A 83 -6.33 10.51 28.80
CA SER A 83 -6.88 9.24 29.26
C SER A 83 -7.67 8.56 28.14
N GLY A 84 -8.35 9.36 27.33
CA GLY A 84 -9.15 8.84 26.22
C GLY A 84 -10.44 8.20 26.71
N THR A 85 -11.23 7.71 25.76
CA THR A 85 -12.50 7.07 26.09
C THR A 85 -12.27 5.77 26.87
N GLY A 86 -11.18 5.08 26.54
CA GLY A 86 -10.87 3.82 27.22
C GLY A 86 -9.47 3.34 26.83
N TYR A 87 -9.05 2.22 27.42
CA TYR A 87 -7.72 1.67 27.13
C TYR A 87 -7.62 1.28 25.66
ZN ZN B . 4.67 4.25 0.73
ZN ZN C . 0.23 -0.67 -10.70
N MET A 1 -19.40 -17.09 -14.58
CA MET A 1 -20.24 -16.89 -13.36
C MET A 1 -21.54 -16.19 -13.76
N GLY A 2 -21.41 -15.12 -14.53
CA GLY A 2 -22.57 -14.35 -14.97
C GLY A 2 -23.16 -13.56 -13.81
N ALA A 3 -22.33 -13.34 -12.78
CA ALA A 3 -22.76 -12.60 -11.59
C ALA A 3 -23.31 -11.19 -11.99
N PRO A 4 -24.61 -10.84 -11.77
CA PRO A 4 -25.10 -9.47 -12.15
C PRO A 4 -24.30 -8.34 -11.49
N VAL A 5 -24.13 -7.23 -12.21
CA VAL A 5 -23.37 -6.07 -11.72
C VAL A 5 -23.72 -4.79 -12.52
N PRO A 6 -24.92 -4.22 -12.39
CA PRO A 6 -25.27 -2.97 -13.14
C PRO A 6 -24.31 -1.82 -12.85
N TYR A 7 -23.95 -1.65 -11.58
CA TYR A 7 -23.06 -0.58 -11.16
C TYR A 7 -21.60 -0.90 -11.61
N PRO A 8 -20.72 0.07 -11.87
CA PRO A 8 -19.32 -0.24 -12.30
C PRO A 8 -18.46 -0.83 -11.19
N ASP A 9 -18.77 -0.41 -9.95
CA ASP A 9 -18.03 -0.86 -8.75
C ASP A 9 -18.94 -0.81 -7.50
N PRO A 10 -19.90 -1.72 -7.32
CA PRO A 10 -20.78 -1.70 -6.11
C PRO A 10 -20.05 -2.16 -4.87
N LEU A 11 -18.89 -2.77 -5.07
CA LEU A 11 -18.10 -3.30 -3.97
C LEU A 11 -17.64 -2.17 -3.05
N GLU A 12 -17.24 -1.06 -3.65
CA GLU A 12 -16.75 0.13 -2.92
C GLU A 12 -15.68 -0.27 -1.87
N PRO A 13 -14.50 -0.75 -2.27
CA PRO A 13 -13.46 -1.15 -1.29
C PRO A 13 -12.81 0.06 -0.64
N ARG A 14 -12.29 -0.14 0.58
CA ARG A 14 -11.63 0.93 1.36
C ARG A 14 -10.26 0.46 1.81
N GLY A 15 -9.30 1.38 1.77
CA GLY A 15 -7.93 1.07 2.17
C GLY A 15 -7.23 0.24 1.11
N GLY A 16 -6.03 -0.24 1.43
CA GLY A 16 -5.26 -1.06 0.50
C GLY A 16 -4.66 -0.20 -0.60
N LYS A 17 -4.57 1.11 -0.35
CA LYS A 17 -4.01 2.02 -1.31
C LYS A 17 -2.55 1.65 -1.50
N HIS A 18 -1.83 1.58 -0.38
CA HIS A 18 -0.39 1.25 -0.40
C HIS A 18 -0.04 0.04 -1.27
N ILE A 19 -1.01 -0.86 -1.46
CA ILE A 19 -0.81 -2.07 -2.28
C ILE A 19 -1.56 -1.94 -3.60
N CYS A 20 -0.78 -1.89 -4.68
CA CYS A 20 -1.36 -1.80 -6.01
C CYS A 20 -1.93 -3.18 -6.37
N ALA A 21 -2.97 -3.21 -7.20
CA ALA A 21 -3.60 -4.47 -7.60
C ALA A 21 -2.76 -5.21 -8.63
N ILE A 22 -1.81 -4.47 -9.23
CA ILE A 22 -0.91 -4.99 -10.28
C ILE A 22 0.55 -4.99 -9.79
N CYS A 23 1.19 -3.83 -9.78
CA CYS A 23 2.60 -3.70 -9.42
C CYS A 23 2.86 -4.10 -7.97
N GLY A 24 1.79 -4.24 -7.21
CA GLY A 24 1.89 -4.63 -5.81
C GLY A 24 2.22 -3.47 -4.88
N ASN A 25 2.77 -2.34 -5.40
CA ASN A 25 3.12 -1.21 -4.50
C ASN A 25 3.41 0.15 -5.23
N ASN A 26 2.96 0.30 -6.49
CA ASN A 26 3.14 1.60 -7.21
C ASN A 26 1.92 2.51 -7.07
N ALA A 27 0.98 2.09 -6.23
CA ALA A 27 -0.24 2.85 -5.97
C ALA A 27 0.05 3.95 -4.95
N GLU A 28 0.94 4.86 -5.35
CA GLU A 28 1.33 5.99 -4.51
C GLU A 28 2.23 6.97 -5.26
N ASP A 29 2.68 6.59 -6.48
CA ASP A 29 3.57 7.43 -7.27
C ASP A 29 3.36 7.23 -8.79
N TYR A 30 4.44 7.00 -9.55
CA TYR A 30 4.35 6.81 -10.98
C TYR A 30 3.57 5.54 -11.30
N LYS A 31 2.64 5.64 -12.27
CA LYS A 31 1.80 4.52 -12.71
C LYS A 31 2.31 4.00 -14.05
N HIS A 32 3.63 3.93 -14.19
CA HIS A 32 4.25 3.43 -15.43
C HIS A 32 4.30 1.90 -15.42
N THR A 33 4.45 1.33 -14.24
CA THR A 33 4.54 -0.12 -14.08
C THR A 33 3.16 -0.76 -14.20
N ASP A 34 2.13 0.07 -14.13
CA ASP A 34 0.76 -0.46 -14.23
C ASP A 34 0.53 -1.06 -15.61
N MET A 35 1.00 -0.37 -16.64
CA MET A 35 0.84 -0.84 -18.01
C MET A 35 1.73 -2.05 -18.28
N ASP A 36 2.99 -1.97 -17.82
CA ASP A 36 3.95 -3.06 -18.01
C ASP A 36 3.77 -4.14 -16.95
N LEU A 37 4.53 -5.23 -17.10
CA LEU A 37 4.49 -6.37 -16.17
C LEU A 37 5.79 -6.40 -15.37
N THR A 38 5.65 -6.39 -14.04
CA THR A 38 6.80 -6.41 -13.15
C THR A 38 7.36 -7.82 -13.00
N TYR A 39 8.60 -7.91 -12.48
CA TYR A 39 9.27 -9.18 -12.27
C TYR A 39 8.81 -9.83 -10.97
N THR A 40 8.58 -11.14 -11.00
CA THR A 40 8.14 -11.87 -9.81
C THR A 40 9.21 -11.79 -8.72
N ASP A 41 10.47 -12.05 -9.10
CA ASP A 41 11.58 -12.00 -8.15
C ASP A 41 12.06 -10.58 -7.96
N ARG A 42 11.46 -9.89 -6.98
CA ARG A 42 11.81 -8.51 -6.68
C ARG A 42 13.08 -8.47 -5.85
N ASP A 43 14.01 -7.60 -6.24
CA ASP A 43 15.29 -7.45 -5.54
C ASP A 43 15.13 -6.51 -4.35
N TYR A 44 15.19 -7.10 -3.15
CA TYR A 44 15.07 -6.33 -1.90
C TYR A 44 16.44 -5.84 -1.45
N LYS A 45 16.54 -4.55 -1.18
CA LYS A 45 17.80 -3.94 -0.75
C LYS A 45 18.09 -4.32 0.71
N ASN A 46 19.32 -4.73 0.98
CA ASN A 46 19.71 -5.13 2.33
C ASN A 46 19.64 -3.94 3.28
N CYS A 47 20.07 -2.76 2.81
CA CYS A 47 20.05 -1.56 3.63
C CYS A 47 18.63 -1.06 3.80
N GLU A 48 18.13 -1.14 5.04
CA GLU A 48 16.76 -0.70 5.40
C GLU A 48 16.82 0.19 6.64
N SER A 49 16.48 1.46 6.47
CA SER A 49 16.50 2.42 7.57
C SER A 49 15.49 2.03 8.64
N TYR A 50 14.28 1.65 8.19
CA TYR A 50 13.18 1.24 9.07
C TYR A 50 12.34 0.16 8.39
N HIS A 51 12.01 -0.89 9.14
CA HIS A 51 11.20 -2.00 8.62
C HIS A 51 9.70 -1.67 8.68
N LYS A 52 9.38 -0.39 8.78
CA LYS A 52 7.98 0.04 8.85
C LYS A 52 7.24 -0.36 7.58
N CYS A 53 7.83 -0.06 6.40
CA CYS A 53 7.19 -0.39 5.11
C CYS A 53 8.25 -0.46 4.02
N SER A 54 9.50 -0.54 4.44
CA SER A 54 10.61 -0.62 3.49
C SER A 54 10.51 -1.84 2.59
N ASP A 55 10.25 -2.99 3.18
CA ASP A 55 10.16 -4.23 2.40
C ASP A 55 8.95 -4.21 1.47
N LEU A 56 7.78 -3.96 2.05
CA LEU A 56 6.54 -3.95 1.28
C LEU A 56 6.60 -2.87 0.20
N CYS A 57 6.59 -1.60 0.63
CA CYS A 57 6.64 -0.46 -0.26
C CYS A 57 8.09 -0.05 -0.49
N GLN A 58 8.55 -0.22 -1.72
CA GLN A 58 9.94 0.08 -2.07
C GLN A 58 10.20 1.58 -2.05
N TYR A 59 9.21 2.37 -2.45
CA TYR A 59 9.36 3.82 -2.52
C TYR A 59 9.40 4.47 -1.15
N CYS A 60 8.76 3.83 -0.18
CA CYS A 60 8.73 4.36 1.18
C CYS A 60 10.14 4.46 1.75
N ARG A 61 11.05 3.65 1.22
CA ARG A 61 12.43 3.62 1.73
C ARG A 61 13.08 5.00 1.72
N TYR A 62 12.91 5.72 0.62
CA TYR A 62 13.50 7.06 0.48
C TYR A 62 12.67 8.12 1.18
N GLN A 63 11.35 8.11 0.89
CA GLN A 63 10.40 9.06 1.47
C GLN A 63 9.11 8.33 1.80
N LYS A 64 8.81 8.24 3.10
CA LYS A 64 7.61 7.55 3.59
C LYS A 64 6.36 8.11 2.91
N ASP A 65 5.45 7.17 2.58
CA ASP A 65 4.16 7.48 1.92
C ASP A 65 3.01 6.97 2.78
N LEU A 66 3.25 6.66 4.06
CA LEU A 66 2.19 6.14 4.96
C LEU A 66 0.98 7.11 5.10
N ALA A 67 1.04 8.28 4.46
CA ALA A 67 -0.04 9.24 4.53
C ALA A 67 -1.32 8.65 3.95
N ILE A 68 -1.21 8.00 2.79
CA ILE A 68 -2.38 7.42 2.14
C ILE A 68 -3.08 6.40 3.05
N HIS A 69 -2.46 5.24 3.28
CA HIS A 69 -3.05 4.22 4.15
C HIS A 69 -2.95 4.65 5.61
N HIS A 70 -4.10 4.70 6.28
CA HIS A 70 -4.14 5.10 7.68
C HIS A 70 -3.57 3.99 8.55
N GLN A 71 -2.80 4.37 9.58
CA GLN A 71 -2.20 3.40 10.49
C GLN A 71 -3.27 2.81 11.39
N HIS A 72 -3.18 1.50 11.63
CA HIS A 72 -4.14 0.78 12.47
C HIS A 72 -3.49 -0.45 13.10
N HIS A 73 -3.95 -0.78 14.31
CA HIS A 73 -3.41 -1.93 15.03
C HIS A 73 -3.85 -3.23 14.35
N HIS A 74 -2.92 -4.20 14.31
CA HIS A 74 -3.22 -5.48 13.68
C HIS A 74 -4.30 -6.22 14.45
N GLY A 75 -4.23 -6.15 15.78
CA GLY A 75 -5.20 -6.82 16.63
C GLY A 75 -6.60 -6.23 16.43
N GLY A 76 -6.66 -4.91 16.23
CA GLY A 76 -7.93 -4.23 16.02
C GLY A 76 -8.72 -4.14 17.32
N SER A 77 -8.02 -4.29 18.45
CA SER A 77 -8.65 -4.22 19.75
C SER A 77 -9.07 -2.78 20.07
N MET A 78 -10.16 -2.64 20.82
CA MET A 78 -10.64 -1.30 21.18
C MET A 78 -9.60 -0.58 22.02
N GLY A 79 -9.01 -1.30 22.97
CA GLY A 79 -8.00 -0.72 23.85
C GLY A 79 -7.66 -1.67 24.98
N MET A 80 -6.37 -1.92 25.17
CA MET A 80 -5.92 -2.82 26.23
C MET A 80 -6.25 -2.22 27.60
N SER A 81 -6.03 -0.92 27.74
CA SER A 81 -6.31 -0.24 29.01
C SER A 81 -7.80 -0.33 29.35
N GLY A 82 -8.65 -0.13 28.35
CA GLY A 82 -10.09 -0.20 28.55
C GLY A 82 -10.59 1.01 29.35
N SER A 83 -9.76 2.04 29.42
CA SER A 83 -10.11 3.25 30.15
C SER A 83 -11.34 3.91 29.53
N GLY A 84 -11.44 3.85 28.21
CA GLY A 84 -12.56 4.43 27.51
C GLY A 84 -12.38 4.30 26.00
N THR A 85 -13.30 4.91 25.24
CA THR A 85 -13.29 4.86 23.79
C THR A 85 -14.01 6.06 23.19
N GLY A 86 -13.74 6.33 21.91
CA GLY A 86 -14.38 7.45 21.23
C GLY A 86 -13.83 8.79 21.73
N TYR A 87 -12.66 8.73 22.35
CA TYR A 87 -12.03 9.94 22.88
C TYR A 87 -11.53 10.82 21.74
ZN ZN B . 4.79 3.98 0.40
ZN ZN C . 0.28 -0.34 -10.25
N MET A 1 -14.45 4.45 -22.81
CA MET A 1 -13.83 3.49 -21.85
C MET A 1 -12.44 4.00 -21.47
N GLY A 2 -12.41 5.08 -20.69
CA GLY A 2 -11.14 5.65 -20.25
C GLY A 2 -10.41 4.69 -19.33
N ALA A 3 -11.15 4.09 -18.41
CA ALA A 3 -10.57 3.13 -17.45
C ALA A 3 -11.68 2.32 -16.74
N PRO A 4 -12.34 1.37 -17.41
CA PRO A 4 -13.40 0.55 -16.73
C PRO A 4 -12.82 -0.23 -15.55
N VAL A 5 -13.64 -0.39 -14.50
CA VAL A 5 -13.23 -1.09 -13.27
C VAL A 5 -14.40 -1.97 -12.75
N PRO A 6 -14.17 -3.03 -11.94
CA PRO A 6 -15.30 -3.89 -11.41
C PRO A 6 -16.42 -3.06 -10.76
N TYR A 7 -16.03 -2.04 -9.98
CA TYR A 7 -16.98 -1.15 -9.31
C TYR A 7 -16.32 0.23 -9.06
N PRO A 8 -17.03 1.37 -9.05
CA PRO A 8 -16.37 2.71 -8.83
C PRO A 8 -16.02 2.96 -7.36
N ASP A 9 -16.21 1.92 -6.54
CA ASP A 9 -15.94 1.97 -5.10
C ASP A 9 -16.58 3.22 -4.44
N PRO A 10 -17.91 3.27 -4.28
CA PRO A 10 -18.59 4.46 -3.65
C PRO A 10 -18.07 4.75 -2.25
N LEU A 11 -17.63 3.70 -1.59
CA LEU A 11 -17.11 3.82 -0.23
C LEU A 11 -15.86 4.71 -0.21
N GLU A 12 -15.00 4.53 -1.20
CA GLU A 12 -13.74 5.27 -1.30
C GLU A 12 -13.25 5.35 -2.77
N PRO A 13 -13.87 6.17 -3.64
CA PRO A 13 -13.43 6.30 -5.07
C PRO A 13 -11.96 6.68 -5.22
N ARG A 14 -11.47 7.51 -4.30
CA ARG A 14 -10.08 7.95 -4.34
C ARG A 14 -9.14 6.75 -4.22
N GLY A 15 -9.46 5.83 -3.31
CA GLY A 15 -8.63 4.65 -3.11
C GLY A 15 -7.34 5.03 -2.39
N GLY A 16 -6.26 5.12 -3.15
CA GLY A 16 -4.96 5.49 -2.58
C GLY A 16 -4.36 4.35 -1.77
N LYS A 17 -4.81 3.13 -2.05
CA LYS A 17 -4.33 1.96 -1.36
C LYS A 17 -2.83 1.84 -1.55
N HIS A 18 -2.18 1.50 -0.47
CA HIS A 18 -0.72 1.42 -0.47
C HIS A 18 -0.18 0.41 -1.49
N ILE A 19 -0.67 -0.84 -1.44
CA ILE A 19 -0.22 -1.89 -2.36
C ILE A 19 -1.23 -2.04 -3.48
N CYS A 20 -0.75 -1.84 -4.70
CA CYS A 20 -1.62 -1.99 -5.85
C CYS A 20 -1.94 -3.47 -6.03
N ALA A 21 -3.15 -3.78 -6.45
CA ALA A 21 -3.59 -5.17 -6.59
C ALA A 21 -2.91 -5.88 -7.75
N ILE A 22 -2.17 -5.11 -8.57
CA ILE A 22 -1.50 -5.64 -9.78
C ILE A 22 0.02 -5.45 -9.69
N CYS A 23 0.47 -4.21 -9.86
CA CYS A 23 1.90 -3.88 -9.87
C CYS A 23 2.53 -3.99 -8.49
N GLY A 24 1.71 -3.76 -7.47
CA GLY A 24 2.17 -3.81 -6.09
C GLY A 24 2.68 -2.45 -5.62
N ASN A 25 3.08 -1.59 -6.58
CA ASN A 25 3.66 -0.26 -6.24
C ASN A 25 3.35 0.87 -7.25
N ASN A 26 2.37 0.69 -8.13
CA ASN A 26 2.02 1.77 -9.08
C ASN A 26 1.19 2.83 -8.37
N ALA A 27 0.28 2.35 -7.53
CA ALA A 27 -0.60 3.22 -6.77
C ALA A 27 0.21 4.29 -6.05
N GLU A 28 1.40 3.89 -5.63
CA GLU A 28 2.33 4.78 -4.99
C GLU A 28 2.98 5.70 -6.04
N ASP A 29 3.56 5.10 -7.09
CA ASP A 29 4.25 5.84 -8.19
C ASP A 29 3.31 6.08 -9.39
N TYR A 30 3.80 5.83 -10.63
CA TYR A 30 2.99 6.03 -11.84
C TYR A 30 1.93 4.95 -11.98
N LYS A 31 1.04 5.10 -12.98
CA LYS A 31 -0.06 4.16 -13.25
C LYS A 31 -0.04 3.75 -14.73
N HIS A 32 1.17 3.41 -15.21
CA HIS A 32 1.37 2.98 -16.60
C HIS A 32 1.52 1.47 -16.72
N THR A 33 2.04 0.83 -15.66
CA THR A 33 2.24 -0.63 -15.68
C THR A 33 0.95 -1.34 -15.32
N ASP A 34 -0.07 -0.56 -14.93
CA ASP A 34 -1.37 -1.13 -14.58
C ASP A 34 -1.99 -1.84 -15.77
N MET A 35 -1.80 -1.28 -16.95
CA MET A 35 -2.34 -1.88 -18.17
C MET A 35 -1.68 -3.22 -18.46
N ASP A 36 -0.35 -3.28 -18.28
CA ASP A 36 0.43 -4.50 -18.52
C ASP A 36 1.73 -4.49 -17.72
N LEU A 37 2.07 -5.63 -17.13
CA LEU A 37 3.29 -5.74 -16.34
C LEU A 37 4.49 -5.79 -17.27
N THR A 38 5.47 -4.89 -17.03
CA THR A 38 6.68 -4.83 -17.85
C THR A 38 7.70 -5.86 -17.35
N TYR A 39 8.10 -6.76 -18.25
CA TYR A 39 9.07 -7.80 -17.92
C TYR A 39 10.48 -7.23 -17.94
N THR A 40 11.25 -7.52 -16.89
CA THR A 40 12.64 -7.04 -16.79
C THR A 40 13.45 -7.94 -15.84
N ASP A 41 14.75 -8.07 -16.12
CA ASP A 41 15.64 -8.89 -15.31
C ASP A 41 16.07 -8.12 -14.06
N ARG A 42 15.25 -8.17 -13.02
CA ARG A 42 15.55 -7.48 -11.77
C ARG A 42 16.67 -8.21 -11.03
N ASP A 43 17.66 -7.46 -10.58
CA ASP A 43 18.78 -8.04 -9.83
C ASP A 43 18.30 -8.56 -8.47
N TYR A 44 18.74 -9.77 -8.12
CA TYR A 44 18.37 -10.38 -6.85
C TYR A 44 18.86 -9.52 -5.69
N LYS A 45 20.12 -9.12 -5.73
CA LYS A 45 20.69 -8.30 -4.66
C LYS A 45 20.06 -6.92 -4.67
N ASN A 46 19.55 -6.50 -3.51
CA ASN A 46 18.91 -5.18 -3.39
C ASN A 46 19.96 -4.09 -3.27
N CYS A 47 19.82 -3.05 -4.09
CA CYS A 47 20.78 -1.94 -4.07
C CYS A 47 20.71 -1.19 -2.75
N GLU A 48 19.47 -0.94 -2.26
CA GLU A 48 19.22 -0.23 -1.00
C GLU A 48 18.09 -0.91 -0.23
N SER A 49 18.13 -0.82 1.10
CA SER A 49 17.11 -1.43 1.95
C SER A 49 17.11 -0.79 3.33
N TYR A 50 15.96 -0.89 4.01
CA TYR A 50 15.78 -0.33 5.36
C TYR A 50 14.79 -1.19 6.13
N HIS A 51 14.96 -1.24 7.46
CA HIS A 51 14.08 -2.02 8.35
C HIS A 51 12.93 -1.15 8.86
N LYS A 52 13.04 0.15 8.65
CA LYS A 52 12.01 1.08 9.13
C LYS A 52 10.65 0.83 8.46
N CYS A 53 10.68 0.55 7.14
CA CYS A 53 9.46 0.28 6.37
C CYS A 53 9.20 -1.21 6.25
N SER A 54 7.92 -1.59 6.21
CA SER A 54 7.52 -3.00 6.09
C SER A 54 8.08 -3.70 4.83
N ASP A 55 8.84 -2.95 3.98
CA ASP A 55 9.47 -3.47 2.75
C ASP A 55 8.45 -3.66 1.63
N LEU A 56 7.17 -3.59 1.97
CA LEU A 56 6.12 -3.78 0.99
C LEU A 56 6.20 -2.66 -0.05
N CYS A 57 6.21 -1.42 0.44
CA CYS A 57 6.31 -0.23 -0.40
C CYS A 57 7.78 0.19 -0.50
N GLN A 58 8.26 0.34 -1.72
CA GLN A 58 9.66 0.65 -1.98
C GLN A 58 10.04 2.10 -1.63
N TYR A 59 9.16 3.03 -1.96
CA TYR A 59 9.42 4.45 -1.75
C TYR A 59 9.32 4.83 -0.27
N CYS A 60 8.55 4.06 0.49
CA CYS A 60 8.39 4.34 1.90
C CYS A 60 9.71 4.21 2.65
N ARG A 61 10.64 3.47 2.05
CA ARG A 61 11.94 3.22 2.69
C ARG A 61 12.65 4.52 3.01
N TYR A 62 12.50 5.51 2.12
CA TYR A 62 13.13 6.82 2.30
C TYR A 62 12.25 7.79 3.06
N GLN A 63 11.01 7.95 2.56
CA GLN A 63 10.02 8.87 3.15
C GLN A 63 8.64 8.23 3.11
N LYS A 64 8.08 7.97 4.29
CA LYS A 64 6.76 7.31 4.42
C LYS A 64 5.68 7.98 3.56
N ASP A 65 4.77 7.13 3.02
CA ASP A 65 3.65 7.56 2.17
C ASP A 65 2.30 7.06 2.71
N LEU A 66 2.22 6.84 4.03
CA LEU A 66 0.96 6.35 4.62
C LEU A 66 -0.20 7.37 4.47
N ALA A 67 0.05 8.50 3.79
CA ALA A 67 -0.97 9.52 3.59
C ALA A 67 -2.00 9.09 2.55
N ILE A 68 -1.57 8.43 1.47
CA ILE A 68 -2.51 8.02 0.43
C ILE A 68 -3.56 7.03 0.98
N HIS A 69 -3.15 5.85 1.44
CA HIS A 69 -4.10 4.89 2.02
C HIS A 69 -4.70 5.45 3.30
N HIS A 70 -6.04 5.43 3.39
CA HIS A 70 -6.72 5.94 4.56
C HIS A 70 -6.54 4.98 5.73
N GLN A 71 -6.26 5.53 6.92
CA GLN A 71 -6.07 4.70 8.10
C GLN A 71 -7.36 3.97 8.45
N HIS A 72 -7.23 2.68 8.77
CA HIS A 72 -8.39 1.88 9.12
C HIS A 72 -9.02 2.37 10.43
N HIS A 73 -8.16 2.71 11.39
CA HIS A 73 -8.63 3.19 12.69
C HIS A 73 -9.23 4.59 12.55
N HIS A 74 -10.39 4.79 13.17
CA HIS A 74 -11.06 6.08 13.11
C HIS A 74 -10.23 7.14 13.82
N GLY A 75 -9.64 6.77 14.96
CA GLY A 75 -8.82 7.70 15.73
C GLY A 75 -9.69 8.73 16.45
N GLY A 76 -10.97 8.41 16.61
CA GLY A 76 -11.89 9.32 17.28
C GLY A 76 -11.53 9.45 18.75
N SER A 77 -11.93 10.57 19.36
CA SER A 77 -11.64 10.81 20.77
C SER A 77 -12.48 9.91 21.65
N MET A 78 -12.04 9.73 22.90
CA MET A 78 -12.76 8.88 23.84
C MET A 78 -14.14 9.45 24.13
N GLY A 79 -14.21 10.77 24.27
CA GLY A 79 -15.48 11.43 24.55
C GLY A 79 -15.34 12.95 24.42
N MET A 80 -16.47 13.65 24.50
CA MET A 80 -16.46 15.11 24.39
C MET A 80 -15.71 15.72 25.57
N SER A 81 -15.91 15.14 26.75
CA SER A 81 -15.24 15.64 27.94
C SER A 81 -13.72 15.53 27.80
N GLY A 82 -13.27 14.39 27.29
CA GLY A 82 -11.83 14.17 27.11
C GLY A 82 -11.13 13.95 28.43
N SER A 83 -11.90 13.53 29.45
CA SER A 83 -11.35 13.28 30.78
C SER A 83 -12.31 12.41 31.59
N GLY A 84 -11.76 11.72 32.59
CA GLY A 84 -12.58 10.85 33.44
C GLY A 84 -13.54 11.68 34.29
N THR A 85 -14.62 11.02 34.75
CA THR A 85 -15.62 11.68 35.57
C THR A 85 -15.11 11.87 36.99
N GLY A 86 -15.78 12.73 37.76
CA GLY A 86 -15.38 12.99 39.15
C GLY A 86 -14.12 13.83 39.20
N TYR A 87 -13.55 13.96 40.39
CA TYR A 87 -12.32 14.73 40.57
C TYR A 87 -11.15 14.07 39.85
ZN ZN B . 4.46 4.15 0.50
ZN ZN C . -1.04 -0.98 -10.53
N MET A 1 -10.03 -4.60 -8.98
CA MET A 1 -8.95 -4.50 -10.02
C MET A 1 -9.31 -3.36 -10.98
N GLY A 2 -8.37 -2.44 -11.18
CA GLY A 2 -8.58 -1.31 -12.07
C GLY A 2 -8.76 -1.79 -13.51
N ALA A 3 -8.04 -2.84 -13.88
CA ALA A 3 -8.11 -3.36 -15.24
C ALA A 3 -9.53 -3.87 -15.56
N PRO A 4 -9.85 -4.25 -16.80
CA PRO A 4 -11.22 -4.78 -17.10
C PRO A 4 -11.51 -6.07 -16.33
N VAL A 5 -12.80 -6.31 -16.03
CA VAL A 5 -13.24 -7.53 -15.28
C VAL A 5 -14.56 -8.08 -15.89
N PRO A 6 -14.55 -8.66 -17.10
CA PRO A 6 -15.81 -9.21 -17.72
C PRO A 6 -16.50 -10.24 -16.83
N TYR A 7 -15.67 -11.08 -16.19
CA TYR A 7 -16.18 -12.14 -15.31
C TYR A 7 -16.66 -11.54 -13.96
N PRO A 8 -17.48 -12.21 -13.15
CA PRO A 8 -17.94 -11.62 -11.84
C PRO A 8 -16.83 -11.65 -10.78
N ASP A 9 -17.16 -11.17 -9.58
CA ASP A 9 -16.22 -11.11 -8.46
C ASP A 9 -17.00 -10.98 -7.11
N PRO A 10 -17.64 -12.03 -6.60
CA PRO A 10 -18.40 -11.92 -5.30
C PRO A 10 -17.48 -11.64 -4.13
N LEU A 11 -16.21 -11.97 -4.31
CA LEU A 11 -15.20 -11.79 -3.26
C LEU A 11 -15.09 -10.33 -2.86
N GLU A 12 -15.11 -9.45 -3.87
CA GLU A 12 -14.98 -8.00 -3.68
C GLU A 12 -13.78 -7.67 -2.75
N PRO A 13 -12.54 -7.86 -3.19
CA PRO A 13 -11.36 -7.55 -2.31
C PRO A 13 -11.35 -6.10 -1.85
N ARG A 14 -10.94 -5.87 -0.61
CA ARG A 14 -10.90 -4.53 -0.05
C ARG A 14 -9.91 -3.68 -0.85
N GLY A 15 -8.75 -4.24 -1.14
CA GLY A 15 -7.73 -3.52 -1.90
C GLY A 15 -7.08 -2.44 -1.03
N GLY A 16 -6.20 -1.65 -1.65
CA GLY A 16 -5.52 -0.59 -0.93
C GLY A 16 -4.79 0.32 -1.91
N LYS A 17 -4.64 1.59 -1.53
CA LYS A 17 -3.95 2.54 -2.37
C LYS A 17 -2.47 2.22 -2.33
N HIS A 18 -1.95 2.03 -1.13
CA HIS A 18 -0.53 1.75 -0.95
C HIS A 18 -0.04 0.54 -1.77
N ILE A 19 -0.91 -0.47 -1.91
CA ILE A 19 -0.59 -1.70 -2.64
C ILE A 19 -1.39 -1.74 -3.94
N CYS A 20 -0.68 -1.73 -5.05
CA CYS A 20 -1.33 -1.81 -6.34
C CYS A 20 -1.93 -3.19 -6.54
N ALA A 21 -3.12 -3.24 -7.11
CA ALA A 21 -3.79 -4.51 -7.35
C ALA A 21 -3.17 -5.25 -8.52
N ILE A 22 -2.30 -4.54 -9.26
CA ILE A 22 -1.62 -5.10 -10.46
C ILE A 22 -0.12 -5.31 -10.19
N CYS A 23 0.62 -4.21 -10.10
CA CYS A 23 2.07 -4.25 -9.91
C CYS A 23 2.44 -4.82 -8.56
N GLY A 24 1.46 -4.84 -7.65
CA GLY A 24 1.70 -5.39 -6.32
C GLY A 24 2.52 -4.45 -5.43
N ASN A 25 3.08 -3.34 -6.00
CA ASN A 25 3.90 -2.38 -5.20
C ASN A 25 3.95 -0.95 -5.77
N ASN A 26 3.05 -0.60 -6.70
CA ASN A 26 2.99 0.78 -7.25
C ASN A 26 1.90 1.58 -6.52
N ALA A 27 1.01 2.26 -7.28
CA ALA A 27 -0.10 3.02 -6.73
C ALA A 27 0.35 3.93 -5.58
N GLU A 28 1.28 4.83 -5.90
CA GLU A 28 1.83 5.76 -4.93
C GLU A 28 2.46 6.98 -5.62
N ASP A 29 2.98 6.79 -6.85
CA ASP A 29 3.64 7.88 -7.61
C ASP A 29 3.40 7.74 -9.13
N TYR A 30 4.36 7.13 -9.84
CA TYR A 30 4.28 6.96 -11.30
C TYR A 30 3.61 5.63 -11.65
N LYS A 31 2.63 5.67 -12.56
CA LYS A 31 1.88 4.49 -12.99
C LYS A 31 2.52 3.90 -14.26
N HIS A 32 3.86 3.75 -14.22
CA HIS A 32 4.61 3.21 -15.34
C HIS A 32 4.60 1.68 -15.33
N THR A 33 4.54 1.11 -14.12
CA THR A 33 4.53 -0.35 -13.97
C THR A 33 3.15 -0.91 -14.28
N ASP A 34 2.16 -0.03 -14.34
CA ASP A 34 0.78 -0.44 -14.63
C ASP A 34 0.63 -0.86 -16.10
N MET A 35 1.71 -0.64 -16.87
CA MET A 35 1.77 -0.97 -18.31
C MET A 35 2.94 -1.90 -18.57
N ASP A 36 2.81 -2.71 -19.64
CA ASP A 36 3.83 -3.67 -20.00
C ASP A 36 5.00 -2.98 -20.71
N LEU A 37 6.07 -2.73 -19.94
CA LEU A 37 7.27 -2.07 -20.46
C LEU A 37 8.09 -3.08 -21.26
N THR A 38 8.74 -2.58 -22.31
CA THR A 38 9.56 -3.44 -23.16
C THR A 38 10.73 -4.02 -22.36
N TYR A 39 11.40 -3.14 -21.60
CA TYR A 39 12.55 -3.55 -20.77
C TYR A 39 12.08 -4.11 -19.43
N THR A 40 11.73 -5.39 -19.43
CA THR A 40 11.26 -6.05 -18.21
C THR A 40 12.41 -6.19 -17.21
N ASP A 41 13.61 -6.47 -17.73
CA ASP A 41 14.81 -6.64 -16.89
C ASP A 41 15.36 -5.27 -16.51
N ARG A 42 15.28 -4.97 -15.20
CA ARG A 42 15.77 -3.70 -14.63
C ARG A 42 16.68 -3.98 -13.46
N ASP A 43 17.98 -3.82 -13.69
CA ASP A 43 18.99 -4.05 -12.66
C ASP A 43 19.02 -2.88 -11.68
N TYR A 44 18.64 -3.18 -10.45
CA TYR A 44 18.62 -2.19 -9.36
C TYR A 44 19.99 -2.06 -8.72
N LYS A 45 20.37 -0.85 -8.37
CA LYS A 45 21.67 -0.61 -7.75
C LYS A 45 21.74 -1.29 -6.39
N ASN A 46 20.65 -1.16 -5.61
CA ASN A 46 20.57 -1.75 -4.27
C ASN A 46 21.74 -1.32 -3.40
N CYS A 47 22.20 -0.10 -3.62
CA CYS A 47 23.33 0.43 -2.87
C CYS A 47 23.01 0.54 -1.38
N GLU A 48 21.83 1.12 -1.08
CA GLU A 48 21.35 1.30 0.31
C GLU A 48 19.87 0.93 0.38
N SER A 49 19.49 0.24 1.45
CA SER A 49 18.12 -0.21 1.64
C SER A 49 17.90 -0.64 3.08
N TYR A 50 16.66 -0.52 3.55
CA TYR A 50 16.28 -0.90 4.92
C TYR A 50 14.85 -1.41 4.92
N HIS A 51 14.52 -2.30 5.88
CA HIS A 51 13.19 -2.90 6.01
C HIS A 51 12.50 -2.38 7.27
N LYS A 52 13.09 -1.35 7.87
CA LYS A 52 12.53 -0.77 9.10
C LYS A 52 11.15 -0.21 8.81
N CYS A 53 11.00 0.49 7.69
CA CYS A 53 9.73 1.06 7.30
C CYS A 53 8.81 -0.02 6.72
N SER A 54 7.97 0.37 5.75
CA SER A 54 7.04 -0.53 5.08
C SER A 54 7.75 -1.19 3.91
N ASP A 55 8.47 -2.26 4.21
CA ASP A 55 9.23 -3.04 3.22
C ASP A 55 8.41 -3.28 1.94
N LEU A 56 7.11 -3.40 2.11
CA LEU A 56 6.20 -3.65 1.00
C LEU A 56 6.28 -2.48 0.01
N CYS A 57 6.22 -1.25 0.55
CA CYS A 57 6.31 -0.02 -0.25
C CYS A 57 7.77 0.41 -0.34
N GLN A 58 8.30 0.40 -1.56
CA GLN A 58 9.70 0.74 -1.78
C GLN A 58 10.07 2.19 -1.47
N TYR A 59 9.15 3.09 -1.76
CA TYR A 59 9.38 4.53 -1.55
C TYR A 59 9.27 4.93 -0.09
N CYS A 60 8.50 4.17 0.68
CA CYS A 60 8.33 4.47 2.10
C CYS A 60 9.66 4.39 2.84
N ARG A 61 10.61 3.64 2.27
CA ARG A 61 11.92 3.44 2.89
C ARG A 61 12.62 4.77 3.13
N TYR A 62 12.41 5.72 2.21
CA TYR A 62 13.02 7.05 2.31
C TYR A 62 12.12 8.00 3.10
N GLN A 63 10.87 8.12 2.64
CA GLN A 63 9.87 9.01 3.25
C GLN A 63 8.49 8.35 3.23
N LYS A 64 7.94 8.11 4.42
CA LYS A 64 6.63 7.48 4.55
C LYS A 64 5.57 8.19 3.71
N ASP A 65 4.75 7.36 3.03
CA ASP A 65 3.65 7.81 2.16
C ASP A 65 2.30 7.28 2.68
N LEU A 66 2.18 7.09 3.99
CA LEU A 66 0.94 6.57 4.57
C LEU A 66 -0.22 7.57 4.45
N ALA A 67 0.03 8.72 3.81
CA ALA A 67 -1.01 9.71 3.64
C ALA A 67 -2.14 9.16 2.81
N ILE A 68 -1.80 8.60 1.64
CA ILE A 68 -2.83 8.07 0.74
C ILE A 68 -3.68 6.99 1.43
N HIS A 69 -3.04 5.94 1.95
CA HIS A 69 -3.77 4.87 2.64
C HIS A 69 -4.59 5.43 3.81
N HIS A 70 -4.01 6.39 4.54
CA HIS A 70 -4.67 7.02 5.70
C HIS A 70 -4.19 8.46 5.87
N GLN A 71 -5.08 9.40 5.55
CA GLN A 71 -4.76 10.82 5.67
C GLN A 71 -4.53 11.19 7.14
N HIS A 72 -5.37 10.63 8.01
CA HIS A 72 -5.26 10.89 9.45
C HIS A 72 -4.04 10.20 10.02
N HIS A 73 -3.37 10.87 10.96
CA HIS A 73 -2.19 10.32 11.61
C HIS A 73 -2.56 9.16 12.53
N HIS A 74 -1.68 8.16 12.59
CA HIS A 74 -1.93 7.00 13.44
C HIS A 74 -1.93 7.40 14.91
N GLY A 75 -0.99 8.27 15.28
CA GLY A 75 -0.89 8.74 16.66
C GLY A 75 0.13 9.86 16.80
N GLY A 76 0.28 10.36 18.01
CA GLY A 76 1.24 11.44 18.26
C GLY A 76 1.39 11.70 19.76
N SER A 77 1.96 12.84 20.11
CA SER A 77 2.16 13.20 21.51
C SER A 77 0.82 13.27 22.25
N MET A 78 -0.17 13.88 21.60
CA MET A 78 -1.48 14.01 22.21
C MET A 78 -2.12 12.64 22.39
N GLY A 79 -1.93 11.77 21.40
CA GLY A 79 -2.48 10.41 21.46
C GLY A 79 -4.00 10.43 21.23
N MET A 80 -4.61 9.25 21.28
CA MET A 80 -6.03 9.13 21.07
C MET A 80 -6.81 9.87 22.17
N SER A 81 -6.32 9.74 23.40
CA SER A 81 -6.97 10.41 24.53
C SER A 81 -6.75 11.92 24.47
N GLY A 82 -7.74 12.67 24.95
CA GLY A 82 -7.64 14.13 24.94
C GLY A 82 -6.55 14.60 25.90
N SER A 83 -6.31 15.92 25.90
CA SER A 83 -5.28 16.51 26.75
C SER A 83 -5.52 18.01 26.94
N GLY A 84 -4.92 18.57 27.97
CA GLY A 84 -5.08 20.00 28.25
C GLY A 84 -6.48 20.30 28.77
N THR A 85 -7.14 19.27 29.29
CA THR A 85 -8.51 19.42 29.82
C THR A 85 -8.46 20.09 31.19
N GLY A 86 -9.63 20.54 31.64
CA GLY A 86 -9.73 21.20 32.95
C GLY A 86 -9.09 22.58 32.91
N TYR A 87 -8.93 23.13 31.70
CA TYR A 87 -8.33 24.45 31.52
C TYR A 87 -8.64 24.98 30.14
ZN ZN B . 4.50 4.38 0.72
ZN ZN C . 0.19 -0.56 -10.66
N MET A 1 -27.43 6.86 8.21
CA MET A 1 -28.72 6.99 7.47
C MET A 1 -28.88 5.80 6.54
N GLY A 2 -27.81 5.48 5.81
CA GLY A 2 -27.82 4.35 4.88
C GLY A 2 -28.70 4.67 3.68
N ALA A 3 -28.88 5.96 3.40
CA ALA A 3 -29.70 6.40 2.27
C ALA A 3 -28.98 6.09 0.95
N PRO A 4 -29.59 6.31 -0.22
CA PRO A 4 -28.88 6.02 -1.52
C PRO A 4 -27.61 6.85 -1.68
N VAL A 5 -26.57 6.24 -2.27
CA VAL A 5 -25.26 6.88 -2.50
C VAL A 5 -24.82 6.71 -3.98
N PRO A 6 -25.63 7.08 -4.96
CA PRO A 6 -25.22 6.96 -6.40
C PRO A 6 -24.05 7.87 -6.74
N TYR A 7 -23.80 8.87 -5.88
CA TYR A 7 -22.70 9.80 -6.10
C TYR A 7 -21.36 9.06 -5.89
N PRO A 8 -20.19 9.64 -6.14
CA PRO A 8 -18.89 8.91 -5.93
C PRO A 8 -18.65 8.50 -4.47
N ASP A 9 -17.38 8.19 -4.17
CA ASP A 9 -16.95 7.78 -2.83
C ASP A 9 -15.52 8.29 -2.54
N PRO A 10 -15.32 9.57 -2.24
CA PRO A 10 -13.94 10.10 -1.95
C PRO A 10 -13.31 9.38 -0.75
N LEU A 11 -14.17 8.92 0.14
CA LEU A 11 -13.73 8.23 1.34
C LEU A 11 -12.96 6.95 0.99
N GLU A 12 -13.48 6.23 -0.01
CA GLU A 12 -12.88 4.96 -0.46
C GLU A 12 -12.61 3.99 0.72
N PRO A 13 -13.64 3.45 1.38
CA PRO A 13 -13.43 2.50 2.53
C PRO A 13 -12.52 1.33 2.20
N ARG A 14 -12.63 0.83 0.97
CA ARG A 14 -11.81 -0.30 0.54
C ARG A 14 -10.33 0.06 0.59
N GLY A 15 -10.01 1.28 0.16
CA GLY A 15 -8.62 1.73 0.16
C GLY A 15 -7.78 0.88 -0.77
N GLY A 16 -6.74 0.26 -0.21
CA GLY A 16 -5.85 -0.58 -1.01
C GLY A 16 -4.99 0.27 -1.91
N LYS A 17 -4.87 1.54 -1.59
CA LYS A 17 -4.05 2.43 -2.39
C LYS A 17 -2.61 1.98 -2.26
N HIS A 18 -2.16 1.84 -1.02
CA HIS A 18 -0.75 1.47 -0.77
C HIS A 18 -0.30 0.20 -1.50
N ILE A 19 -1.26 -0.67 -1.84
CA ILE A 19 -0.99 -1.93 -2.56
C ILE A 19 -1.59 -1.86 -3.94
N CYS A 20 -0.74 -1.83 -4.96
CA CYS A 20 -1.21 -1.80 -6.33
C CYS A 20 -1.80 -3.18 -6.68
N ALA A 21 -2.78 -3.20 -7.57
CA ALA A 21 -3.45 -4.46 -7.96
C ALA A 21 -2.62 -5.23 -8.99
N ILE A 22 -1.60 -4.55 -9.52
CA ILE A 22 -0.70 -5.09 -10.56
C ILE A 22 0.73 -5.20 -10.01
N CYS A 23 1.43 -4.07 -9.97
CA CYS A 23 2.82 -4.02 -9.53
C CYS A 23 2.99 -4.43 -8.08
N GLY A 24 1.87 -4.46 -7.36
CA GLY A 24 1.88 -4.86 -5.96
C GLY A 24 2.16 -3.70 -5.02
N ASN A 25 2.84 -2.62 -5.47
CA ASN A 25 3.14 -1.47 -4.57
C ASN A 25 3.64 -0.19 -5.31
N ASN A 26 3.41 -0.10 -6.64
CA ASN A 26 3.84 1.11 -7.41
C ASN A 26 2.67 2.09 -7.58
N ALA A 27 1.64 1.84 -6.78
CA ALA A 27 0.46 2.67 -6.82
C ALA A 27 0.86 4.09 -6.45
N GLU A 28 1.39 4.21 -5.20
CA GLU A 28 1.89 5.46 -4.57
C GLU A 28 1.82 6.70 -5.47
N ASP A 29 2.70 6.74 -6.49
CA ASP A 29 2.75 7.87 -7.44
C ASP A 29 3.37 7.45 -8.77
N TYR A 30 4.49 6.72 -8.70
CA TYR A 30 5.19 6.27 -9.89
C TYR A 30 4.42 5.13 -10.56
N LYS A 31 3.36 5.48 -11.28
CA LYS A 31 2.53 4.49 -11.98
C LYS A 31 3.15 4.16 -13.34
N HIS A 32 4.48 4.04 -13.35
CA HIS A 32 5.22 3.72 -14.58
C HIS A 32 5.24 2.23 -14.86
N THR A 33 5.27 1.42 -13.79
CA THR A 33 5.30 -0.03 -13.91
C THR A 33 3.91 -0.58 -14.19
N ASP A 34 2.89 0.28 -14.10
CA ASP A 34 1.53 -0.16 -14.37
C ASP A 34 1.36 -0.56 -15.83
N MET A 35 2.30 -0.10 -16.66
CA MET A 35 2.28 -0.40 -18.10
C MET A 35 2.86 -1.79 -18.36
N ASP A 36 2.23 -2.53 -19.27
CA ASP A 36 2.68 -3.88 -19.61
C ASP A 36 3.86 -3.85 -20.57
N LEU A 37 5.08 -3.89 -20.00
CA LEU A 37 6.34 -3.88 -20.75
C LEU A 37 7.09 -5.18 -20.49
N THR A 38 7.31 -5.95 -21.56
CA THR A 38 8.03 -7.22 -21.45
C THR A 38 9.52 -6.98 -21.23
N TYR A 39 9.99 -5.83 -21.71
CA TYR A 39 11.40 -5.47 -21.58
C TYR A 39 11.82 -5.39 -20.11
N THR A 40 10.99 -4.75 -19.30
CA THR A 40 11.29 -4.61 -17.87
C THR A 40 11.07 -5.92 -17.14
N ASP A 41 12.05 -6.82 -17.23
CA ASP A 41 11.97 -8.12 -16.56
C ASP A 41 12.16 -7.96 -15.06
N ARG A 42 11.40 -8.74 -14.29
CA ARG A 42 11.50 -8.69 -12.83
C ARG A 42 12.81 -9.31 -12.37
N ASP A 43 13.41 -8.72 -11.33
CA ASP A 43 14.68 -9.22 -10.81
C ASP A 43 14.46 -10.56 -10.13
N TYR A 44 15.31 -11.53 -10.46
CA TYR A 44 15.22 -12.86 -9.89
C TYR A 44 15.48 -12.83 -8.38
N LYS A 45 16.51 -12.09 -7.98
CA LYS A 45 16.87 -11.99 -6.58
C LYS A 45 15.75 -11.33 -5.77
N ASN A 46 15.19 -10.25 -6.33
CA ASN A 46 14.10 -9.50 -5.69
C ASN A 46 14.49 -9.08 -4.27
N CYS A 47 15.75 -8.67 -4.11
CA CYS A 47 16.25 -8.23 -2.80
C CYS A 47 15.70 -6.85 -2.45
N GLU A 48 15.18 -6.72 -1.23
CA GLU A 48 14.62 -5.46 -0.76
C GLU A 48 15.72 -4.42 -0.61
N SER A 49 15.42 -3.18 -0.99
CA SER A 49 16.40 -2.10 -0.89
C SER A 49 16.79 -1.86 0.57
N TYR A 50 15.79 -1.88 1.47
CA TYR A 50 16.03 -1.66 2.90
C TYR A 50 14.89 -2.27 3.72
N HIS A 51 15.04 -2.27 5.06
CA HIS A 51 14.06 -2.83 6.00
C HIS A 51 13.74 -1.85 7.12
N LYS A 52 13.78 -0.56 6.83
CA LYS A 52 13.49 0.44 7.86
C LYS A 52 12.05 0.32 8.35
N CYS A 53 11.12 0.26 7.40
CA CYS A 53 9.69 0.15 7.73
C CYS A 53 8.89 -0.17 6.48
N SER A 54 7.62 -0.61 6.69
CA SER A 54 6.69 -0.98 5.63
C SER A 54 7.38 -1.63 4.45
N ASP A 55 7.85 -2.85 4.67
CA ASP A 55 8.58 -3.58 3.63
C ASP A 55 7.74 -3.72 2.37
N LEU A 56 6.42 -3.68 2.53
CA LEU A 56 5.52 -3.80 1.41
C LEU A 56 5.74 -2.62 0.47
N CYS A 57 5.79 -1.41 1.06
CA CYS A 57 6.00 -0.18 0.29
C CYS A 57 7.49 0.18 0.29
N GLN A 58 8.11 0.08 -0.87
CA GLN A 58 9.54 0.34 -1.00
C GLN A 58 9.85 1.82 -0.78
N TYR A 59 8.97 2.69 -1.24
CA TYR A 59 9.18 4.13 -1.15
C TYR A 59 9.00 4.68 0.26
N CYS A 60 8.20 3.99 1.08
CA CYS A 60 7.98 4.44 2.44
C CYS A 60 9.28 4.44 3.21
N ARG A 61 10.21 3.59 2.77
CA ARG A 61 11.50 3.45 3.44
C ARG A 61 12.26 4.77 3.42
N TYR A 62 12.16 5.50 2.30
CA TYR A 62 12.85 6.78 2.14
C TYR A 62 12.01 7.94 2.64
N GLN A 63 10.76 8.01 2.15
CA GLN A 63 9.81 9.07 2.52
C GLN A 63 8.43 8.45 2.75
N LYS A 64 7.94 8.56 3.99
CA LYS A 64 6.63 8.00 4.37
C LYS A 64 5.52 8.52 3.46
N ASP A 65 4.67 7.59 3.01
CA ASP A 65 3.52 7.87 2.13
C ASP A 65 2.20 7.39 2.74
N LEU A 66 2.19 7.14 4.05
CA LEU A 66 0.95 6.65 4.71
C LEU A 66 -0.24 7.63 4.58
N ALA A 67 -0.06 8.76 3.88
CA ALA A 67 -1.13 9.72 3.70
C ALA A 67 -2.23 9.16 2.82
N ILE A 68 -1.85 8.47 1.73
CA ILE A 68 -2.86 7.93 0.81
C ILE A 68 -3.79 6.95 1.53
N HIS A 69 -3.30 5.77 1.92
CA HIS A 69 -4.13 4.80 2.64
C HIS A 69 -4.34 5.21 4.09
N HIS A 70 -5.61 5.24 4.50
CA HIS A 70 -5.95 5.63 5.88
C HIS A 70 -5.54 4.54 6.86
N GLN A 71 -4.90 4.93 7.96
CA GLN A 71 -4.46 3.99 8.98
C GLN A 71 -5.68 3.42 9.70
N HIS A 72 -5.68 2.10 9.90
CA HIS A 72 -6.78 1.43 10.58
C HIS A 72 -6.79 1.79 12.07
N HIS A 73 -7.96 2.17 12.57
CA HIS A 73 -8.09 2.53 13.98
C HIS A 73 -7.86 1.32 14.87
N HIS A 74 -8.39 0.17 14.44
CA HIS A 74 -8.25 -1.09 15.18
C HIS A 74 -8.33 -2.28 14.23
N GLY A 75 -7.61 -3.34 14.56
CA GLY A 75 -7.60 -4.54 13.74
C GLY A 75 -8.96 -5.22 13.75
N GLY A 76 -9.21 -6.05 12.73
CA GLY A 76 -10.48 -6.76 12.65
C GLY A 76 -10.61 -7.81 13.75
N SER A 77 -11.84 -8.08 14.16
CA SER A 77 -12.10 -9.07 15.20
C SER A 77 -11.60 -10.44 14.77
N MET A 78 -11.82 -10.77 13.50
CA MET A 78 -11.40 -12.06 12.97
C MET A 78 -9.88 -12.19 13.03
N GLY A 79 -9.19 -11.10 12.71
CA GLY A 79 -7.73 -11.10 12.73
C GLY A 79 -7.22 -11.22 14.17
N MET A 80 -6.05 -11.85 14.31
CA MET A 80 -5.46 -12.03 15.63
C MET A 80 -5.10 -10.68 16.24
N SER A 81 -4.57 -9.78 15.42
CA SER A 81 -4.19 -8.46 15.89
C SER A 81 -5.43 -7.64 16.25
N GLY A 82 -5.28 -6.77 17.25
CA GLY A 82 -6.39 -5.93 17.69
C GLY A 82 -6.05 -5.19 18.97
N SER A 83 -5.16 -5.78 19.76
CA SER A 83 -4.76 -5.16 21.03
C SER A 83 -3.95 -3.89 20.77
N GLY A 84 -4.16 -2.88 21.62
CA GLY A 84 -3.46 -1.62 21.47
C GLY A 84 -1.97 -1.80 21.71
N THR A 85 -1.62 -2.70 22.63
CA THR A 85 -0.22 -2.96 22.95
C THR A 85 0.45 -3.75 21.83
N GLY A 86 -0.36 -4.37 20.99
CA GLY A 86 0.17 -5.15 19.87
C GLY A 86 0.96 -4.29 18.91
N TYR A 87 0.47 -3.08 18.65
CA TYR A 87 1.16 -2.16 17.75
C TYR A 87 2.47 -1.68 18.36
ZN ZN B . 4.23 4.25 1.04
ZN ZN C . 0.79 -0.49 -10.44
N MET A 1 -15.99 -35.91 -6.66
CA MET A 1 -16.22 -34.44 -6.70
C MET A 1 -15.11 -33.76 -5.91
N GLY A 2 -15.06 -34.03 -4.61
CA GLY A 2 -14.04 -33.44 -3.74
C GLY A 2 -14.38 -31.98 -3.43
N ALA A 3 -15.65 -31.63 -3.63
CA ALA A 3 -16.16 -30.26 -3.38
C ALA A 3 -15.26 -29.18 -4.06
N PRO A 4 -15.29 -29.05 -5.39
CA PRO A 4 -14.45 -28.00 -6.07
C PRO A 4 -14.79 -26.59 -5.58
N VAL A 5 -13.75 -25.75 -5.50
CA VAL A 5 -13.86 -24.35 -5.03
C VAL A 5 -13.09 -23.40 -5.99
N PRO A 6 -13.60 -23.08 -7.17
CA PRO A 6 -12.89 -22.16 -8.12
C PRO A 6 -12.58 -20.81 -7.46
N TYR A 7 -13.53 -20.36 -6.62
CA TYR A 7 -13.41 -19.09 -5.89
C TYR A 7 -13.09 -17.92 -6.85
N PRO A 8 -14.04 -17.47 -7.69
CA PRO A 8 -13.79 -16.35 -8.65
C PRO A 8 -13.94 -14.99 -8.00
N ASP A 9 -14.18 -15.01 -6.69
CA ASP A 9 -14.34 -13.79 -5.88
C ASP A 9 -15.39 -12.83 -6.51
N PRO A 10 -16.69 -13.16 -6.49
CA PRO A 10 -17.73 -12.27 -7.10
C PRO A 10 -17.73 -10.87 -6.47
N LEU A 11 -17.25 -10.79 -5.24
CA LEU A 11 -17.22 -9.53 -4.52
C LEU A 11 -16.38 -8.48 -5.25
N GLU A 12 -15.23 -8.92 -5.78
CA GLU A 12 -14.30 -8.04 -6.53
C GLU A 12 -14.02 -6.72 -5.75
N PRO A 13 -13.42 -6.76 -4.57
CA PRO A 13 -13.15 -5.52 -3.79
C PRO A 13 -12.04 -4.68 -4.41
N ARG A 14 -12.10 -3.37 -4.14
CA ARG A 14 -11.09 -2.46 -4.68
C ARG A 14 -9.76 -2.69 -3.97
N GLY A 15 -8.68 -2.62 -4.74
CA GLY A 15 -7.35 -2.82 -4.18
C GLY A 15 -6.96 -1.68 -3.25
N GLY A 16 -5.97 -1.94 -2.39
CA GLY A 16 -5.53 -0.94 -1.43
C GLY A 16 -4.88 0.22 -2.17
N LYS A 17 -4.85 1.39 -1.52
CA LYS A 17 -4.24 2.55 -2.12
C LYS A 17 -2.72 2.35 -2.08
N HIS A 18 -2.21 1.95 -0.94
CA HIS A 18 -0.76 1.75 -0.82
C HIS A 18 -0.24 0.66 -1.76
N ILE A 19 -0.87 -0.54 -1.73
CA ILE A 19 -0.44 -1.69 -2.55
C ILE A 19 -1.38 -1.90 -3.72
N CYS A 20 -0.79 -1.90 -4.91
CA CYS A 20 -1.54 -2.14 -6.14
C CYS A 20 -1.71 -3.66 -6.31
N ALA A 21 -2.85 -4.09 -6.83
CA ALA A 21 -3.12 -5.51 -6.95
C ALA A 21 -2.21 -6.21 -7.95
N ILE A 22 -1.47 -5.41 -8.73
CA ILE A 22 -0.56 -5.92 -9.79
C ILE A 22 0.91 -5.59 -9.50
N CYS A 23 1.26 -4.30 -9.62
CA CYS A 23 2.64 -3.84 -9.44
C CYS A 23 3.04 -3.71 -7.98
N GLY A 24 2.05 -3.46 -7.14
CA GLY A 24 2.29 -3.29 -5.71
C GLY A 24 2.75 -1.87 -5.37
N ASN A 25 3.06 -1.06 -6.41
CA ASN A 25 3.58 0.32 -6.18
C ASN A 25 3.18 1.35 -7.26
N ASN A 26 2.19 1.06 -8.09
CA ASN A 26 1.74 2.04 -9.10
C ASN A 26 0.76 3.03 -8.48
N ALA A 27 -0.10 2.49 -7.61
CA ALA A 27 -1.12 3.27 -6.97
C ALA A 27 -0.46 4.43 -6.22
N GLU A 28 0.74 4.17 -5.69
CA GLU A 28 1.51 5.17 -5.00
C GLU A 28 2.27 6.06 -6.01
N ASP A 29 2.81 5.41 -7.08
CA ASP A 29 3.61 6.10 -8.12
C ASP A 29 2.85 6.23 -9.49
N TYR A 30 3.56 5.97 -10.61
CA TYR A 30 2.96 6.09 -11.95
C TYR A 30 1.90 5.01 -12.20
N LYS A 31 1.46 4.87 -13.47
CA LYS A 31 0.42 3.89 -13.84
C LYS A 31 0.78 3.19 -15.15
N HIS A 32 2.09 3.14 -15.43
CA HIS A 32 2.60 2.50 -16.66
C HIS A 32 3.04 1.06 -16.38
N THR A 33 3.19 0.73 -15.10
CA THR A 33 3.61 -0.61 -14.70
C THR A 33 2.44 -1.59 -14.75
N ASP A 34 1.22 -1.06 -14.78
CA ASP A 34 0.04 -1.93 -14.85
C ASP A 34 -0.05 -2.66 -16.17
N MET A 35 0.68 -2.15 -17.16
CA MET A 35 0.68 -2.76 -18.49
C MET A 35 1.30 -4.15 -18.45
N ASP A 36 2.39 -4.28 -17.69
CA ASP A 36 3.11 -5.55 -17.56
C ASP A 36 2.50 -6.41 -16.46
N LEU A 37 1.92 -7.54 -16.84
CA LEU A 37 1.31 -8.46 -15.87
C LEU A 37 2.40 -9.17 -15.10
N THR A 38 2.09 -9.49 -13.83
CA THR A 38 3.04 -10.17 -12.92
C THR A 38 2.30 -11.22 -12.09
N TYR A 39 3.07 -12.14 -11.51
CA TYR A 39 2.51 -13.20 -10.68
C TYR A 39 2.07 -12.66 -9.32
N THR A 40 1.31 -13.46 -8.58
CA THR A 40 0.83 -13.05 -7.26
C THR A 40 2.02 -12.79 -6.34
N ASP A 41 3.00 -13.71 -6.35
CA ASP A 41 4.19 -13.58 -5.52
C ASP A 41 5.18 -12.62 -6.15
N ARG A 42 5.25 -11.39 -5.62
CA ARG A 42 6.16 -10.37 -6.14
C ARG A 42 7.58 -10.70 -5.70
N ASP A 43 8.53 -10.56 -6.64
CA ASP A 43 9.95 -10.83 -6.35
C ASP A 43 10.58 -9.66 -5.61
N TYR A 44 10.89 -9.88 -4.34
CA TYR A 44 11.51 -8.85 -3.49
C TYR A 44 13.01 -8.77 -3.77
N LYS A 45 13.53 -7.54 -3.85
CA LYS A 45 14.95 -7.34 -4.09
C LYS A 45 15.75 -7.76 -2.87
N ASN A 46 16.81 -8.52 -3.09
CA ASN A 46 17.64 -8.99 -1.98
C ASN A 46 18.32 -7.83 -1.27
N CYS A 47 18.82 -6.86 -2.04
CA CYS A 47 19.49 -5.70 -1.47
C CYS A 47 18.47 -4.74 -0.86
N GLU A 48 18.12 -4.98 0.41
CA GLU A 48 17.16 -4.15 1.12
C GLU A 48 17.83 -2.85 1.58
N SER A 49 17.27 -1.72 1.17
CA SER A 49 17.82 -0.42 1.54
C SER A 49 17.70 -0.16 3.05
N TYR A 50 16.50 -0.42 3.59
CA TYR A 50 16.23 -0.21 5.02
C TYR A 50 15.11 -1.15 5.48
N HIS A 51 15.12 -1.44 6.80
CA HIS A 51 14.13 -2.32 7.44
C HIS A 51 13.19 -1.50 8.32
N LYS A 52 13.35 -0.18 8.27
CA LYS A 52 12.54 0.71 9.10
C LYS A 52 11.06 0.61 8.74
N CYS A 53 10.76 0.34 7.46
CA CYS A 53 9.38 0.21 6.97
C CYS A 53 8.97 -1.25 6.80
N SER A 54 7.67 -1.46 6.60
CA SER A 54 7.12 -2.81 6.44
C SER A 54 7.73 -3.55 5.24
N ASP A 55 8.44 -2.78 4.39
CA ASP A 55 9.12 -3.30 3.18
C ASP A 55 8.13 -3.63 2.06
N LEU A 56 6.83 -3.58 2.37
CA LEU A 56 5.82 -3.86 1.37
C LEU A 56 5.92 -2.82 0.26
N CYS A 57 5.98 -1.55 0.68
CA CYS A 57 6.11 -0.41 -0.22
C CYS A 57 7.59 -0.06 -0.36
N GLN A 58 8.06 0.02 -1.59
CA GLN A 58 9.48 0.29 -1.86
C GLN A 58 9.90 1.74 -1.57
N TYR A 59 9.04 2.68 -1.90
CA TYR A 59 9.34 4.11 -1.72
C TYR A 59 9.27 4.53 -0.27
N CYS A 60 8.47 3.82 0.52
CA CYS A 60 8.33 4.14 1.93
C CYS A 60 9.67 4.02 2.65
N ARG A 61 10.54 3.17 2.11
CA ARG A 61 11.86 2.91 2.71
C ARG A 61 12.64 4.20 2.91
N TYR A 62 12.46 5.15 1.98
CA TYR A 62 13.14 6.44 2.03
C TYR A 62 12.29 7.48 2.77
N GLN A 63 11.05 7.64 2.33
CA GLN A 63 10.10 8.62 2.90
C GLN A 63 8.68 8.05 2.87
N LYS A 64 8.10 7.88 4.06
CA LYS A 64 6.73 7.34 4.23
C LYS A 64 5.71 8.02 3.32
N ASP A 65 4.76 7.20 2.83
CA ASP A 65 3.66 7.63 1.94
C ASP A 65 2.30 7.22 2.51
N LEU A 66 2.22 7.03 3.83
CA LEU A 66 0.97 6.61 4.47
C LEU A 66 -0.13 7.69 4.41
N ALA A 67 0.11 8.79 3.69
CA ALA A 67 -0.88 9.84 3.60
C ALA A 67 -2.12 9.33 2.87
N ILE A 68 -1.91 8.54 1.81
CA ILE A 68 -3.03 8.01 1.04
C ILE A 68 -3.80 6.93 1.83
N HIS A 69 -3.17 5.77 2.11
CA HIS A 69 -3.84 4.73 2.91
C HIS A 69 -3.92 5.17 4.37
N HIS A 70 -5.14 5.16 4.92
CA HIS A 70 -5.35 5.54 6.31
C HIS A 70 -4.86 4.45 7.26
N GLN A 71 -4.17 4.86 8.32
CA GLN A 71 -3.64 3.91 9.29
C GLN A 71 -4.78 3.25 10.06
N HIS A 72 -4.64 1.95 10.33
CA HIS A 72 -5.67 1.21 11.06
C HIS A 72 -5.74 1.68 12.51
N HIS A 73 -6.97 1.93 12.98
CA HIS A 73 -7.17 2.37 14.36
C HIS A 73 -6.92 1.22 15.33
N HIS A 74 -6.21 1.52 16.42
CA HIS A 74 -5.91 0.51 17.43
C HIS A 74 -7.17 0.15 18.22
N GLY A 75 -7.32 -1.13 18.50
CA GLY A 75 -8.49 -1.61 19.25
C GLY A 75 -8.49 -1.02 20.66
N GLY A 76 -7.30 -0.87 21.24
CA GLY A 76 -7.17 -0.33 22.58
C GLY A 76 -7.63 -1.33 23.62
N SER A 77 -7.71 -0.89 24.87
CA SER A 77 -8.15 -1.76 25.96
C SER A 77 -9.63 -2.10 25.82
N MET A 78 -9.98 -3.32 26.21
CA MET A 78 -11.37 -3.77 26.12
C MET A 78 -12.25 -2.92 27.03
N GLY A 79 -11.74 -2.63 28.23
CA GLY A 79 -12.48 -1.82 29.20
C GLY A 79 -13.59 -2.63 29.86
N MET A 80 -13.71 -3.90 29.48
CA MET A 80 -14.73 -4.76 30.05
C MET A 80 -14.47 -4.98 31.53
N SER A 81 -13.20 -5.15 31.89
CA SER A 81 -12.83 -5.36 33.28
C SER A 81 -13.23 -4.16 34.13
N GLY A 82 -13.01 -2.96 33.61
CA GLY A 82 -13.35 -1.74 34.33
C GLY A 82 -14.85 -1.67 34.58
N SER A 83 -15.63 -2.09 33.59
CA SER A 83 -17.09 -2.06 33.72
C SER A 83 -17.55 -3.13 34.70
N GLY A 84 -18.65 -2.85 35.40
CA GLY A 84 -19.19 -3.79 36.38
C GLY A 84 -19.65 -5.09 35.70
N THR A 85 -20.24 -4.94 34.52
CA THR A 85 -20.73 -6.11 33.78
C THR A 85 -19.56 -7.01 33.38
N GLY A 86 -19.71 -8.31 33.59
CA GLY A 86 -18.66 -9.27 33.25
C GLY A 86 -19.19 -10.69 33.33
N TYR A 87 -18.37 -11.64 32.86
CA TYR A 87 -18.72 -13.06 32.85
C TYR A 87 -17.45 -13.92 32.92
ZN ZN B . 4.48 4.10 0.55
ZN ZN C . -0.36 -1.39 -10.81
N MET A 1 -5.76 -21.93 0.00
CA MET A 1 -5.87 -23.32 0.52
C MET A 1 -6.84 -23.34 1.70
N GLY A 2 -7.79 -24.26 1.67
CA GLY A 2 -8.77 -24.38 2.74
C GLY A 2 -9.78 -23.23 2.69
N ALA A 3 -10.70 -23.21 3.65
CA ALA A 3 -11.70 -22.15 3.70
C ALA A 3 -11.08 -20.77 4.00
N PRO A 4 -10.16 -20.62 4.94
CA PRO A 4 -9.55 -19.28 5.22
C PRO A 4 -8.79 -18.73 4.01
N VAL A 5 -8.73 -17.38 3.91
CA VAL A 5 -8.04 -16.69 2.80
C VAL A 5 -7.25 -15.46 3.33
N PRO A 6 -6.15 -15.63 4.06
CA PRO A 6 -5.35 -14.48 4.58
C PRO A 6 -4.91 -13.53 3.47
N TYR A 7 -4.54 -14.12 2.34
CA TYR A 7 -4.08 -13.34 1.18
C TYR A 7 -5.29 -12.59 0.56
N PRO A 8 -5.11 -11.57 -0.28
CA PRO A 8 -6.26 -10.83 -0.88
C PRO A 8 -6.89 -11.64 -2.03
N ASP A 9 -7.90 -11.05 -2.68
CA ASP A 9 -8.64 -11.69 -3.79
C ASP A 9 -8.85 -10.66 -4.93
N PRO A 10 -9.33 -11.06 -6.12
CA PRO A 10 -9.57 -10.07 -7.23
C PRO A 10 -10.52 -8.95 -6.82
N LEU A 11 -11.53 -9.33 -6.04
CA LEU A 11 -12.53 -8.38 -5.56
C LEU A 11 -11.96 -7.40 -4.56
N GLU A 12 -11.07 -7.90 -3.68
CA GLU A 12 -10.40 -7.14 -2.60
C GLU A 12 -11.30 -6.01 -1.98
N PRO A 13 -12.39 -6.35 -1.28
CA PRO A 13 -13.29 -5.32 -0.67
C PRO A 13 -12.55 -4.31 0.21
N ARG A 14 -11.56 -4.79 0.95
CA ARG A 14 -10.78 -3.92 1.82
C ARG A 14 -10.04 -2.88 0.97
N GLY A 15 -9.45 -3.33 -0.13
CA GLY A 15 -8.71 -2.45 -1.02
C GLY A 15 -7.42 -2.00 -0.36
N GLY A 16 -6.71 -1.08 -1.01
CA GLY A 16 -5.45 -0.59 -0.46
C GLY A 16 -4.73 0.28 -1.46
N LYS A 17 -4.58 1.56 -1.14
CA LYS A 17 -3.89 2.46 -2.04
C LYS A 17 -2.44 2.04 -2.10
N HIS A 18 -1.83 1.82 -0.95
CA HIS A 18 -0.42 1.47 -0.87
C HIS A 18 -0.03 0.27 -1.75
N ILE A 19 -0.99 -0.63 -2.01
CA ILE A 19 -0.75 -1.85 -2.81
C ILE A 19 -1.55 -1.78 -4.09
N CYS A 20 -0.84 -1.77 -5.20
CA CYS A 20 -1.48 -1.75 -6.52
C CYS A 20 -2.08 -3.13 -6.81
N ALA A 21 -3.19 -3.18 -7.55
CA ALA A 21 -3.86 -4.44 -7.84
C ALA A 21 -3.14 -5.25 -8.92
N ILE A 22 -2.16 -4.59 -9.56
CA ILE A 22 -1.38 -5.18 -10.67
C ILE A 22 0.11 -5.30 -10.32
N CYS A 23 0.83 -4.17 -10.29
CA CYS A 23 2.26 -4.17 -10.05
C CYS A 23 2.59 -4.52 -8.61
N GLY A 24 1.60 -4.33 -7.73
CA GLY A 24 1.73 -4.63 -6.32
C GLY A 24 2.20 -3.44 -5.48
N ASN A 25 2.75 -2.36 -6.10
CA ASN A 25 3.22 -1.20 -5.32
C ASN A 25 3.44 0.09 -6.16
N ASN A 26 2.73 0.23 -7.30
CA ASN A 26 2.88 1.45 -8.14
C ASN A 26 1.84 2.51 -7.77
N ALA A 27 0.86 2.09 -6.98
CA ALA A 27 -0.20 2.97 -6.54
C ALA A 27 0.29 3.83 -5.40
N GLU A 28 1.28 4.67 -5.74
CA GLU A 28 1.90 5.56 -4.77
C GLU A 28 2.55 6.75 -5.50
N ASP A 29 3.04 6.52 -6.72
CA ASP A 29 3.69 7.59 -7.50
C ASP A 29 3.71 7.25 -9.00
N TYR A 30 4.70 6.45 -9.44
CA TYR A 30 4.79 6.07 -10.84
C TYR A 30 3.74 5.03 -11.16
N LYS A 31 3.12 5.17 -12.35
CA LYS A 31 2.09 4.27 -12.83
C LYS A 31 2.44 3.84 -14.25
N HIS A 32 3.75 3.70 -14.48
CA HIS A 32 4.25 3.30 -15.79
C HIS A 32 4.21 1.79 -15.99
N THR A 33 4.40 1.05 -14.90
CA THR A 33 4.40 -0.42 -14.96
C THR A 33 2.98 -0.97 -15.01
N ASP A 34 1.99 -0.09 -14.85
CA ASP A 34 0.58 -0.51 -14.90
C ASP A 34 0.21 -1.00 -16.29
N MET A 35 1.04 -0.62 -17.27
CA MET A 35 0.81 -1.02 -18.67
C MET A 35 1.33 -2.44 -18.89
N ASP A 36 0.51 -3.26 -19.56
CA ASP A 36 0.87 -4.64 -19.84
C ASP A 36 1.81 -4.71 -21.05
N LEU A 37 3.12 -4.77 -20.75
CA LEU A 37 4.19 -4.84 -21.78
C LEU A 37 5.09 -6.04 -21.50
N THR A 38 4.88 -7.11 -22.24
CA THR A 38 5.69 -8.32 -22.09
C THR A 38 7.11 -8.07 -22.60
N TYR A 39 7.22 -7.23 -23.62
CA TYR A 39 8.51 -6.91 -24.21
C TYR A 39 9.44 -6.26 -23.19
N THR A 40 8.90 -5.32 -22.42
CA THR A 40 9.71 -4.62 -21.42
C THR A 40 10.24 -5.61 -20.38
N ASP A 41 11.56 -5.57 -20.17
CA ASP A 41 12.22 -6.45 -19.20
C ASP A 41 12.08 -5.91 -17.79
N ARG A 42 12.44 -6.73 -16.80
CA ARG A 42 12.34 -6.31 -15.41
C ARG A 42 13.28 -5.15 -15.13
N ASP A 43 12.73 -3.94 -15.11
CA ASP A 43 13.51 -2.72 -14.85
C ASP A 43 13.60 -2.44 -13.36
N TYR A 44 13.31 -3.47 -12.58
CA TYR A 44 13.37 -3.38 -11.11
C TYR A 44 14.81 -3.53 -10.64
N LYS A 45 15.17 -2.74 -9.62
CA LYS A 45 16.53 -2.73 -9.03
C LYS A 45 16.44 -2.92 -7.51
N ASN A 46 17.43 -3.61 -6.96
CA ASN A 46 17.48 -3.87 -5.52
C ASN A 46 17.85 -2.60 -4.76
N CYS A 47 16.83 -1.96 -4.17
CA CYS A 47 17.03 -0.74 -3.41
C CYS A 47 17.62 -1.04 -2.03
N GLU A 48 18.61 -0.25 -1.63
CA GLU A 48 19.25 -0.44 -0.33
C GLU A 48 18.29 -0.03 0.79
N SER A 49 18.15 -0.93 1.78
CA SER A 49 17.28 -0.69 2.93
C SER A 49 17.96 0.23 3.93
N TYR A 50 17.18 0.80 4.85
CA TYR A 50 17.72 1.71 5.88
C TYR A 50 16.74 1.80 7.05
N HIS A 51 15.50 2.23 6.77
CA HIS A 51 14.44 2.37 7.78
C HIS A 51 13.59 1.10 7.88
N LYS A 52 13.85 0.15 6.96
CA LYS A 52 13.14 -1.13 6.91
C LYS A 52 11.62 -0.94 6.96
N CYS A 53 11.01 -0.86 5.78
CA CYS A 53 9.56 -0.68 5.67
C CYS A 53 8.77 -1.82 6.32
N SER A 54 7.46 -1.83 6.08
CA SER A 54 6.57 -2.86 6.62
C SER A 54 5.26 -2.93 5.81
N ASP A 55 5.30 -2.37 4.60
CA ASP A 55 4.14 -2.34 3.68
C ASP A 55 4.53 -2.78 2.27
N LEU A 56 5.73 -3.37 2.14
CA LEU A 56 6.26 -3.89 0.87
C LEU A 56 6.44 -2.79 -0.16
N CYS A 57 6.30 -1.57 0.32
CA CYS A 57 6.43 -0.37 -0.48
C CYS A 57 7.90 0.01 -0.56
N GLN A 58 8.42 -0.01 -1.76
CA GLN A 58 9.83 0.27 -1.98
C GLN A 58 10.26 1.71 -1.67
N TYR A 59 9.36 2.66 -1.91
CA TYR A 59 9.65 4.08 -1.70
C TYR A 59 9.54 4.48 -0.23
N CYS A 60 8.75 3.72 0.54
CA CYS A 60 8.58 4.01 1.95
C CYS A 60 9.91 3.93 2.68
N ARG A 61 10.84 3.18 2.11
CA ARG A 61 12.15 2.98 2.71
C ARG A 61 12.87 4.32 2.92
N TYR A 62 12.70 5.23 1.96
CA TYR A 62 13.33 6.55 2.01
C TYR A 62 12.46 7.53 2.78
N GLN A 63 11.19 7.66 2.36
CA GLN A 63 10.21 8.58 2.98
C GLN A 63 8.85 7.92 3.02
N LYS A 64 8.34 7.70 4.23
CA LYS A 64 7.04 7.05 4.45
C LYS A 64 5.93 7.75 3.65
N ASP A 65 5.04 6.91 3.07
CA ASP A 65 3.90 7.36 2.26
C ASP A 65 2.58 6.78 2.81
N LEU A 66 2.52 6.62 4.14
CA LEU A 66 1.31 6.08 4.79
C LEU A 66 0.14 7.07 4.73
N ALA A 67 0.35 8.23 4.09
CA ALA A 67 -0.71 9.21 3.98
C ALA A 67 -1.87 8.70 3.14
N ILE A 68 -1.55 8.16 1.96
CA ILE A 68 -2.58 7.67 1.07
C ILE A 68 -3.39 6.53 1.69
N HIS A 69 -2.73 5.54 2.27
CA HIS A 69 -3.45 4.43 2.90
C HIS A 69 -4.27 4.95 4.07
N HIS A 70 -5.55 4.59 4.11
CA HIS A 70 -6.45 5.02 5.17
C HIS A 70 -7.68 4.11 5.23
N GLN A 71 -8.04 3.70 6.44
CA GLN A 71 -9.18 2.81 6.62
C GLN A 71 -10.47 3.55 6.28
N HIS A 72 -11.34 2.90 5.51
CA HIS A 72 -12.61 3.50 5.11
C HIS A 72 -13.47 3.81 6.33
N HIS A 73 -13.47 2.89 7.29
CA HIS A 73 -14.24 3.07 8.51
C HIS A 73 -13.61 4.14 9.39
N HIS A 74 -14.43 5.05 9.90
CA HIS A 74 -13.93 6.13 10.76
C HIS A 74 -13.41 5.56 12.07
N GLY A 75 -14.12 4.59 12.62
CA GLY A 75 -13.72 3.97 13.88
C GLY A 75 -13.93 4.93 15.05
N GLY A 76 -13.34 4.61 16.19
CA GLY A 76 -13.47 5.45 17.38
C GLY A 76 -12.80 6.80 17.16
N SER A 77 -13.24 7.80 17.91
CA SER A 77 -12.68 9.14 17.81
C SER A 77 -11.28 9.19 18.41
N MET A 78 -10.52 10.22 18.06
CA MET A 78 -9.17 10.37 18.57
C MET A 78 -9.19 10.57 20.09
N GLY A 79 -10.16 11.36 20.55
CA GLY A 79 -10.30 11.63 21.98
C GLY A 79 -9.21 12.58 22.46
N MET A 80 -8.61 13.31 21.54
CA MET A 80 -7.54 14.26 21.88
C MET A 80 -8.11 15.36 22.79
N SER A 81 -9.32 15.82 22.47
CA SER A 81 -9.97 16.87 23.25
C SER A 81 -11.47 16.87 22.98
N GLY A 82 -12.23 17.49 23.89
CA GLY A 82 -13.67 17.57 23.75
C GLY A 82 -14.07 18.38 22.52
N SER A 83 -13.29 19.41 22.23
CA SER A 83 -13.55 20.30 21.09
C SER A 83 -12.27 21.03 20.67
N GLY A 84 -12.32 21.64 19.48
CA GLY A 84 -11.17 22.37 18.96
C GLY A 84 -10.12 21.42 18.40
N THR A 85 -10.56 20.24 17.98
CA THR A 85 -9.66 19.24 17.42
C THR A 85 -9.04 19.77 16.14
N GLY A 86 -7.72 19.59 16.01
CA GLY A 86 -7.01 20.05 14.81
C GLY A 86 -7.41 19.22 13.60
N TYR A 87 -7.37 19.86 12.43
CA TYR A 87 -7.73 19.19 11.17
C TYR A 87 -7.25 20.00 9.97
ZN ZN B . 4.76 4.04 0.65
ZN ZN C . 0.16 -0.67 -10.87
N MET A 1 -18.56 -9.62 -4.20
CA MET A 1 -19.04 -8.44 -3.42
C MET A 1 -20.55 -8.32 -3.55
N GLY A 2 -21.05 -8.56 -4.77
CA GLY A 2 -22.48 -8.50 -5.03
C GLY A 2 -22.97 -7.05 -5.03
N ALA A 3 -22.04 -6.12 -5.25
CA ALA A 3 -22.38 -4.69 -5.29
C ALA A 3 -21.26 -3.87 -5.97
N PRO A 4 -21.07 -3.97 -7.28
CA PRO A 4 -20.01 -3.15 -7.97
C PRO A 4 -20.29 -1.66 -7.84
N VAL A 5 -19.21 -0.84 -7.84
CA VAL A 5 -19.30 0.63 -7.73
C VAL A 5 -18.26 1.29 -8.67
N PRO A 6 -18.44 1.28 -9.99
CA PRO A 6 -17.46 1.91 -10.93
C PRO A 6 -17.22 3.38 -10.60
N TYR A 7 -18.28 4.07 -10.20
CA TYR A 7 -18.20 5.48 -9.85
C TYR A 7 -17.22 5.65 -8.65
N PRO A 8 -16.53 6.78 -8.48
CA PRO A 8 -15.61 6.96 -7.32
C PRO A 8 -16.38 7.13 -6.01
N ASP A 9 -15.66 7.38 -4.91
CA ASP A 9 -16.25 7.56 -3.58
C ASP A 9 -15.42 8.55 -2.74
N PRO A 10 -15.46 9.84 -3.02
CA PRO A 10 -14.68 10.85 -2.22
C PRO A 10 -14.99 10.78 -0.72
N LEU A 11 -16.26 10.51 -0.43
CA LEU A 11 -16.72 10.42 0.96
C LEU A 11 -16.10 9.22 1.67
N GLU A 12 -16.01 8.09 0.96
CA GLU A 12 -15.46 6.82 1.50
C GLU A 12 -14.56 6.12 0.45
N PRO A 13 -13.33 6.58 0.20
CA PRO A 13 -12.43 5.91 -0.80
C PRO A 13 -12.14 4.46 -0.42
N ARG A 14 -11.99 3.61 -1.44
CA ARG A 14 -11.72 2.19 -1.21
C ARG A 14 -10.30 2.00 -0.70
N GLY A 15 -10.14 1.06 0.22
CA GLY A 15 -8.83 0.76 0.80
C GLY A 15 -7.94 0.03 -0.21
N GLY A 16 -6.81 -0.48 0.28
CA GLY A 16 -5.87 -1.20 -0.58
C GLY A 16 -5.10 -0.25 -1.47
N LYS A 17 -5.00 1.00 -1.06
CA LYS A 17 -4.28 1.99 -1.86
C LYS A 17 -2.82 1.58 -1.93
N HIS A 18 -2.22 1.39 -0.75
CA HIS A 18 -0.78 1.04 -0.67
C HIS A 18 -0.39 -0.14 -1.54
N ILE A 19 -1.36 -1.02 -1.82
CA ILE A 19 -1.14 -2.20 -2.66
C ILE A 19 -1.72 -1.97 -4.05
N CYS A 20 -0.86 -1.90 -5.05
CA CYS A 20 -1.31 -1.72 -6.43
C CYS A 20 -1.87 -3.06 -6.95
N ALA A 21 -2.82 -3.00 -7.88
CA ALA A 21 -3.43 -4.22 -8.43
C ALA A 21 -2.53 -4.86 -9.47
N ILE A 22 -1.52 -4.10 -9.91
CA ILE A 22 -0.56 -4.52 -10.95
C ILE A 22 0.86 -4.65 -10.35
N CYS A 23 1.52 -3.51 -10.17
CA CYS A 23 2.90 -3.47 -9.68
C CYS A 23 3.03 -3.98 -8.25
N GLY A 24 1.89 -4.15 -7.59
CA GLY A 24 1.86 -4.63 -6.23
C GLY A 24 2.12 -3.52 -5.20
N ASN A 25 2.75 -2.39 -5.60
CA ASN A 25 3.05 -1.31 -4.62
C ASN A 25 3.46 0.07 -5.24
N ASN A 26 3.12 0.33 -6.51
CA ASN A 26 3.42 1.66 -7.13
C ASN A 26 2.23 2.62 -7.02
N ALA A 27 1.18 2.15 -6.35
CA ALA A 27 -0.03 2.94 -6.16
C ALA A 27 0.21 3.99 -5.07
N GLU A 28 1.14 4.90 -5.37
CA GLU A 28 1.51 5.99 -4.45
C GLU A 28 2.54 6.92 -5.11
N ASP A 29 3.36 6.34 -6.01
CA ASP A 29 4.43 7.09 -6.70
C ASP A 29 3.89 7.77 -7.97
N TYR A 30 4.76 7.89 -9.00
CA TYR A 30 4.41 8.55 -10.26
C TYR A 30 3.57 7.64 -11.17
N LYS A 31 3.32 6.40 -10.71
CA LYS A 31 2.52 5.41 -11.46
C LYS A 31 3.09 5.22 -12.88
N HIS A 32 4.41 5.03 -12.94
CA HIS A 32 5.12 4.83 -14.22
C HIS A 32 5.19 3.35 -14.62
N THR A 33 5.29 2.47 -13.63
CA THR A 33 5.39 1.03 -13.89
C THR A 33 4.02 0.45 -14.18
N ASP A 34 2.99 1.24 -13.96
CA ASP A 34 1.62 0.79 -14.19
C ASP A 34 1.41 0.47 -15.67
N MET A 35 2.19 1.15 -16.52
CA MET A 35 2.11 0.94 -17.98
C MET A 35 2.92 -0.30 -18.36
N ASP A 36 2.48 -0.97 -19.43
CA ASP A 36 3.14 -2.19 -19.90
C ASP A 36 4.39 -1.86 -20.72
N LEU A 37 5.55 -2.15 -20.12
CA LEU A 37 6.85 -1.89 -20.78
C LEU A 37 7.13 -2.99 -21.80
N THR A 38 7.80 -2.63 -22.88
CA THR A 38 8.13 -3.59 -23.93
C THR A 38 9.04 -4.67 -23.38
N TYR A 39 10.06 -4.26 -22.61
CA TYR A 39 11.01 -5.19 -22.00
C TYR A 39 11.57 -4.59 -20.71
N THR A 40 12.08 -5.48 -19.83
CA THR A 40 12.67 -5.08 -18.54
C THR A 40 13.92 -5.91 -18.26
N ASP A 41 14.75 -5.41 -17.35
CA ASP A 41 15.99 -6.09 -16.97
C ASP A 41 15.71 -7.23 -15.99
N ARG A 42 16.02 -8.45 -16.41
CA ARG A 42 15.80 -9.61 -15.54
C ARG A 42 16.68 -9.52 -14.30
N ASP A 43 17.92 -9.06 -14.49
CA ASP A 43 18.86 -8.93 -13.39
C ASP A 43 18.53 -7.71 -12.54
N TYR A 44 18.05 -7.97 -11.32
CA TYR A 44 17.68 -6.90 -10.38
C TYR A 44 18.93 -6.35 -9.69
N LYS A 45 19.00 -5.03 -9.57
CA LYS A 45 20.14 -4.37 -8.92
C LYS A 45 20.06 -4.54 -7.41
N ASN A 46 21.21 -4.72 -6.77
CA ASN A 46 21.28 -4.91 -5.33
C ASN A 46 21.08 -3.57 -4.60
N CYS A 47 19.81 -3.16 -4.50
CA CYS A 47 19.45 -1.92 -3.83
C CYS A 47 19.38 -2.11 -2.32
N GLU A 48 19.74 -1.07 -1.58
CA GLU A 48 19.74 -1.11 -0.12
C GLU A 48 18.31 -1.12 0.41
N SER A 49 18.14 -1.52 1.68
CA SER A 49 16.82 -1.58 2.31
C SER A 49 16.96 -1.67 3.82
N TYR A 50 16.71 -0.55 4.49
CA TYR A 50 16.81 -0.47 5.95
C TYR A 50 15.53 -0.99 6.61
N HIS A 51 14.52 -1.28 5.78
CA HIS A 51 13.22 -1.79 6.24
C HIS A 51 12.65 -0.89 7.37
N LYS A 52 12.65 0.42 7.12
CA LYS A 52 12.17 1.37 8.13
C LYS A 52 10.70 1.13 8.44
N CYS A 53 9.88 1.00 7.39
CA CYS A 53 8.44 0.77 7.56
C CYS A 53 7.88 0.18 6.27
N SER A 54 6.75 -0.54 6.42
CA SER A 54 6.04 -1.18 5.31
C SER A 54 6.99 -1.72 4.27
N ASP A 55 7.74 -2.73 4.69
CA ASP A 55 8.75 -3.37 3.84
C ASP A 55 8.18 -3.78 2.49
N LEU A 56 6.87 -4.02 2.47
CA LEU A 56 6.19 -4.39 1.24
C LEU A 56 6.28 -3.23 0.26
N CYS A 57 6.12 -1.99 0.78
CA CYS A 57 6.21 -0.79 -0.05
C CYS A 57 7.67 -0.37 -0.15
N GLN A 58 8.23 -0.50 -1.33
CA GLN A 58 9.64 -0.18 -1.54
C GLN A 58 9.92 1.32 -1.42
N TYR A 59 8.96 2.14 -1.81
CA TYR A 59 9.11 3.59 -1.79
C TYR A 59 9.04 4.16 -0.37
N CYS A 60 8.31 3.48 0.51
CA CYS A 60 8.18 3.95 1.89
C CYS A 60 9.56 4.00 2.56
N ARG A 61 10.45 3.15 2.09
CA ARG A 61 11.80 3.06 2.66
C ARG A 61 12.55 4.39 2.48
N TYR A 62 12.34 5.04 1.33
CA TYR A 62 13.00 6.33 1.01
C TYR A 62 12.17 7.52 1.46
N GLN A 63 10.91 7.55 1.01
CA GLN A 63 9.96 8.62 1.31
C GLN A 63 8.64 8.03 1.79
N LYS A 64 8.31 8.29 3.05
CA LYS A 64 7.08 7.78 3.66
C LYS A 64 5.85 8.23 2.87
N ASP A 65 5.00 7.25 2.56
CA ASP A 65 3.76 7.46 1.80
C ASP A 65 2.54 7.13 2.66
N LEU A 66 2.72 6.94 3.97
CA LEU A 66 1.61 6.58 4.89
C LEU A 66 0.38 7.52 4.84
N ALA A 67 0.44 8.59 4.05
CA ALA A 67 -0.68 9.52 3.95
C ALA A 67 -1.90 8.81 3.38
N ILE A 68 -1.70 8.04 2.31
CA ILE A 68 -2.80 7.34 1.68
C ILE A 68 -3.47 6.35 2.65
N HIS A 69 -2.95 5.14 2.74
CA HIS A 69 -3.51 4.14 3.65
C HIS A 69 -3.23 4.50 5.10
N HIS A 70 -4.29 4.57 5.90
CA HIS A 70 -4.16 4.91 7.32
C HIS A 70 -3.59 3.73 8.11
N GLN A 71 -2.71 4.04 9.08
CA GLN A 71 -2.08 3.00 9.91
C GLN A 71 -1.70 3.62 11.26
N HIS A 72 -1.82 2.82 12.33
CA HIS A 72 -1.49 3.24 13.69
C HIS A 72 -1.09 2.05 14.55
N HIS A 73 -0.17 2.27 15.48
CA HIS A 73 0.29 1.21 16.36
C HIS A 73 -0.79 0.87 17.40
N HIS A 74 -0.97 -0.43 17.64
CA HIS A 74 -1.98 -0.88 18.61
C HIS A 74 -1.59 -0.45 20.02
N GLY A 75 -0.31 -0.58 20.35
CA GLY A 75 0.18 -0.21 21.67
C GLY A 75 0.22 1.31 21.83
N GLY A 76 1.32 1.82 22.39
CA GLY A 76 1.46 3.25 22.60
C GLY A 76 0.56 3.74 23.72
N SER A 77 0.45 5.06 23.85
CA SER A 77 -0.38 5.66 24.89
C SER A 77 -1.86 5.36 24.63
N MET A 78 -2.60 5.12 25.71
CA MET A 78 -4.05 4.81 25.64
C MET A 78 -4.32 3.69 24.64
N GLY A 79 -3.94 2.47 25.02
CA GLY A 79 -4.14 1.31 24.15
C GLY A 79 -5.62 1.01 23.95
N MET A 80 -5.95 0.37 22.83
CA MET A 80 -7.34 0.03 22.54
C MET A 80 -7.86 -0.94 23.61
N SER A 81 -7.01 -1.89 23.99
CA SER A 81 -7.40 -2.88 24.99
C SER A 81 -7.60 -2.21 26.35
N GLY A 82 -8.52 -2.76 27.13
CA GLY A 82 -8.83 -2.21 28.44
C GLY A 82 -9.71 -3.16 29.24
N SER A 83 -9.99 -2.80 30.49
CA SER A 83 -10.82 -3.63 31.35
C SER A 83 -12.22 -3.78 30.77
N GLY A 84 -12.77 -2.70 30.23
CA GLY A 84 -14.10 -2.73 29.65
C GLY A 84 -14.16 -3.69 28.47
N THR A 85 -13.12 -3.67 27.64
CA THR A 85 -13.04 -4.54 26.47
C THR A 85 -12.63 -5.95 26.88
N GLY A 86 -12.81 -6.90 25.98
CA GLY A 86 -12.45 -8.29 26.26
C GLY A 86 -10.95 -8.48 26.28
N TYR A 87 -10.49 -9.62 26.80
CA TYR A 87 -9.07 -9.90 26.87
C TYR A 87 -8.46 -9.97 25.46
ZN ZN B . 4.35 3.65 0.74
ZN ZN C . 0.80 0.10 -10.29
N MET A 1 -23.20 -0.27 -14.86
CA MET A 1 -22.21 0.82 -15.13
C MET A 1 -22.94 2.16 -15.19
N GLY A 2 -23.92 2.24 -16.07
CA GLY A 2 -24.69 3.46 -16.23
C GLY A 2 -25.48 3.78 -14.96
N ALA A 3 -26.06 2.75 -14.35
CA ALA A 3 -26.85 2.93 -13.12
C ALA A 3 -25.92 3.18 -11.92
N PRO A 4 -26.43 3.55 -10.74
CA PRO A 4 -25.54 3.77 -9.55
C PRO A 4 -24.76 2.51 -9.16
N VAL A 5 -23.53 2.69 -8.68
CA VAL A 5 -22.65 1.58 -8.28
C VAL A 5 -23.02 1.05 -6.87
N PRO A 6 -22.82 -0.23 -6.52
CA PRO A 6 -23.17 -0.71 -5.14
C PRO A 6 -22.35 -0.03 -4.04
N TYR A 7 -21.15 0.44 -4.41
CA TYR A 7 -20.24 1.13 -3.47
C TYR A 7 -20.04 0.30 -2.17
N PRO A 8 -19.32 -0.82 -2.21
CA PRO A 8 -19.13 -1.65 -0.97
C PRO A 8 -18.16 -1.01 0.02
N ASP A 9 -17.98 -1.70 1.14
CA ASP A 9 -17.10 -1.26 2.21
C ASP A 9 -16.84 -2.39 3.22
N PRO A 10 -17.83 -3.17 3.67
CA PRO A 10 -17.58 -4.28 4.66
C PRO A 10 -16.58 -5.30 4.14
N LEU A 11 -16.63 -5.53 2.84
CA LEU A 11 -15.75 -6.51 2.19
C LEU A 11 -14.29 -6.04 2.21
N GLU A 12 -14.09 -4.74 1.93
CA GLU A 12 -12.76 -4.11 1.87
C GLU A 12 -12.79 -2.70 2.50
N PRO A 13 -12.91 -2.55 3.82
CA PRO A 13 -12.94 -1.19 4.48
C PRO A 13 -11.70 -0.37 4.13
N ARG A 14 -10.56 -1.06 3.99
CA ARG A 14 -9.31 -0.39 3.67
C ARG A 14 -9.35 0.10 2.22
N GLY A 15 -8.78 1.29 1.99
CA GLY A 15 -8.76 1.85 0.65
C GLY A 15 -7.96 0.97 -0.31
N GLY A 16 -6.86 0.42 0.18
CA GLY A 16 -6.01 -0.44 -0.64
C GLY A 16 -5.23 0.36 -1.66
N LYS A 17 -5.09 1.66 -1.41
CA LYS A 17 -4.34 2.50 -2.31
C LYS A 17 -2.90 2.04 -2.31
N HIS A 18 -2.35 1.90 -1.10
CA HIS A 18 -0.95 1.47 -0.94
C HIS A 18 -0.59 0.23 -1.74
N ILE A 19 -1.59 -0.61 -2.07
CA ILE A 19 -1.38 -1.83 -2.85
C ILE A 19 -1.92 -1.66 -4.27
N CYS A 20 -0.99 -1.69 -5.22
CA CYS A 20 -1.37 -1.57 -6.63
C CYS A 20 -1.99 -2.90 -7.08
N ALA A 21 -2.89 -2.86 -8.05
CA ALA A 21 -3.56 -4.07 -8.53
C ALA A 21 -2.63 -4.88 -9.44
N ILE A 22 -1.56 -4.24 -9.89
CA ILE A 22 -0.57 -4.83 -10.81
C ILE A 22 0.80 -4.95 -10.12
N CYS A 23 1.53 -3.83 -10.02
CA CYS A 23 2.87 -3.81 -9.46
C CYS A 23 2.90 -4.20 -8.00
N GLY A 24 1.72 -4.26 -7.39
CA GLY A 24 1.60 -4.64 -6.00
C GLY A 24 1.90 -3.48 -5.05
N ASN A 25 2.60 -2.41 -5.48
CA ASN A 25 2.91 -1.30 -4.56
C ASN A 25 3.39 0.02 -5.23
N ASN A 26 3.15 0.21 -6.54
CA ASN A 26 3.55 1.48 -7.23
C ASN A 26 2.39 2.48 -7.25
N ALA A 27 1.31 2.14 -6.56
CA ALA A 27 0.13 3.00 -6.47
C ALA A 27 0.39 4.08 -5.41
N GLU A 28 1.37 4.93 -5.70
CA GLU A 28 1.73 6.05 -4.81
C GLU A 28 2.79 6.95 -5.45
N ASP A 29 3.40 6.50 -6.56
CA ASP A 29 4.45 7.28 -7.23
C ASP A 29 4.44 7.03 -8.77
N TYR A 30 5.61 6.86 -9.37
CA TYR A 30 5.72 6.66 -10.81
C TYR A 30 4.95 5.41 -11.24
N LYS A 31 4.13 5.57 -12.29
CA LYS A 31 3.31 4.49 -12.84
C LYS A 31 4.00 3.90 -14.07
N HIS A 32 5.31 3.70 -13.96
CA HIS A 32 6.09 3.14 -15.07
C HIS A 32 5.94 1.63 -15.12
N THR A 33 5.83 1.00 -13.95
CA THR A 33 5.70 -0.44 -13.85
C THR A 33 4.28 -0.89 -14.17
N ASP A 34 3.35 0.06 -14.19
CA ASP A 34 1.96 -0.28 -14.47
C ASP A 34 1.82 -0.79 -15.90
N MET A 35 2.62 -0.23 -16.79
CA MET A 35 2.59 -0.64 -18.20
C MET A 35 3.27 -1.99 -18.38
N ASP A 36 2.75 -2.78 -19.31
CA ASP A 36 3.30 -4.10 -19.57
C ASP A 36 4.69 -3.99 -20.21
N LEU A 37 5.59 -4.89 -19.78
CA LEU A 37 6.98 -4.94 -20.28
C LEU A 37 7.29 -6.35 -20.78
N THR A 38 8.12 -6.43 -21.82
CA THR A 38 8.50 -7.70 -22.43
C THR A 38 9.58 -8.40 -21.60
N TYR A 39 9.94 -7.77 -20.48
CA TYR A 39 10.97 -8.31 -19.57
C TYR A 39 10.68 -7.84 -18.14
N THR A 40 11.24 -8.57 -17.16
CA THR A 40 11.06 -8.27 -15.74
C THR A 40 12.36 -8.49 -14.98
N ASP A 41 12.46 -7.90 -13.80
CA ASP A 41 13.66 -8.03 -12.98
C ASP A 41 13.84 -9.47 -12.52
N ARG A 42 15.08 -9.95 -12.57
CA ARG A 42 15.39 -11.31 -12.16
C ARG A 42 15.10 -11.48 -10.68
N ASP A 43 15.44 -10.46 -9.88
CA ASP A 43 15.21 -10.48 -8.44
C ASP A 43 13.76 -10.18 -8.11
N TYR A 44 13.03 -11.21 -7.69
CA TYR A 44 11.61 -11.04 -7.35
C TYR A 44 11.46 -10.09 -6.17
N LYS A 45 12.27 -10.31 -5.13
CA LYS A 45 12.21 -9.48 -3.93
C LYS A 45 12.83 -8.11 -4.20
N ASN A 46 12.22 -7.08 -3.62
CA ASN A 46 12.69 -5.71 -3.80
C ASN A 46 13.95 -5.47 -2.99
N CYS A 47 14.81 -4.57 -3.48
CA CYS A 47 16.06 -4.26 -2.79
C CYS A 47 15.78 -3.43 -1.54
N GLU A 48 16.22 -3.95 -0.39
CA GLU A 48 16.02 -3.28 0.89
C GLU A 48 17.02 -2.13 1.04
N SER A 49 16.59 -0.92 0.72
CA SER A 49 17.46 0.24 0.83
C SER A 49 17.86 0.49 2.27
N TYR A 50 16.87 0.40 3.17
CA TYR A 50 17.09 0.61 4.62
C TYR A 50 16.14 -0.29 5.41
N HIS A 51 16.57 -0.68 6.60
CA HIS A 51 15.75 -1.55 7.47
C HIS A 51 14.66 -0.75 8.19
N LYS A 52 13.97 0.12 7.46
CA LYS A 52 12.91 0.95 8.05
C LYS A 52 11.70 0.07 8.39
N CYS A 53 10.60 0.23 7.64
CA CYS A 53 9.36 -0.52 7.90
C CYS A 53 8.58 -0.67 6.59
N SER A 54 7.26 -0.93 6.69
CA SER A 54 6.38 -1.05 5.52
C SER A 54 7.06 -1.78 4.38
N ASP A 55 7.67 -2.91 4.74
CA ASP A 55 8.40 -3.77 3.80
C ASP A 55 7.60 -4.03 2.53
N LEU A 56 6.28 -4.03 2.67
CA LEU A 56 5.40 -4.24 1.54
C LEU A 56 5.61 -3.12 0.51
N CYS A 57 5.66 -1.86 0.99
CA CYS A 57 5.90 -0.69 0.13
C CYS A 57 7.38 -0.37 0.11
N GLN A 58 8.01 -0.57 -1.04
CA GLN A 58 9.44 -0.34 -1.17
C GLN A 58 9.81 1.15 -1.11
N TYR A 59 8.95 1.98 -1.67
CA TYR A 59 9.19 3.42 -1.72
C TYR A 59 9.06 4.08 -0.36
N CYS A 60 8.24 3.50 0.52
CA CYS A 60 8.04 4.05 1.84
C CYS A 60 9.37 4.13 2.61
N ARG A 61 10.31 3.27 2.23
CA ARG A 61 11.62 3.20 2.90
C ARG A 61 12.31 4.57 2.90
N TYR A 62 12.26 5.24 1.76
CA TYR A 62 12.90 6.56 1.62
C TYR A 62 12.04 7.65 2.23
N GLN A 63 10.77 7.69 1.79
CA GLN A 63 9.80 8.69 2.25
C GLN A 63 8.45 8.03 2.43
N LYS A 64 7.98 7.98 3.67
CA LYS A 64 6.69 7.36 4.01
C LYS A 64 5.57 7.96 3.16
N ASP A 65 4.69 7.07 2.69
CA ASP A 65 3.54 7.42 1.86
C ASP A 65 2.24 7.02 2.54
N LEU A 66 2.27 6.73 3.84
CA LEU A 66 1.06 6.30 4.58
C LEU A 66 -0.10 7.33 4.51
N ALA A 67 0.13 8.49 3.90
CA ALA A 67 -0.91 9.51 3.79
C ALA A 67 -2.11 9.00 2.99
N ILE A 68 -1.83 8.31 1.87
CA ILE A 68 -2.91 7.82 1.02
C ILE A 68 -3.84 6.85 1.78
N HIS A 69 -3.28 5.78 2.38
CA HIS A 69 -4.08 4.82 3.14
C HIS A 69 -4.87 5.53 4.25
N HIS A 70 -4.22 6.46 4.93
CA HIS A 70 -4.88 7.22 6.00
C HIS A 70 -5.89 8.19 5.41
N GLN A 71 -7.01 8.37 6.11
CA GLN A 71 -8.06 9.28 5.64
C GLN A 71 -7.60 10.72 5.77
N HIS A 72 -7.81 11.51 4.72
CA HIS A 72 -7.42 12.91 4.70
C HIS A 72 -8.31 13.73 5.63
N HIS A 73 -7.69 14.56 6.45
CA HIS A 73 -8.45 15.40 7.40
C HIS A 73 -9.29 16.43 6.64
N HIS A 74 -8.69 17.06 5.64
CA HIS A 74 -9.39 18.08 4.85
C HIS A 74 -10.45 17.43 3.97
N GLY A 75 -11.60 18.07 3.85
CA GLY A 75 -12.68 17.55 3.03
C GLY A 75 -13.90 18.45 3.09
N GLY A 76 -14.90 18.15 2.27
CA GLY A 76 -16.13 18.93 2.23
C GLY A 76 -15.91 20.26 1.52
N SER A 77 -14.78 20.35 0.81
CA SER A 77 -14.44 21.57 0.06
C SER A 77 -15.30 21.66 -1.19
N MET A 78 -15.36 22.86 -1.78
CA MET A 78 -16.15 23.10 -3.01
C MET A 78 -15.57 24.28 -3.77
N GLY A 79 -15.61 24.19 -5.10
CA GLY A 79 -15.09 25.27 -5.94
C GLY A 79 -13.57 25.31 -5.91
N MET A 80 -12.95 24.15 -5.65
CA MET A 80 -11.51 24.06 -5.57
C MET A 80 -10.88 24.39 -6.92
N SER A 81 -11.50 23.91 -7.99
CA SER A 81 -10.99 24.16 -9.33
C SER A 81 -11.02 25.65 -9.65
N GLY A 82 -12.04 26.34 -9.15
CA GLY A 82 -12.16 27.78 -9.38
C GLY A 82 -12.41 28.07 -10.87
N SER A 83 -11.67 29.02 -11.41
CA SER A 83 -11.82 29.39 -12.81
C SER A 83 -11.37 28.26 -13.72
N GLY A 84 -11.88 28.25 -14.94
CA GLY A 84 -11.53 27.20 -15.90
C GLY A 84 -10.05 27.30 -16.28
N THR A 85 -9.53 26.23 -16.88
CA THR A 85 -8.12 26.19 -17.30
C THR A 85 -7.92 27.06 -18.55
N GLY A 86 -6.88 27.89 -18.52
CA GLY A 86 -6.57 28.76 -19.65
C GLY A 86 -7.55 29.93 -19.72
N TYR A 87 -8.35 30.08 -18.66
CA TYR A 87 -9.33 31.17 -18.61
C TYR A 87 -8.63 32.51 -18.41
ZN ZN B . 4.24 3.85 0.56
ZN ZN C . 0.98 -0.24 -10.57
N MET A 1 -37.68 -8.80 -3.70
CA MET A 1 -38.66 -7.80 -4.19
C MET A 1 -38.52 -6.52 -3.37
N GLY A 2 -37.98 -6.65 -2.17
CA GLY A 2 -37.79 -5.50 -1.28
C GLY A 2 -36.74 -4.55 -1.86
N ALA A 3 -35.68 -5.13 -2.43
CA ALA A 3 -34.59 -4.34 -3.02
C ALA A 3 -33.70 -5.23 -3.91
N PRO A 4 -34.15 -5.64 -5.09
CA PRO A 4 -33.31 -6.49 -6.00
C PRO A 4 -32.00 -5.78 -6.37
N VAL A 5 -30.92 -6.56 -6.48
CA VAL A 5 -29.60 -6.02 -6.81
C VAL A 5 -29.21 -4.88 -5.83
N PRO A 6 -28.95 -5.16 -4.55
CA PRO A 6 -28.58 -4.08 -3.59
C PRO A 6 -27.38 -3.25 -4.06
N TYR A 7 -26.35 -3.95 -4.57
CA TYR A 7 -25.13 -3.29 -5.06
C TYR A 7 -24.44 -4.20 -6.11
N PRO A 8 -23.71 -3.67 -7.11
CA PRO A 8 -23.02 -4.53 -8.11
C PRO A 8 -21.78 -5.22 -7.53
N ASP A 9 -21.54 -4.97 -6.24
CA ASP A 9 -20.40 -5.54 -5.50
C ASP A 9 -20.75 -5.73 -4.01
N PRO A 10 -21.58 -6.71 -3.64
CA PRO A 10 -21.95 -6.94 -2.20
C PRO A 10 -20.73 -7.28 -1.35
N LEU A 11 -19.71 -7.80 -2.01
CA LEU A 11 -18.49 -8.22 -1.32
C LEU A 11 -17.85 -7.06 -0.59
N GLU A 12 -17.91 -5.87 -1.21
CA GLU A 12 -17.34 -4.63 -0.67
C GLU A 12 -15.86 -4.86 -0.25
N PRO A 13 -14.93 -5.02 -1.19
CA PRO A 13 -13.50 -5.23 -0.82
C PRO A 13 -12.93 -4.07 -0.03
N ARG A 14 -12.07 -4.38 0.94
CA ARG A 14 -11.46 -3.35 1.77
C ARG A 14 -10.61 -2.42 0.92
N GLY A 15 -9.91 -2.99 -0.08
CA GLY A 15 -9.07 -2.20 -0.96
C GLY A 15 -7.81 -1.73 -0.24
N GLY A 16 -7.05 -0.86 -0.90
CA GLY A 16 -5.80 -0.34 -0.33
C GLY A 16 -5.03 0.45 -1.35
N LYS A 17 -4.77 1.70 -1.04
CA LYS A 17 -4.03 2.56 -1.93
C LYS A 17 -2.61 2.07 -1.98
N HIS A 18 -2.03 1.87 -0.80
CA HIS A 18 -0.64 1.43 -0.70
C HIS A 18 -0.32 0.23 -1.58
N ILE A 19 -1.33 -0.60 -1.86
CA ILE A 19 -1.19 -1.81 -2.67
C ILE A 19 -1.90 -1.60 -4.00
N CYS A 20 -1.12 -1.54 -5.07
CA CYS A 20 -1.69 -1.40 -6.40
C CYS A 20 -2.42 -2.70 -6.75
N ALA A 21 -3.48 -2.60 -7.54
CA ALA A 21 -4.26 -3.78 -7.92
C ALA A 21 -3.54 -4.61 -8.97
N ILE A 22 -2.51 -4.01 -9.56
CA ILE A 22 -1.70 -4.62 -10.63
C ILE A 22 -0.26 -4.84 -10.19
N CYS A 23 0.54 -3.78 -10.19
CA CYS A 23 1.95 -3.85 -9.87
C CYS A 23 2.18 -4.25 -8.43
N GLY A 24 1.13 -4.26 -7.64
CA GLY A 24 1.21 -4.65 -6.25
C GLY A 24 1.72 -3.54 -5.34
N ASN A 25 2.42 -2.52 -5.87
CA ASN A 25 2.94 -1.44 -4.99
C ASN A 25 3.45 -0.18 -5.74
N ASN A 26 3.08 -0.02 -7.03
CA ASN A 26 3.49 1.20 -7.79
C ASN A 26 2.41 2.26 -7.72
N ALA A 27 1.41 1.97 -6.88
CA ALA A 27 0.27 2.87 -6.69
C ALA A 27 0.79 4.29 -6.44
N GLU A 28 1.54 4.42 -5.36
CA GLU A 28 2.14 5.70 -4.99
C GLU A 28 3.19 6.14 -6.02
N ASP A 29 4.06 5.22 -6.41
CA ASP A 29 5.12 5.54 -7.37
C ASP A 29 4.56 5.75 -8.78
N TYR A 30 5.45 5.96 -9.76
CA TYR A 30 5.05 6.19 -11.16
C TYR A 30 4.16 5.06 -11.66
N LYS A 31 3.10 5.43 -12.40
CA LYS A 31 2.14 4.47 -12.95
C LYS A 31 2.61 3.97 -14.31
N HIS A 32 3.91 3.72 -14.43
CA HIS A 32 4.49 3.22 -15.68
C HIS A 32 4.33 1.72 -15.79
N THR A 33 4.40 1.03 -14.65
CA THR A 33 4.28 -0.42 -14.61
C THR A 33 2.82 -0.85 -14.72
N ASP A 34 1.92 0.11 -14.60
CA ASP A 34 0.49 -0.21 -14.67
C ASP A 34 0.12 -0.68 -16.07
N MET A 35 0.75 -0.08 -17.07
CA MET A 35 0.49 -0.45 -18.46
C MET A 35 1.01 -1.84 -18.76
N ASP A 36 2.22 -2.14 -18.28
CA ASP A 36 2.85 -3.43 -18.48
C ASP A 36 2.33 -4.47 -17.50
N LEU A 37 2.15 -5.70 -17.98
CA LEU A 37 1.66 -6.80 -17.16
C LEU A 37 2.83 -7.58 -16.56
N THR A 38 4.01 -6.94 -16.58
CA THR A 38 5.22 -7.56 -16.03
C THR A 38 5.28 -7.36 -14.52
N TYR A 39 6.14 -8.15 -13.87
CA TYR A 39 6.32 -8.08 -12.42
C TYR A 39 7.19 -6.88 -12.05
N THR A 40 6.92 -6.29 -10.88
CA THR A 40 7.68 -5.14 -10.43
C THR A 40 9.16 -5.48 -10.30
N ASP A 41 10.01 -4.68 -10.95
CA ASP A 41 11.46 -4.88 -10.92
C ASP A 41 12.07 -4.25 -9.69
N ARG A 42 12.71 -5.08 -8.86
CA ARG A 42 13.34 -4.60 -7.64
C ARG A 42 14.56 -3.73 -7.98
N ASP A 43 14.72 -2.65 -7.22
CA ASP A 43 15.84 -1.74 -7.45
C ASP A 43 17.17 -2.39 -7.08
N TYR A 44 18.17 -2.18 -7.92
CA TYR A 44 19.49 -2.74 -7.69
C TYR A 44 20.09 -2.21 -6.38
N LYS A 45 20.05 -0.90 -6.22
CA LYS A 45 20.60 -0.27 -5.02
C LYS A 45 19.76 -0.67 -3.81
N ASN A 46 20.44 -1.10 -2.74
CA ASN A 46 19.78 -1.52 -1.49
C ASN A 46 20.70 -1.26 -0.31
N CYS A 47 21.85 -0.66 -0.56
CA CYS A 47 22.80 -0.36 0.49
C CYS A 47 22.19 0.60 1.51
N GLU A 48 21.56 1.67 1.02
CA GLU A 48 20.92 2.66 1.90
C GLU A 48 19.59 2.11 2.43
N SER A 49 19.34 2.35 3.71
CA SER A 49 18.12 1.88 4.34
C SER A 49 17.96 2.53 5.73
N TYR A 50 17.03 3.49 5.81
CA TYR A 50 16.78 4.20 7.06
C TYR A 50 15.95 3.34 7.99
N HIS A 51 14.86 2.79 7.47
CA HIS A 51 13.98 1.94 8.25
C HIS A 51 13.06 1.14 7.32
N LYS A 52 13.37 -0.14 7.17
CA LYS A 52 12.57 -1.02 6.33
C LYS A 52 11.27 -1.37 7.05
N CYS A 53 10.43 -0.36 7.20
CA CYS A 53 9.14 -0.52 7.89
C CYS A 53 8.16 -1.35 7.06
N SER A 54 7.65 -0.75 5.98
CA SER A 54 6.69 -1.42 5.10
C SER A 54 7.41 -2.06 3.92
N ASP A 55 8.05 -3.20 4.20
CA ASP A 55 8.82 -3.97 3.20
C ASP A 55 8.01 -4.20 1.91
N LEU A 56 6.69 -4.21 2.05
CA LEU A 56 5.79 -4.40 0.91
C LEU A 56 5.94 -3.21 -0.04
N CYS A 57 5.97 -1.98 0.54
CA CYS A 57 6.14 -0.76 -0.23
C CYS A 57 7.62 -0.41 -0.30
N GLN A 58 8.18 -0.50 -1.49
CA GLN A 58 9.61 -0.25 -1.67
C GLN A 58 9.97 1.21 -1.45
N TYR A 59 9.05 2.12 -1.75
CA TYR A 59 9.29 3.55 -1.62
C TYR A 59 9.26 4.01 -0.17
N CYS A 60 8.49 3.33 0.68
CA CYS A 60 8.39 3.69 2.07
C CYS A 60 9.74 3.59 2.76
N ARG A 61 10.64 2.78 2.19
CA ARG A 61 11.97 2.57 2.78
C ARG A 61 12.73 3.88 2.93
N TYR A 62 12.54 4.79 1.98
CA TYR A 62 13.22 6.09 1.98
C TYR A 62 12.37 7.16 2.66
N GLN A 63 11.13 7.29 2.20
CA GLN A 63 10.17 8.29 2.69
C GLN A 63 8.80 7.67 2.85
N LYS A 64 8.32 7.64 4.09
CA LYS A 64 7.02 7.06 4.41
C LYS A 64 5.92 7.70 3.58
N ASP A 65 5.01 6.84 3.09
CA ASP A 65 3.85 7.25 2.26
C ASP A 65 2.54 6.76 2.90
N LEU A 66 2.54 6.50 4.21
CA LEU A 66 1.33 6.01 4.89
C LEU A 66 0.15 7.02 4.85
N ALA A 67 0.34 8.16 4.20
CA ALA A 67 -0.71 9.16 4.10
C ALA A 67 -1.84 8.66 3.20
N ILE A 68 -1.48 8.11 2.04
CA ILE A 68 -2.49 7.64 1.10
C ILE A 68 -3.35 6.53 1.70
N HIS A 69 -2.73 5.58 2.41
CA HIS A 69 -3.47 4.48 3.02
C HIS A 69 -4.52 5.02 4.00
N HIS A 70 -4.10 5.98 4.84
CA HIS A 70 -5.02 6.59 5.80
C HIS A 70 -5.96 7.58 5.11
N GLN A 71 -7.25 7.44 5.39
CA GLN A 71 -8.24 8.33 4.79
C GLN A 71 -8.04 9.76 5.26
N HIS A 72 -7.82 9.92 6.56
CA HIS A 72 -7.61 11.25 7.14
C HIS A 72 -6.22 11.78 6.79
N HIS A 73 -6.17 12.99 6.24
CA HIS A 73 -4.90 13.59 5.87
C HIS A 73 -4.02 13.81 7.09
N HIS A 74 -4.59 14.40 8.14
CA HIS A 74 -3.86 14.64 9.38
C HIS A 74 -3.73 13.36 10.18
N GLY A 75 -2.60 13.23 10.89
CA GLY A 75 -2.36 12.04 11.70
C GLY A 75 -2.06 10.84 10.82
N GLY A 76 -1.61 11.10 9.59
CA GLY A 76 -1.29 10.02 8.66
C GLY A 76 -0.17 9.15 9.19
N SER A 77 0.83 9.80 9.79
CA SER A 77 1.98 9.07 10.35
C SER A 77 1.56 8.33 11.62
N MET A 78 2.12 7.13 11.80
CA MET A 78 1.81 6.33 12.97
C MET A 78 2.44 6.93 14.22
N GLY A 79 1.71 6.85 15.34
CA GLY A 79 2.22 7.40 16.59
C GLY A 79 3.36 6.56 17.14
N MET A 80 4.14 7.14 18.04
CA MET A 80 5.27 6.46 18.64
C MET A 80 4.79 5.45 19.69
N SER A 81 5.51 4.34 19.81
CA SER A 81 5.15 3.29 20.76
C SER A 81 6.36 2.41 21.06
N GLY A 82 6.29 1.68 22.17
CA GLY A 82 7.38 0.79 22.58
C GLY A 82 8.56 1.59 23.13
N SER A 83 8.29 2.84 23.52
CA SER A 83 9.34 3.70 24.06
C SER A 83 9.89 3.11 25.36
N GLY A 84 9.01 2.56 26.18
CA GLY A 84 9.41 1.97 27.45
C GLY A 84 8.28 1.16 28.07
N THR A 85 8.60 0.41 29.12
CA THR A 85 7.59 -0.41 29.80
C THR A 85 6.56 0.48 30.49
N GLY A 86 7.00 1.64 30.95
CA GLY A 86 6.10 2.57 31.62
C GLY A 86 5.00 3.06 30.68
N TYR A 87 5.38 3.27 29.42
CA TYR A 87 4.42 3.73 28.41
C TYR A 87 3.42 2.63 28.08
ZN ZN B . 4.54 3.72 0.86
ZN ZN C . 0.11 -0.24 -10.67
N MET A 1 -0.66 11.88 -2.77
CA MET A 1 0.48 12.81 -2.47
C MET A 1 0.34 14.06 -3.33
N GLY A 2 0.05 13.86 -4.62
CA GLY A 2 -0.12 14.98 -5.54
C GLY A 2 -1.32 15.84 -5.16
N ALA A 3 -2.41 15.19 -4.76
CA ALA A 3 -3.64 15.89 -4.39
C ALA A 3 -4.59 14.95 -3.60
N PRO A 4 -4.31 14.60 -2.35
CA PRO A 4 -5.21 13.72 -1.55
C PRO A 4 -6.60 14.32 -1.40
N VAL A 5 -7.63 13.47 -1.39
CA VAL A 5 -9.01 13.94 -1.26
C VAL A 5 -9.29 14.42 0.20
N PRO A 6 -9.72 15.67 0.48
CA PRO A 6 -10.00 16.10 1.90
C PRO A 6 -11.00 15.18 2.61
N TYR A 7 -12.01 14.74 1.86
CA TYR A 7 -13.04 13.86 2.41
C TYR A 7 -12.40 12.54 2.92
N PRO A 8 -12.93 11.86 3.93
CA PRO A 8 -12.31 10.58 4.42
C PRO A 8 -12.53 9.45 3.41
N ASP A 9 -12.14 8.22 3.79
CA ASP A 9 -12.26 7.03 2.94
C ASP A 9 -12.56 5.78 3.80
N PRO A 10 -13.74 5.65 4.38
CA PRO A 10 -14.07 4.45 5.22
C PRO A 10 -14.39 3.23 4.38
N LEU A 11 -14.48 3.43 3.06
CA LEU A 11 -14.79 2.35 2.14
C LEU A 11 -13.71 1.28 2.17
N GLU A 12 -12.44 1.73 2.25
CA GLU A 12 -11.28 0.83 2.29
C GLU A 12 -11.34 -0.23 1.16
N PRO A 13 -11.12 0.12 -0.10
CA PRO A 13 -11.18 -0.88 -1.21
C PRO A 13 -10.21 -2.04 -1.01
N ARG A 14 -10.63 -3.23 -1.41
CA ARG A 14 -9.81 -4.43 -1.27
C ARG A 14 -8.51 -4.28 -2.03
N GLY A 15 -8.56 -3.56 -3.15
CA GLY A 15 -7.37 -3.34 -3.97
C GLY A 15 -6.28 -2.62 -3.18
N GLY A 16 -6.69 -1.71 -2.29
CA GLY A 16 -5.75 -0.97 -1.47
C GLY A 16 -5.06 0.13 -2.26
N LYS A 17 -4.83 1.27 -1.61
CA LYS A 17 -4.17 2.40 -2.25
C LYS A 17 -2.67 2.15 -2.25
N HIS A 18 -2.12 1.81 -1.08
CA HIS A 18 -0.68 1.60 -0.96
C HIS A 18 -0.19 0.43 -1.83
N ILE A 19 -0.84 -0.72 -1.72
CA ILE A 19 -0.46 -1.95 -2.43
C ILE A 19 -1.35 -2.11 -3.65
N CYS A 20 -0.77 -1.93 -4.83
CA CYS A 20 -1.53 -2.13 -6.05
C CYS A 20 -1.74 -3.64 -6.24
N ALA A 21 -2.89 -4.02 -6.75
CA ALA A 21 -3.21 -5.44 -6.90
C ALA A 21 -2.30 -6.13 -7.91
N ILE A 22 -1.59 -5.32 -8.71
CA ILE A 22 -0.72 -5.81 -9.79
C ILE A 22 0.77 -5.50 -9.51
N CYS A 23 1.13 -4.21 -9.62
CA CYS A 23 2.51 -3.76 -9.47
C CYS A 23 2.97 -3.63 -8.02
N GLY A 24 2.01 -3.54 -7.13
CA GLY A 24 2.29 -3.38 -5.70
C GLY A 24 2.72 -1.97 -5.31
N ASN A 25 2.98 -1.10 -6.31
CA ASN A 25 3.46 0.28 -6.03
C ASN A 25 3.17 1.32 -7.12
N ASN A 26 2.28 1.02 -8.05
CA ASN A 26 1.90 2.01 -9.07
C ASN A 26 0.83 2.94 -8.51
N ALA A 27 -0.08 2.35 -7.75
CA ALA A 27 -1.18 3.09 -7.16
C ALA A 27 -0.64 4.22 -6.29
N GLU A 28 0.55 4.01 -5.73
CA GLU A 28 1.17 5.00 -4.89
C GLU A 28 1.52 6.25 -5.72
N ASP A 29 1.91 6.05 -6.99
CA ASP A 29 2.28 7.13 -7.92
C ASP A 29 1.52 7.04 -9.26
N TYR A 30 2.23 6.75 -10.38
CA TYR A 30 1.63 6.68 -11.72
C TYR A 30 1.13 5.26 -12.03
N LYS A 31 0.35 5.14 -13.12
CA LYS A 31 -0.24 3.86 -13.55
C LYS A 31 0.18 3.53 -14.98
N HIS A 32 1.49 3.30 -15.15
CA HIS A 32 2.07 2.96 -16.46
C HIS A 32 2.37 1.46 -16.57
N THR A 33 2.81 0.87 -15.45
CA THR A 33 3.14 -0.56 -15.43
C THR A 33 1.88 -1.40 -15.19
N ASP A 34 0.76 -0.72 -14.92
CA ASP A 34 -0.50 -1.44 -14.71
C ASP A 34 -0.90 -2.20 -15.98
N MET A 35 -0.54 -1.64 -17.13
CA MET A 35 -0.87 -2.26 -18.40
C MET A 35 -0.17 -3.61 -18.55
N ASP A 36 1.09 -3.67 -18.11
CA ASP A 36 1.89 -4.89 -18.20
C ASP A 36 1.58 -5.82 -17.02
N LEU A 37 0.98 -6.97 -17.34
CA LEU A 37 0.64 -7.98 -16.32
C LEU A 37 1.84 -8.89 -16.08
N THR A 38 2.18 -9.08 -14.81
CA THR A 38 3.32 -9.92 -14.43
C THR A 38 3.14 -10.43 -12.99
N TYR A 39 3.79 -11.56 -12.69
CA TYR A 39 3.72 -12.17 -11.36
C TYR A 39 4.90 -13.10 -11.13
N THR A 40 5.72 -12.77 -10.13
CA THR A 40 6.91 -13.56 -9.79
C THR A 40 7.32 -13.30 -8.33
N ASP A 41 7.98 -14.30 -7.73
CA ASP A 41 8.44 -14.19 -6.35
C ASP A 41 9.75 -13.41 -6.30
N ARG A 42 9.74 -12.29 -5.58
CA ARG A 42 10.93 -11.45 -5.45
C ARG A 42 11.97 -12.14 -4.57
N ASP A 43 13.23 -12.07 -4.99
CA ASP A 43 14.31 -12.70 -4.23
C ASP A 43 14.58 -11.94 -2.94
N TYR A 44 14.87 -12.68 -1.88
CA TYR A 44 15.15 -12.06 -0.58
C TYR A 44 16.40 -11.19 -0.68
N LYS A 45 17.43 -11.71 -1.35
CA LYS A 45 18.66 -10.97 -1.51
C LYS A 45 18.42 -9.74 -2.40
N ASN A 46 18.96 -8.60 -1.96
CA ASN A 46 18.82 -7.33 -2.69
C ASN A 46 20.02 -6.43 -2.42
N CYS A 47 20.37 -5.59 -3.40
CA CYS A 47 21.51 -4.68 -3.26
C CYS A 47 21.27 -3.66 -2.15
N GLU A 48 20.02 -3.17 -2.05
CA GLU A 48 19.62 -2.17 -1.05
C GLU A 48 18.33 -2.59 -0.35
N SER A 49 18.25 -2.35 0.96
CA SER A 49 17.07 -2.69 1.74
C SER A 49 17.09 -1.95 3.08
N TYR A 50 15.90 -1.75 3.67
CA TYR A 50 15.74 -1.08 4.95
C TYR A 50 14.67 -1.81 5.76
N HIS A 51 14.90 -1.91 7.08
CA HIS A 51 13.97 -2.57 8.01
C HIS A 51 13.13 -1.53 8.74
N LYS A 52 13.40 -0.26 8.44
CA LYS A 52 12.69 0.84 9.08
C LYS A 52 11.20 0.81 8.76
N CYS A 53 10.86 0.48 7.50
CA CYS A 53 9.47 0.41 7.04
C CYS A 53 9.05 -1.04 6.79
N SER A 54 7.75 -1.23 6.52
CA SER A 54 7.19 -2.56 6.27
C SER A 54 7.95 -3.25 5.14
N ASP A 55 8.62 -2.44 4.30
CA ASP A 55 9.42 -2.90 3.15
C ASP A 55 8.53 -3.37 2.01
N LEU A 56 7.22 -3.45 2.26
CA LEU A 56 6.29 -3.86 1.24
C LEU A 56 6.27 -2.81 0.15
N CYS A 57 6.22 -1.54 0.58
CA CYS A 57 6.24 -0.38 -0.33
C CYS A 57 7.70 0.02 -0.55
N GLN A 58 8.06 0.24 -1.81
CA GLN A 58 9.45 0.57 -2.17
C GLN A 58 9.85 2.02 -1.85
N TYR A 59 8.95 2.95 -2.08
CA TYR A 59 9.24 4.37 -1.87
C TYR A 59 9.16 4.76 -0.40
N CYS A 60 8.48 3.95 0.40
CA CYS A 60 8.35 4.22 1.82
C CYS A 60 9.68 4.05 2.54
N ARG A 61 10.55 3.20 1.99
CA ARG A 61 11.86 2.90 2.58
C ARG A 61 12.64 4.16 2.93
N TYR A 62 12.52 5.17 2.07
CA TYR A 62 13.22 6.46 2.26
C TYR A 62 12.34 7.45 3.04
N GLN A 63 11.12 7.66 2.52
CA GLN A 63 10.15 8.61 3.11
C GLN A 63 8.74 8.05 3.02
N LYS A 64 8.13 7.79 4.18
CA LYS A 64 6.77 7.23 4.27
C LYS A 64 5.78 7.96 3.33
N ASP A 65 4.82 7.16 2.79
CA ASP A 65 3.77 7.65 1.87
C ASP A 65 2.38 7.31 2.44
N LEU A 66 2.29 7.10 3.74
CA LEU A 66 1.01 6.73 4.39
C LEU A 66 -0.07 7.84 4.30
N ALA A 67 0.18 8.89 3.53
CA ALA A 67 -0.80 9.95 3.37
C ALA A 67 -2.05 9.42 2.69
N ILE A 68 -1.87 8.54 1.70
CA ILE A 68 -3.00 7.96 0.98
C ILE A 68 -3.77 6.95 1.84
N HIS A 69 -3.19 5.77 2.11
CA HIS A 69 -3.86 4.77 2.95
C HIS A 69 -3.81 5.17 4.43
N HIS A 70 -4.99 5.28 5.04
CA HIS A 70 -5.08 5.65 6.45
C HIS A 70 -4.52 4.55 7.35
N GLN A 71 -4.86 3.30 7.02
CA GLN A 71 -4.43 2.13 7.78
C GLN A 71 -4.91 2.24 9.24
N HIS A 72 -6.00 1.52 9.53
CA HIS A 72 -6.58 1.52 10.88
C HIS A 72 -5.69 0.73 11.84
N HIS A 73 -5.51 1.25 13.05
CA HIS A 73 -4.69 0.59 14.06
C HIS A 73 -5.38 -0.67 14.56
N HIS A 74 -4.62 -1.76 14.69
CA HIS A 74 -5.17 -3.01 15.17
C HIS A 74 -5.64 -2.87 16.62
N GLY A 75 -4.82 -2.22 17.44
CA GLY A 75 -5.16 -2.03 18.84
C GLY A 75 -5.13 -3.35 19.60
N GLY A 76 -5.51 -3.31 20.87
CA GLY A 76 -5.53 -4.51 21.70
C GLY A 76 -4.12 -4.98 22.01
N SER A 77 -4.01 -6.15 22.65
CA SER A 77 -2.72 -6.72 22.99
C SER A 77 -2.01 -7.25 21.75
N MET A 78 -0.73 -7.54 21.89
CA MET A 78 0.04 -8.07 20.77
C MET A 78 -0.50 -9.43 20.33
N GLY A 79 -0.87 -10.26 21.30
CA GLY A 79 -1.41 -11.58 21.00
C GLY A 79 -2.82 -11.49 20.42
N MET A 80 -3.07 -12.24 19.36
CA MET A 80 -4.37 -12.23 18.72
C MET A 80 -5.43 -12.78 19.66
N SER A 81 -5.07 -13.83 20.40
CA SER A 81 -5.99 -14.46 21.34
C SER A 81 -6.41 -13.47 22.43
N GLY A 82 -5.45 -12.67 22.89
CA GLY A 82 -5.72 -11.69 23.94
C GLY A 82 -5.81 -12.35 25.30
N SER A 83 -5.25 -13.56 25.41
CA SER A 83 -5.26 -14.29 26.67
C SER A 83 -4.52 -13.53 27.75
N GLY A 84 -3.36 -12.98 27.38
CA GLY A 84 -2.54 -12.22 28.33
C GLY A 84 -1.36 -11.57 27.63
N THR A 85 -0.50 -10.91 28.42
CA THR A 85 0.69 -10.24 27.89
C THR A 85 1.76 -10.08 28.96
N GLY A 86 3.01 -9.89 28.52
CA GLY A 86 4.12 -9.73 29.46
C GLY A 86 4.03 -8.40 30.19
N TYR A 87 4.57 -8.36 31.40
CA TYR A 87 4.55 -7.14 32.21
C TYR A 87 5.54 -6.11 31.67
ZN ZN B . 4.49 4.09 0.40
ZN ZN C . -0.55 -1.23 -10.67
N MET A 1 4.34 -28.66 10.85
CA MET A 1 4.17 -28.87 12.32
C MET A 1 4.47 -27.56 13.04
N GLY A 2 5.69 -27.05 12.85
CA GLY A 2 6.10 -25.81 13.49
C GLY A 2 5.23 -24.63 13.03
N ALA A 3 4.91 -24.62 11.73
CA ALA A 3 4.08 -23.56 11.13
C ALA A 3 4.59 -22.15 11.49
N PRO A 4 5.73 -21.71 10.98
CA PRO A 4 6.25 -20.33 11.30
C PRO A 4 5.25 -19.25 10.89
N VAL A 5 5.19 -18.17 11.69
CA VAL A 5 4.29 -17.04 11.46
C VAL A 5 5.05 -15.70 11.73
N PRO A 6 5.99 -15.27 10.89
CA PRO A 6 6.76 -14.00 11.11
C PRO A 6 5.84 -12.78 11.25
N TYR A 7 4.81 -12.73 10.40
CA TYR A 7 3.85 -11.62 10.41
C TYR A 7 2.58 -12.03 9.61
N PRO A 8 1.56 -12.67 10.21
CA PRO A 8 0.33 -13.08 9.48
C PRO A 8 -0.68 -11.94 9.37
N ASP A 9 -1.86 -12.23 8.81
CA ASP A 9 -2.93 -11.24 8.63
C ASP A 9 -4.31 -11.95 8.68
N PRO A 10 -4.80 -12.37 9.84
CA PRO A 10 -6.14 -13.05 9.94
C PRO A 10 -7.26 -12.17 9.38
N LEU A 11 -7.05 -10.87 9.49
CA LEU A 11 -8.04 -9.89 9.02
C LEU A 11 -8.26 -10.04 7.51
N GLU A 12 -7.17 -10.31 6.79
CA GLU A 12 -7.19 -10.47 5.33
C GLU A 12 -7.90 -9.28 4.64
N PRO A 13 -7.32 -8.07 4.61
CA PRO A 13 -7.97 -6.91 3.95
C PRO A 13 -8.26 -7.17 2.47
N ARG A 14 -9.40 -6.65 2.01
CA ARG A 14 -9.79 -6.84 0.61
C ARG A 14 -8.80 -6.14 -0.31
N GLY A 15 -8.35 -4.95 0.09
CA GLY A 15 -7.40 -4.20 -0.71
C GLY A 15 -7.04 -2.88 -0.04
N GLY A 16 -6.23 -2.08 -0.72
CA GLY A 16 -5.81 -0.78 -0.19
C GLY A 16 -5.11 0.04 -1.26
N LYS A 17 -4.97 1.33 -1.00
CA LYS A 17 -4.32 2.20 -1.95
C LYS A 17 -2.87 1.78 -2.05
N HIS A 18 -2.21 1.66 -0.89
CA HIS A 18 -0.78 1.28 -0.82
C HIS A 18 -0.42 0.07 -1.69
N ILE A 19 -1.41 -0.80 -1.96
CA ILE A 19 -1.20 -2.00 -2.78
C ILE A 19 -1.85 -1.79 -4.14
N CYS A 20 -1.03 -1.70 -5.17
CA CYS A 20 -1.53 -1.54 -6.54
C CYS A 20 -2.15 -2.88 -6.97
N ALA A 21 -3.13 -2.83 -7.87
CA ALA A 21 -3.80 -4.06 -8.34
C ALA A 21 -2.94 -4.80 -9.36
N ILE A 22 -1.93 -4.09 -9.87
CA ILE A 22 -1.00 -4.60 -10.90
C ILE A 22 0.42 -4.72 -10.32
N CYS A 23 1.12 -3.59 -10.24
CA CYS A 23 2.50 -3.54 -9.78
C CYS A 23 2.64 -4.00 -8.33
N GLY A 24 1.52 -4.16 -7.66
CA GLY A 24 1.51 -4.61 -6.28
C GLY A 24 1.86 -3.50 -5.29
N ASN A 25 2.49 -2.39 -5.76
CA ASN A 25 2.87 -1.30 -4.81
C ASN A 25 3.27 0.06 -5.46
N ASN A 26 2.90 0.32 -6.72
CA ASN A 26 3.24 1.64 -7.37
C ASN A 26 2.08 2.64 -7.23
N ALA A 27 1.04 2.24 -6.52
CA ALA A 27 -0.13 3.09 -6.30
C ALA A 27 0.19 4.14 -5.22
N GLU A 28 1.14 5.01 -5.56
CA GLU A 28 1.56 6.11 -4.67
C GLU A 28 2.56 7.03 -5.35
N ASP A 29 3.16 6.53 -6.46
CA ASP A 29 4.18 7.28 -7.22
C ASP A 29 3.89 7.23 -8.73
N TYR A 30 4.94 7.17 -9.55
CA TYR A 30 4.78 7.14 -11.01
C TYR A 30 4.06 5.86 -11.43
N LYS A 31 3.13 6.01 -12.38
CA LYS A 31 2.33 4.90 -12.91
C LYS A 31 2.95 4.39 -14.21
N HIS A 32 4.27 4.23 -14.20
CA HIS A 32 5.00 3.73 -15.38
C HIS A 32 4.96 2.21 -15.46
N THR A 33 4.95 1.57 -14.30
CA THR A 33 4.92 0.11 -14.24
C THR A 33 3.52 -0.41 -14.48
N ASP A 34 2.54 0.49 -14.38
CA ASP A 34 1.15 0.09 -14.58
C ASP A 34 0.95 -0.37 -16.02
N MET A 35 1.58 0.34 -16.95
CA MET A 35 1.47 -0.01 -18.36
C MET A 35 2.14 -1.35 -18.64
N ASP A 36 3.30 -1.56 -18.03
CA ASP A 36 4.06 -2.80 -18.22
C ASP A 36 3.42 -3.96 -17.47
N LEU A 37 3.34 -5.12 -18.15
CA LEU A 37 2.77 -6.34 -17.56
C LEU A 37 3.81 -7.00 -16.66
N THR A 38 3.35 -7.58 -15.54
CA THR A 38 4.24 -8.26 -14.60
C THR A 38 4.65 -9.63 -15.13
N TYR A 39 5.70 -10.19 -14.54
CA TYR A 39 6.22 -11.50 -14.94
C TYR A 39 5.40 -12.62 -14.31
N THR A 40 5.17 -13.69 -15.07
CA THR A 40 4.42 -14.83 -14.57
C THR A 40 5.19 -15.52 -13.44
N ASP A 41 6.51 -15.52 -13.55
CA ASP A 41 7.37 -16.15 -12.56
C ASP A 41 7.40 -15.31 -11.28
N ARG A 42 7.73 -15.97 -10.16
CA ARG A 42 7.79 -15.27 -8.88
C ARG A 42 8.91 -14.23 -8.90
N ASP A 43 8.60 -13.03 -8.43
CA ASP A 43 9.57 -11.95 -8.38
C ASP A 43 10.62 -12.18 -7.29
N TYR A 44 11.86 -11.81 -7.58
CA TYR A 44 12.95 -11.98 -6.63
C TYR A 44 12.87 -10.91 -5.53
N LYS A 45 13.16 -11.32 -4.30
CA LYS A 45 13.12 -10.39 -3.17
C LYS A 45 14.28 -9.40 -3.27
N ASN A 46 13.99 -8.12 -3.01
CA ASN A 46 15.01 -7.08 -3.07
C ASN A 46 15.96 -7.17 -1.89
N CYS A 47 17.26 -7.15 -2.18
CA CYS A 47 18.27 -7.23 -1.13
C CYS A 47 18.25 -5.97 -0.27
N GLU A 48 18.05 -4.82 -0.90
CA GLU A 48 18.01 -3.55 -0.18
C GLU A 48 16.79 -3.52 0.74
N SER A 49 16.98 -2.99 1.95
CA SER A 49 15.90 -2.88 2.92
C SER A 49 16.29 -1.90 4.02
N TYR A 50 15.28 -1.41 4.75
CA TYR A 50 15.48 -0.46 5.84
C TYR A 50 14.54 -0.79 7.00
N HIS A 51 15.01 -0.58 8.22
CA HIS A 51 14.21 -0.84 9.41
C HIS A 51 13.12 0.20 9.59
N LYS A 52 13.15 1.24 8.74
CA LYS A 52 12.17 2.32 8.81
C LYS A 52 10.74 1.80 8.66
N CYS A 53 10.38 1.37 7.44
CA CYS A 53 9.03 0.84 7.15
C CYS A 53 9.03 -0.70 7.20
N SER A 54 8.56 -1.35 6.11
CA SER A 54 8.50 -2.81 5.98
C SER A 54 9.22 -3.20 4.68
N ASP A 55 8.53 -3.92 3.78
CA ASP A 55 9.12 -4.36 2.51
C ASP A 55 8.08 -4.39 1.40
N LEU A 56 6.80 -4.24 1.77
CA LEU A 56 5.74 -4.27 0.77
C LEU A 56 5.90 -3.08 -0.18
N CYS A 57 5.97 -1.87 0.39
CA CYS A 57 6.14 -0.64 -0.37
C CYS A 57 7.62 -0.28 -0.43
N GLN A 58 8.21 -0.40 -1.60
CA GLN A 58 9.64 -0.12 -1.77
C GLN A 58 9.97 1.37 -1.62
N TYR A 59 9.03 2.22 -2.03
CA TYR A 59 9.24 3.67 -1.99
C TYR A 59 9.14 4.24 -0.58
N CYS A 60 8.41 3.56 0.30
CA CYS A 60 8.27 4.03 1.66
C CYS A 60 9.62 4.10 2.35
N ARG A 61 10.55 3.25 1.92
CA ARG A 61 11.88 3.20 2.53
C ARG A 61 12.60 4.55 2.44
N TYR A 62 12.46 5.22 1.29
CA TYR A 62 13.11 6.51 1.05
C TYR A 62 12.27 7.66 1.60
N GLN A 63 11.00 7.69 1.19
CA GLN A 63 10.05 8.74 1.61
C GLN A 63 8.71 8.09 1.95
N LYS A 64 8.32 8.20 3.21
CA LYS A 64 7.06 7.63 3.69
C LYS A 64 5.87 8.12 2.88
N ASP A 65 4.99 7.18 2.52
CA ASP A 65 3.77 7.45 1.74
C ASP A 65 2.53 6.99 2.51
N LEU A 66 2.67 6.65 3.79
CA LEU A 66 1.54 6.14 4.60
C LEU A 66 0.33 7.11 4.68
N ALA A 67 0.42 8.29 4.06
CA ALA A 67 -0.70 9.23 4.10
C ALA A 67 -1.92 8.67 3.36
N ILE A 68 -1.69 8.04 2.21
CA ILE A 68 -2.80 7.51 1.41
C ILE A 68 -3.64 6.49 2.19
N HIS A 69 -3.01 5.41 2.69
CA HIS A 69 -3.74 4.38 3.45
C HIS A 69 -4.46 4.99 4.64
N HIS A 70 -3.80 5.91 5.35
CA HIS A 70 -4.41 6.56 6.50
C HIS A 70 -5.48 7.54 6.06
N GLN A 71 -6.58 7.60 6.82
CA GLN A 71 -7.67 8.51 6.51
C GLN A 71 -7.25 9.95 6.68
N HIS A 72 -7.70 10.81 5.78
CA HIS A 72 -7.36 12.24 5.84
C HIS A 72 -7.98 12.88 7.08
N HIS A 73 -9.18 12.45 7.43
CA HIS A 73 -9.88 13.00 8.59
C HIS A 73 -9.08 12.78 9.87
N HIS A 74 -8.57 11.57 10.05
CA HIS A 74 -7.80 11.25 11.25
C HIS A 74 -6.47 12.01 11.23
N GLY A 75 -5.85 12.09 10.06
CA GLY A 75 -4.58 12.79 9.92
C GLY A 75 -3.45 12.02 10.59
N GLY A 76 -2.29 12.66 10.69
CA GLY A 76 -1.13 12.03 11.32
C GLY A 76 -1.39 11.73 12.79
N SER A 77 -2.10 12.66 13.45
CA SER A 77 -2.43 12.51 14.87
C SER A 77 -3.62 13.40 15.23
N MET A 78 -4.23 13.12 16.37
CA MET A 78 -5.38 13.89 16.84
C MET A 78 -4.95 15.33 17.14
N GLY A 79 -3.77 15.47 17.75
CA GLY A 79 -3.24 16.78 18.10
C GLY A 79 -3.95 17.34 19.33
N MET A 80 -3.57 18.56 19.72
CA MET A 80 -4.17 19.19 20.89
C MET A 80 -5.65 19.45 20.65
N SER A 81 -5.99 19.89 19.44
CA SER A 81 -7.37 20.18 19.08
C SER A 81 -7.55 20.18 17.55
N GLY A 82 -8.79 20.08 17.11
CA GLY A 82 -9.07 20.07 15.68
C GLY A 82 -8.82 21.45 15.06
N SER A 83 -8.59 21.46 13.75
CA SER A 83 -8.35 22.71 13.04
C SER A 83 -9.63 23.51 12.89
N GLY A 84 -9.48 24.81 12.60
CA GLY A 84 -10.65 25.68 12.43
C GLY A 84 -11.43 25.31 11.18
N THR A 85 -12.71 25.66 11.17
CA THR A 85 -13.58 25.37 10.03
C THR A 85 -13.31 26.34 8.89
N GLY A 86 -13.78 26.00 7.69
CA GLY A 86 -13.58 26.84 6.53
C GLY A 86 -14.27 28.19 6.71
N TYR A 87 -15.46 28.18 7.28
CA TYR A 87 -16.21 29.41 7.50
C TYR A 87 -15.49 30.31 8.49
ZN ZN B . 4.43 3.81 0.49
ZN ZN C . 0.45 0.00 -10.60
N MET A 1 -23.98 -19.16 -14.93
CA MET A 1 -23.46 -20.22 -14.02
C MET A 1 -21.98 -19.96 -13.74
N GLY A 2 -21.70 -19.36 -12.58
CA GLY A 2 -20.33 -19.06 -12.19
C GLY A 2 -19.56 -20.32 -11.83
N ALA A 3 -18.24 -20.18 -11.63
CA ALA A 3 -17.39 -21.30 -11.28
C ALA A 3 -16.03 -20.82 -10.73
N PRO A 4 -15.97 -20.25 -9.53
CA PRO A 4 -14.66 -19.78 -8.96
C PRO A 4 -13.66 -20.93 -8.81
N VAL A 5 -12.38 -20.62 -9.02
CA VAL A 5 -11.30 -21.61 -8.93
C VAL A 5 -10.93 -21.87 -7.45
N PRO A 6 -10.39 -23.06 -7.06
CA PRO A 6 -9.98 -23.31 -5.63
C PRO A 6 -9.07 -22.22 -5.07
N TYR A 7 -8.17 -21.73 -5.92
CA TYR A 7 -7.23 -20.68 -5.53
C TYR A 7 -8.00 -19.33 -5.35
N PRO A 8 -7.59 -18.42 -4.47
CA PRO A 8 -8.32 -17.11 -4.31
C PRO A 8 -8.08 -16.19 -5.52
N ASP A 9 -8.61 -14.96 -5.42
CA ASP A 9 -8.48 -13.95 -6.48
C ASP A 9 -8.46 -12.52 -5.88
N PRO A 10 -7.38 -12.08 -5.23
CA PRO A 10 -7.29 -10.71 -4.65
C PRO A 10 -6.99 -9.65 -5.70
N LEU A 11 -6.86 -10.10 -6.95
CA LEU A 11 -6.58 -9.20 -8.07
C LEU A 11 -7.81 -8.34 -8.40
N GLU A 12 -8.98 -8.97 -8.42
CA GLU A 12 -10.24 -8.29 -8.73
C GLU A 12 -10.51 -7.10 -7.77
N PRO A 13 -10.61 -7.30 -6.45
CA PRO A 13 -10.88 -6.16 -5.52
C PRO A 13 -9.81 -5.07 -5.62
N ARG A 14 -10.26 -3.81 -5.51
CA ARG A 14 -9.35 -2.69 -5.61
C ARG A 14 -8.31 -2.75 -4.47
N GLY A 15 -8.81 -3.03 -3.26
CA GLY A 15 -7.93 -3.12 -2.10
C GLY A 15 -7.46 -1.73 -1.66
N GLY A 16 -6.46 -1.70 -0.79
CA GLY A 16 -5.91 -0.44 -0.30
C GLY A 16 -5.18 0.29 -1.40
N LYS A 17 -5.02 1.60 -1.24
CA LYS A 17 -4.32 2.40 -2.22
C LYS A 17 -2.87 1.95 -2.24
N HIS A 18 -2.26 1.89 -1.06
CA HIS A 18 -0.84 1.48 -0.93
C HIS A 18 -0.47 0.23 -1.73
N ILE A 19 -1.47 -0.61 -2.02
CA ILE A 19 -1.27 -1.86 -2.79
C ILE A 19 -1.84 -1.68 -4.20
N CYS A 20 -0.97 -1.68 -5.20
CA CYS A 20 -1.41 -1.58 -6.58
C CYS A 20 -2.05 -2.90 -6.99
N ALA A 21 -2.97 -2.85 -7.95
CA ALA A 21 -3.67 -4.05 -8.42
C ALA A 21 -2.80 -4.86 -9.36
N ILE A 22 -1.73 -4.22 -9.85
CA ILE A 22 -0.78 -4.83 -10.80
C ILE A 22 0.60 -4.96 -10.13
N CYS A 23 1.34 -3.86 -10.08
CA CYS A 23 2.69 -3.84 -9.53
C CYS A 23 2.76 -4.23 -8.07
N GLY A 24 1.59 -4.36 -7.45
CA GLY A 24 1.50 -4.75 -6.05
C GLY A 24 1.82 -3.61 -5.09
N ASN A 25 2.51 -2.54 -5.55
CA ASN A 25 2.87 -1.42 -4.62
C ASN A 25 3.36 -0.11 -5.30
N ASN A 26 3.12 0.08 -6.60
CA ASN A 26 3.52 1.34 -7.29
C ASN A 26 2.38 2.36 -7.32
N ALA A 27 1.33 2.06 -6.55
CA ALA A 27 0.17 2.94 -6.46
C ALA A 27 0.47 4.06 -5.46
N GLU A 28 1.46 4.89 -5.81
CA GLU A 28 1.85 6.03 -4.99
C GLU A 28 2.99 6.83 -5.64
N ASP A 29 3.60 6.24 -6.69
CA ASP A 29 4.73 6.86 -7.41
C ASP A 29 4.55 6.75 -8.94
N TYR A 30 5.66 6.76 -9.68
CA TYR A 30 5.64 6.69 -11.14
C TYR A 30 4.89 5.45 -11.64
N LYS A 31 3.85 5.67 -12.45
CA LYS A 31 3.04 4.58 -12.99
C LYS A 31 3.69 3.99 -14.25
N HIS A 32 4.99 3.74 -14.15
CA HIS A 32 5.77 3.16 -15.25
C HIS A 32 5.68 1.63 -15.26
N THR A 33 5.58 1.05 -14.07
CA THR A 33 5.50 -0.40 -13.93
C THR A 33 4.09 -0.89 -14.23
N ASP A 34 3.15 0.04 -14.26
CA ASP A 34 1.75 -0.31 -14.53
C ASP A 34 1.62 -0.85 -15.96
N MET A 35 2.37 -0.27 -16.87
CA MET A 35 2.34 -0.68 -18.27
C MET A 35 2.86 -2.11 -18.42
N ASP A 36 3.94 -2.42 -17.70
CA ASP A 36 4.55 -3.75 -17.76
C ASP A 36 5.56 -3.93 -16.62
N LEU A 37 5.73 -5.18 -16.18
CA LEU A 37 6.65 -5.51 -15.09
C LEU A 37 8.06 -5.74 -15.65
N THR A 38 8.29 -5.27 -16.87
CA THR A 38 9.60 -5.42 -17.50
C THR A 38 10.65 -4.57 -16.78
N TYR A 39 10.26 -3.34 -16.44
CA TYR A 39 11.14 -2.40 -15.75
C TYR A 39 11.15 -2.67 -14.24
N THR A 40 12.36 -2.67 -13.66
CA THR A 40 12.56 -2.91 -12.21
C THR A 40 13.21 -1.68 -11.58
N ASP A 41 12.66 -1.25 -10.44
CA ASP A 41 13.17 -0.08 -9.72
C ASP A 41 14.31 -0.49 -8.79
N ARG A 42 15.53 -0.07 -9.14
CA ARG A 42 16.71 -0.40 -8.34
C ARG A 42 16.78 0.53 -7.14
N ASP A 43 17.06 -0.04 -5.97
CA ASP A 43 17.16 0.72 -4.74
C ASP A 43 18.48 1.48 -4.67
N TYR A 44 18.43 2.69 -4.14
CA TYR A 44 19.63 3.53 -4.00
C TYR A 44 20.47 3.06 -2.82
N LYS A 45 21.62 2.45 -3.12
CA LYS A 45 22.51 1.95 -2.08
C LYS A 45 23.34 3.10 -1.50
N ASN A 46 23.12 4.31 -2.04
CA ASN A 46 23.85 5.49 -1.57
C ASN A 46 23.57 5.77 -0.10
N CYS A 47 22.30 5.67 0.28
CA CYS A 47 21.89 5.91 1.67
C CYS A 47 20.47 5.39 1.91
N GLU A 48 20.26 4.81 3.10
CA GLU A 48 18.95 4.25 3.50
C GLU A 48 18.50 4.86 4.83
N SER A 49 17.36 5.53 4.80
CA SER A 49 16.81 6.16 6.00
C SER A 49 16.50 5.12 7.07
N TYR A 50 15.95 3.99 6.62
CA TYR A 50 15.59 2.87 7.51
C TYR A 50 15.75 1.56 6.75
N HIS A 51 15.94 0.47 7.50
CA HIS A 51 16.09 -0.86 6.91
C HIS A 51 14.74 -1.52 6.71
N LYS A 52 14.04 -1.12 5.64
CA LYS A 52 12.71 -1.67 5.29
C LYS A 52 11.77 -1.63 6.50
N CYS A 53 10.92 -0.61 6.55
CA CYS A 53 9.98 -0.44 7.65
C CYS A 53 8.71 -1.26 7.45
N SER A 54 7.82 -0.77 6.60
CA SER A 54 6.55 -1.43 6.33
C SER A 54 6.76 -2.85 5.81
N ASP A 55 7.76 -2.99 4.92
CA ASP A 55 8.15 -4.25 4.29
C ASP A 55 7.12 -4.73 3.27
N LEU A 56 6.74 -3.81 2.39
CA LEU A 56 5.79 -4.08 1.32
C LEU A 56 5.82 -2.97 0.27
N CYS A 57 5.95 -1.72 0.74
CA CYS A 57 6.01 -0.54 -0.13
C CYS A 57 7.47 -0.20 -0.38
N GLN A 58 7.80 0.06 -1.64
CA GLN A 58 9.18 0.35 -2.01
C GLN A 58 9.61 1.78 -1.71
N TYR A 59 8.75 2.75 -2.01
CA TYR A 59 9.06 4.16 -1.81
C TYR A 59 9.02 4.58 -0.35
N CYS A 60 8.29 3.84 0.48
CA CYS A 60 8.19 4.16 1.89
C CYS A 60 9.56 4.08 2.57
N ARG A 61 10.49 3.37 1.93
CA ARG A 61 11.84 3.18 2.48
C ARG A 61 12.56 4.51 2.70
N TYR A 62 12.43 5.42 1.72
CA TYR A 62 13.10 6.72 1.78
C TYR A 62 12.21 7.79 2.40
N GLN A 63 10.97 7.85 1.92
CA GLN A 63 9.98 8.84 2.39
C GLN A 63 8.62 8.18 2.53
N LYS A 64 8.10 8.21 3.75
CA LYS A 64 6.79 7.61 4.06
C LYS A 64 5.71 8.19 3.17
N ASP A 65 4.82 7.30 2.71
CA ASP A 65 3.69 7.65 1.84
C ASP A 65 2.36 7.28 2.50
N LEU A 66 2.38 6.95 3.78
CA LEU A 66 1.16 6.52 4.50
C LEU A 66 -0.02 7.52 4.44
N ALA A 67 0.17 8.68 3.83
CA ALA A 67 -0.92 9.65 3.73
C ALA A 67 -2.07 9.09 2.90
N ILE A 68 -1.74 8.41 1.80
CA ILE A 68 -2.78 7.87 0.92
C ILE A 68 -3.70 6.87 1.64
N HIS A 69 -3.13 5.83 2.26
CA HIS A 69 -3.93 4.84 2.98
C HIS A 69 -4.78 5.49 4.06
N HIS A 70 -4.19 6.46 4.78
CA HIS A 70 -4.91 7.16 5.84
C HIS A 70 -5.95 8.11 5.24
N GLN A 71 -7.11 8.20 5.89
CA GLN A 71 -8.18 9.07 5.42
C GLN A 71 -7.80 10.53 5.65
N HIS A 72 -8.38 11.41 4.82
CA HIS A 72 -8.09 12.84 4.93
C HIS A 72 -8.65 13.39 6.24
N HIS A 73 -9.83 12.90 6.63
CA HIS A 73 -10.47 13.37 7.86
C HIS A 73 -9.60 13.08 9.08
N HIS A 74 -9.05 11.86 9.14
CA HIS A 74 -8.19 11.48 10.25
C HIS A 74 -6.91 12.29 10.24
N GLY A 75 -6.36 12.50 9.05
CA GLY A 75 -5.12 13.27 8.91
C GLY A 75 -5.31 14.70 9.39
N GLY A 76 -6.50 15.25 9.17
CA GLY A 76 -6.80 16.61 9.59
C GLY A 76 -6.71 16.75 11.10
N SER A 77 -6.32 17.94 11.56
CA SER A 77 -6.20 18.19 12.99
C SER A 77 -7.55 18.09 13.68
N MET A 78 -8.62 18.33 12.91
CA MET A 78 -9.97 18.26 13.46
C MET A 78 -10.28 16.83 13.90
N GLY A 79 -9.87 15.87 13.08
CA GLY A 79 -10.12 14.46 13.38
C GLY A 79 -9.38 14.03 14.65
N MET A 80 -8.15 14.52 14.79
CA MET A 80 -7.32 14.18 15.96
C MET A 80 -7.82 14.92 17.20
N SER A 81 -7.81 14.24 18.33
CA SER A 81 -8.26 14.84 19.58
C SER A 81 -7.38 16.03 19.95
N GLY A 82 -6.08 15.88 19.73
CA GLY A 82 -5.13 16.96 20.05
C GLY A 82 -5.14 17.27 21.54
N SER A 83 -5.23 18.55 21.88
CA SER A 83 -5.26 18.97 23.27
C SER A 83 -6.54 18.50 23.96
N GLY A 84 -6.42 18.15 25.23
CA GLY A 84 -7.57 17.67 26.00
C GLY A 84 -8.55 18.80 26.27
N THR A 85 -9.82 18.44 26.44
CA THR A 85 -10.86 19.43 26.71
C THR A 85 -10.65 20.07 28.08
N GLY A 86 -10.11 19.29 29.01
CA GLY A 86 -9.86 19.79 30.36
C GLY A 86 -8.85 20.94 30.34
N TYR A 87 -7.85 20.84 29.46
CA TYR A 87 -6.81 21.86 29.32
C TYR A 87 -6.27 21.89 27.90
ZN ZN B . 4.34 3.96 0.57
ZN ZN C . 0.84 -0.23 -10.61
N MET A 1 -24.55 -3.93 16.03
CA MET A 1 -24.18 -4.70 14.82
C MET A 1 -24.35 -3.82 13.58
N GLY A 2 -25.11 -2.74 13.74
CA GLY A 2 -25.35 -1.81 12.63
C GLY A 2 -24.10 -1.01 12.31
N ALA A 3 -24.08 -0.41 11.11
CA ALA A 3 -22.93 0.39 10.67
C ALA A 3 -23.32 1.29 9.48
N PRO A 4 -24.11 2.34 9.66
CA PRO A 4 -24.49 3.24 8.52
C PRO A 4 -23.27 3.89 7.87
N VAL A 5 -23.34 4.09 6.55
CA VAL A 5 -22.26 4.70 5.75
C VAL A 5 -22.86 5.72 4.73
N PRO A 6 -23.35 6.88 5.16
CA PRO A 6 -23.94 7.89 4.21
C PRO A 6 -22.96 8.28 3.10
N TYR A 7 -21.70 8.44 3.48
CA TYR A 7 -20.67 8.83 2.52
C TYR A 7 -20.52 7.71 1.47
N PRO A 8 -20.06 7.97 0.24
CA PRO A 8 -19.89 6.87 -0.77
C PRO A 8 -18.66 5.99 -0.50
N ASP A 9 -18.02 6.24 0.65
CA ASP A 9 -16.82 5.50 1.07
C ASP A 9 -15.73 5.51 -0.03
N PRO A 10 -15.12 6.65 -0.34
CA PRO A 10 -14.08 6.71 -1.41
C PRO A 10 -12.74 6.14 -0.97
N LEU A 11 -12.60 5.92 0.34
CA LEU A 11 -11.37 5.38 0.90
C LEU A 11 -11.12 3.97 0.37
N GLU A 12 -12.19 3.18 0.28
CA GLU A 12 -12.14 1.79 -0.20
C GLU A 12 -11.02 0.99 0.51
N PRO A 13 -11.14 0.68 1.80
CA PRO A 13 -10.08 -0.10 2.54
C PRO A 13 -9.75 -1.42 1.86
N ARG A 14 -10.76 -2.07 1.30
CA ARG A 14 -10.58 -3.35 0.63
C ARG A 14 -9.68 -3.18 -0.59
N GLY A 15 -9.85 -2.06 -1.30
CA GLY A 15 -9.05 -1.79 -2.48
C GLY A 15 -7.58 -1.65 -2.13
N GLY A 16 -7.28 -0.98 -1.03
CA GLY A 16 -5.90 -0.79 -0.60
C GLY A 16 -5.13 0.08 -1.57
N LYS A 17 -5.00 1.36 -1.24
CA LYS A 17 -4.28 2.28 -2.10
C LYS A 17 -2.82 1.84 -2.17
N HIS A 18 -2.22 1.68 -0.99
CA HIS A 18 -0.80 1.30 -0.87
C HIS A 18 -0.42 0.08 -1.72
N ILE A 19 -1.42 -0.76 -2.01
CA ILE A 19 -1.22 -1.98 -2.82
C ILE A 19 -1.86 -1.79 -4.19
N CYS A 20 -1.02 -1.77 -5.22
CA CYS A 20 -1.51 -1.64 -6.59
C CYS A 20 -2.15 -2.96 -7.01
N ALA A 21 -3.14 -2.91 -7.90
CA ALA A 21 -3.85 -4.11 -8.35
C ALA A 21 -3.00 -4.89 -9.37
N ILE A 22 -1.97 -4.22 -9.88
CA ILE A 22 -1.06 -4.77 -10.90
C ILE A 22 0.36 -4.91 -10.32
N CYS A 23 1.08 -3.80 -10.25
CA CYS A 23 2.47 -3.78 -9.78
C CYS A 23 2.61 -4.21 -8.33
N GLY A 24 1.48 -4.35 -7.65
CA GLY A 24 1.47 -4.78 -6.27
C GLY A 24 1.82 -3.66 -5.30
N ASN A 25 2.48 -2.55 -5.76
CA ASN A 25 2.85 -1.45 -4.83
C ASN A 25 3.27 -0.10 -5.50
N ASN A 26 2.94 0.13 -6.79
CA ASN A 26 3.29 1.43 -7.45
C ASN A 26 2.15 2.45 -7.39
N ALA A 27 1.12 2.11 -6.61
CA ALA A 27 -0.05 2.97 -6.42
C ALA A 27 0.22 3.97 -5.29
N GLU A 28 1.18 4.86 -5.57
CA GLU A 28 1.60 5.92 -4.62
C GLU A 28 1.86 7.22 -5.38
N ASP A 29 2.49 7.10 -6.56
CA ASP A 29 2.82 8.28 -7.38
C ASP A 29 3.05 7.95 -8.86
N TYR A 30 4.16 7.25 -9.15
CA TYR A 30 4.51 6.90 -10.53
C TYR A 30 3.69 5.69 -10.97
N LYS A 31 3.25 5.74 -12.24
CA LYS A 31 2.45 4.67 -12.85
C LYS A 31 3.11 4.17 -14.13
N HIS A 32 4.44 4.00 -14.05
CA HIS A 32 5.21 3.53 -15.20
C HIS A 32 5.12 2.02 -15.36
N THR A 33 5.08 1.32 -14.22
CA THR A 33 5.01 -0.14 -14.22
C THR A 33 3.59 -0.63 -14.49
N ASP A 34 2.64 0.30 -14.41
CA ASP A 34 1.25 -0.07 -14.63
C ASP A 34 1.03 -0.53 -16.07
N MET A 35 1.75 0.10 -16.99
CA MET A 35 1.62 -0.25 -18.40
C MET A 35 2.16 -1.65 -18.66
N ASP A 36 3.31 -1.96 -18.04
CA ASP A 36 3.93 -3.27 -18.20
C ASP A 36 4.99 -3.50 -17.11
N LEU A 37 5.00 -4.72 -16.57
CA LEU A 37 5.97 -5.09 -15.53
C LEU A 37 7.35 -5.24 -16.15
N THR A 38 8.37 -4.90 -15.37
CA THR A 38 9.76 -5.00 -15.84
C THR A 38 10.24 -6.45 -15.78
N TYR A 39 10.72 -6.95 -16.91
CA TYR A 39 11.20 -8.33 -16.97
C TYR A 39 12.41 -8.54 -16.05
N THR A 40 13.39 -7.63 -16.14
CA THR A 40 14.59 -7.74 -15.32
C THR A 40 14.27 -7.34 -13.88
N ASP A 41 14.71 -8.18 -12.92
CA ASP A 41 14.48 -7.94 -11.48
C ASP A 41 15.68 -8.42 -10.67
N ARG A 42 16.82 -8.59 -11.36
CA ARG A 42 18.03 -9.03 -10.69
C ARG A 42 18.56 -7.92 -9.80
N ASP A 43 18.49 -6.69 -10.28
CA ASP A 43 18.97 -5.53 -9.53
C ASP A 43 18.03 -5.25 -8.35
N TYR A 44 18.59 -4.72 -7.27
CA TYR A 44 17.81 -4.41 -6.09
C TYR A 44 16.88 -3.22 -6.34
N LYS A 45 15.69 -3.27 -5.76
CA LYS A 45 14.72 -2.19 -5.93
C LYS A 45 15.26 -0.89 -5.36
N ASN A 46 15.90 -0.99 -4.19
CA ASN A 46 16.47 0.19 -3.52
C ASN A 46 17.60 -0.24 -2.56
N CYS A 47 18.84 0.03 -2.97
CA CYS A 47 19.99 -0.32 -2.15
C CYS A 47 19.99 0.48 -0.86
N GLU A 48 19.65 1.76 -0.96
CA GLU A 48 19.62 2.64 0.20
C GLU A 48 18.47 2.26 1.12
N SER A 49 18.65 2.50 2.42
CA SER A 49 17.63 2.19 3.42
C SER A 49 17.87 2.97 4.71
N TYR A 50 16.83 3.06 5.55
CA TYR A 50 16.90 3.77 6.82
C TYR A 50 15.87 3.21 7.79
N HIS A 51 14.68 2.89 7.25
CA HIS A 51 13.56 2.33 8.03
C HIS A 51 12.73 1.38 7.17
N LYS A 52 13.11 0.11 7.18
CA LYS A 52 12.41 -0.91 6.40
C LYS A 52 11.11 -1.31 7.10
N CYS A 53 10.22 -0.34 7.24
CA CYS A 53 8.94 -0.55 7.90
C CYS A 53 8.01 -1.44 7.09
N SER A 54 7.55 -0.89 5.95
CA SER A 54 6.63 -1.60 5.05
C SER A 54 7.39 -2.19 3.87
N ASP A 55 7.99 -3.34 4.12
CA ASP A 55 8.76 -4.06 3.11
C ASP A 55 7.95 -4.27 1.83
N LEU A 56 6.63 -4.32 1.97
CA LEU A 56 5.75 -4.51 0.83
C LEU A 56 5.90 -3.33 -0.12
N CYS A 57 5.91 -2.11 0.45
CA CYS A 57 6.07 -0.87 -0.32
C CYS A 57 7.54 -0.49 -0.38
N GLN A 58 8.09 -0.50 -1.57
CA GLN A 58 9.51 -0.22 -1.77
C GLN A 58 9.91 1.23 -1.44
N TYR A 59 9.05 2.20 -1.76
CA TYR A 59 9.38 3.61 -1.51
C TYR A 59 9.30 3.97 -0.04
N CYS A 60 8.46 3.25 0.72
CA CYS A 60 8.32 3.50 2.14
C CYS A 60 9.63 3.28 2.88
N ARG A 61 10.56 2.57 2.25
CA ARG A 61 11.84 2.28 2.89
C ARG A 61 12.61 3.54 3.24
N TYR A 62 12.62 4.51 2.31
CA TYR A 62 13.35 5.78 2.48
C TYR A 62 12.42 6.99 2.61
N GLN A 63 11.36 7.01 1.77
CA GLN A 63 10.37 8.11 1.76
C GLN A 63 9.01 7.59 2.17
N LYS A 64 8.57 7.95 3.38
CA LYS A 64 7.26 7.51 3.87
C LYS A 64 6.12 8.06 3.03
N ASP A 65 5.22 7.13 2.67
CA ASP A 65 4.02 7.43 1.85
C ASP A 65 2.75 7.17 2.65
N LEU A 66 2.87 6.94 3.96
CA LEU A 66 1.71 6.62 4.83
C LEU A 66 0.56 7.66 4.78
N ALA A 67 0.72 8.74 4.03
CA ALA A 67 -0.33 9.73 3.93
C ALA A 67 -1.59 9.14 3.28
N ILE A 68 -1.39 8.42 2.18
CA ILE A 68 -2.52 7.84 1.47
C ILE A 68 -3.30 6.84 2.36
N HIS A 69 -2.86 5.60 2.41
CA HIS A 69 -3.53 4.58 3.21
C HIS A 69 -3.37 4.87 4.70
N HIS A 70 -4.49 4.87 5.42
CA HIS A 70 -4.46 5.13 6.87
C HIS A 70 -3.89 3.93 7.62
N GLN A 71 -3.04 4.21 8.61
CA GLN A 71 -2.42 3.15 9.41
C GLN A 71 -3.45 2.54 10.36
N HIS A 72 -3.41 1.21 10.48
CA HIS A 72 -4.34 0.51 11.36
C HIS A 72 -3.98 0.74 12.83
N HIS A 73 -4.99 1.00 13.65
CA HIS A 73 -4.77 1.23 15.08
C HIS A 73 -4.42 -0.06 15.80
N HIS A 74 -3.39 0.00 16.63
CA HIS A 74 -2.96 -1.18 17.38
C HIS A 74 -4.02 -1.59 18.39
N GLY A 75 -4.63 -0.60 19.03
CA GLY A 75 -5.67 -0.86 20.02
C GLY A 75 -6.88 -1.53 19.38
N GLY A 76 -7.19 -1.12 18.15
CA GLY A 76 -8.33 -1.69 17.43
C GLY A 76 -8.06 -3.14 17.07
N SER A 77 -9.13 -3.86 16.70
CA SER A 77 -9.03 -5.27 16.33
C SER A 77 -10.23 -5.69 15.50
N MET A 78 -10.10 -6.82 14.82
CA MET A 78 -11.18 -7.32 13.97
C MET A 78 -12.39 -7.69 14.83
N GLY A 79 -12.12 -8.31 15.99
CA GLY A 79 -13.18 -8.71 16.90
C GLY A 79 -13.90 -9.97 16.40
N MET A 80 -13.45 -10.48 15.25
CA MET A 80 -14.04 -11.68 14.68
C MET A 80 -13.78 -12.89 15.59
N SER A 81 -12.58 -12.96 16.15
CA SER A 81 -12.22 -14.06 17.03
C SER A 81 -13.09 -14.06 18.29
N GLY A 82 -13.43 -15.25 18.77
CA GLY A 82 -14.24 -15.38 19.96
C GLY A 82 -13.54 -14.79 21.19
N SER A 83 -12.22 -14.98 21.25
CA SER A 83 -11.41 -14.47 22.36
C SER A 83 -11.20 -12.97 22.23
N GLY A 84 -11.70 -12.40 21.13
CA GLY A 84 -11.55 -10.97 20.90
C GLY A 84 -12.23 -10.16 22.01
N THR A 85 -13.32 -10.71 22.54
CA THR A 85 -14.05 -10.05 23.62
C THR A 85 -13.20 -9.95 24.89
N GLY A 86 -13.35 -8.85 25.61
CA GLY A 86 -12.59 -8.65 26.84
C GLY A 86 -11.11 -8.39 26.54
N TYR A 87 -10.28 -8.54 27.56
CA TYR A 87 -8.84 -8.33 27.40
C TYR A 87 -8.26 -9.32 26.40
ZN ZN B . 4.45 3.59 0.68
ZN ZN C . 0.52 -0.20 -10.68
N MET A 1 -27.65 -19.78 -16.15
CA MET A 1 -26.41 -18.99 -15.90
C MET A 1 -25.86 -19.35 -14.52
N GLY A 2 -24.54 -19.24 -14.38
CA GLY A 2 -23.89 -19.56 -13.11
C GLY A 2 -22.43 -19.13 -13.13
N ALA A 3 -21.78 -19.21 -11.97
CA ALA A 3 -20.37 -18.84 -11.84
C ALA A 3 -19.77 -19.40 -10.53
N PRO A 4 -19.53 -20.70 -10.41
CA PRO A 4 -18.95 -21.28 -9.16
C PRO A 4 -17.57 -20.68 -8.86
N VAL A 5 -17.27 -20.53 -7.55
CA VAL A 5 -16.00 -19.98 -7.06
C VAL A 5 -15.49 -20.82 -5.84
N PRO A 6 -14.99 -22.05 -6.05
CA PRO A 6 -14.48 -22.89 -4.92
C PRO A 6 -13.41 -22.18 -4.10
N TYR A 7 -12.50 -21.50 -4.81
CA TYR A 7 -11.41 -20.76 -4.16
C TYR A 7 -11.93 -19.39 -3.70
N PRO A 8 -11.14 -18.55 -3.01
CA PRO A 8 -11.65 -17.20 -2.58
C PRO A 8 -12.09 -16.30 -3.75
N ASP A 9 -12.23 -15.01 -3.44
CA ASP A 9 -12.66 -13.99 -4.43
C ASP A 9 -12.06 -12.61 -4.07
N PRO A 10 -10.78 -12.34 -4.34
CA PRO A 10 -10.17 -11.01 -4.03
C PRO A 10 -10.48 -9.98 -5.11
N LEU A 11 -11.07 -10.45 -6.21
CA LEU A 11 -11.42 -9.57 -7.32
C LEU A 11 -12.49 -8.56 -6.89
N GLU A 12 -13.46 -9.03 -6.11
CA GLU A 12 -14.56 -8.17 -5.66
C GLU A 12 -14.07 -6.96 -4.85
N PRO A 13 -13.46 -7.10 -3.67
CA PRO A 13 -13.00 -5.90 -2.89
C PRO A 13 -12.01 -5.03 -3.66
N ARG A 14 -12.12 -3.72 -3.44
CA ARG A 14 -11.27 -2.75 -4.12
C ARG A 14 -9.83 -2.86 -3.61
N GLY A 15 -8.88 -2.63 -4.52
CA GLY A 15 -7.46 -2.70 -4.17
C GLY A 15 -7.07 -1.56 -3.24
N GLY A 16 -6.03 -1.80 -2.43
CA GLY A 16 -5.56 -0.78 -1.50
C GLY A 16 -4.88 0.36 -2.25
N LYS A 17 -4.75 1.51 -1.57
CA LYS A 17 -4.11 2.66 -2.18
C LYS A 17 -2.61 2.42 -2.21
N HIS A 18 -2.06 2.06 -1.06
CA HIS A 18 -0.63 1.83 -0.95
C HIS A 18 -0.14 0.71 -1.87
N ILE A 19 -0.84 -0.45 -1.82
CA ILE A 19 -0.48 -1.63 -2.62
C ILE A 19 -1.41 -1.77 -3.79
N CYS A 20 -0.81 -1.85 -4.97
CA CYS A 20 -1.57 -2.02 -6.20
C CYS A 20 -1.94 -3.51 -6.34
N ALA A 21 -3.09 -3.78 -6.95
CA ALA A 21 -3.56 -5.16 -7.07
C ALA A 21 -2.76 -5.96 -8.11
N ILE A 22 -1.93 -5.24 -8.88
CA ILE A 22 -1.11 -5.84 -9.96
C ILE A 22 0.40 -5.67 -9.71
N CYS A 23 0.90 -4.45 -9.92
CA CYS A 23 2.32 -4.16 -9.79
C CYS A 23 2.78 -4.25 -8.35
N GLY A 24 1.85 -3.95 -7.43
CA GLY A 24 2.12 -3.97 -6.01
C GLY A 24 2.60 -2.62 -5.50
N ASN A 25 3.09 -1.76 -6.42
CA ASN A 25 3.67 -0.44 -6.02
C ASN A 25 3.43 0.74 -7.00
N ASN A 26 2.48 0.63 -7.94
CA ASN A 26 2.22 1.76 -8.87
C ASN A 26 1.15 2.71 -8.36
N ALA A 27 0.18 2.17 -7.63
CA ALA A 27 -0.94 2.97 -7.12
C ALA A 27 -0.42 4.16 -6.31
N GLU A 28 0.74 3.97 -5.69
CA GLU A 28 1.37 5.02 -4.93
C GLU A 28 1.92 6.12 -5.86
N ASP A 29 2.44 5.69 -7.04
CA ASP A 29 3.03 6.59 -8.05
C ASP A 29 2.23 6.54 -9.38
N TYR A 30 2.92 6.45 -10.53
CA TYR A 30 2.27 6.42 -11.85
C TYR A 30 1.59 5.07 -12.07
N LYS A 31 0.89 4.93 -13.21
CA LYS A 31 0.16 3.69 -13.56
C LYS A 31 0.56 3.20 -14.95
N HIS A 32 1.87 3.26 -15.23
CA HIS A 32 2.40 2.81 -16.52
C HIS A 32 2.65 1.30 -16.56
N THR A 33 3.05 0.73 -15.42
CA THR A 33 3.34 -0.69 -15.35
C THR A 33 2.06 -1.51 -15.17
N ASP A 34 0.93 -0.82 -15.02
CA ASP A 34 -0.36 -1.50 -14.87
C ASP A 34 -0.74 -2.23 -16.15
N MET A 35 -0.01 -1.96 -17.23
CA MET A 35 -0.28 -2.61 -18.51
C MET A 35 0.11 -4.08 -18.43
N ASP A 36 -0.51 -4.91 -19.28
CA ASP A 36 -0.22 -6.34 -19.29
C ASP A 36 1.16 -6.63 -19.91
N LEU A 37 2.18 -6.60 -19.05
CA LEU A 37 3.55 -6.86 -19.49
C LEU A 37 3.76 -8.35 -19.73
N THR A 38 4.52 -8.68 -20.77
CA THR A 38 4.78 -10.08 -21.09
C THR A 38 5.58 -10.76 -19.97
N TYR A 39 6.61 -10.08 -19.48
CA TYR A 39 7.46 -10.60 -18.42
C TYR A 39 6.81 -10.40 -17.05
N THR A 40 6.80 -11.44 -16.24
CA THR A 40 6.22 -11.37 -14.90
C THR A 40 7.01 -10.40 -14.02
N ASP A 41 8.33 -10.60 -14.00
CA ASP A 41 9.25 -9.77 -13.20
C ASP A 41 9.73 -8.58 -14.03
N ARG A 42 9.27 -7.38 -13.69
CA ARG A 42 9.67 -6.19 -14.41
C ARG A 42 11.17 -5.95 -14.21
N ASP A 43 11.63 -6.08 -12.97
CA ASP A 43 13.04 -5.87 -12.64
C ASP A 43 13.39 -6.57 -11.32
N TYR A 44 14.68 -6.62 -11.02
CA TYR A 44 15.15 -7.27 -9.79
C TYR A 44 14.82 -6.42 -8.57
N LYS A 45 14.24 -7.05 -7.55
CA LYS A 45 13.87 -6.34 -6.33
C LYS A 45 15.12 -5.94 -5.55
N ASN A 46 15.14 -4.70 -5.06
CA ASN A 46 16.27 -4.20 -4.29
C ASN A 46 16.31 -4.83 -2.90
N CYS A 47 17.51 -4.91 -2.33
CA CYS A 47 17.69 -5.50 -1.01
C CYS A 47 17.07 -4.60 0.07
N GLU A 48 16.90 -5.15 1.27
CA GLU A 48 16.33 -4.39 2.37
C GLU A 48 17.22 -3.22 2.75
N SER A 49 16.97 -2.06 2.15
CA SER A 49 17.76 -0.87 2.42
C SER A 49 17.61 -0.46 3.88
N TYR A 50 16.38 -0.56 4.40
CA TYR A 50 16.07 -0.20 5.79
C TYR A 50 14.92 -1.06 6.32
N HIS A 51 14.91 -1.24 7.65
CA HIS A 51 13.87 -2.03 8.34
C HIS A 51 12.77 -1.10 8.85
N LYS A 52 12.96 0.20 8.61
CA LYS A 52 11.99 1.21 9.05
C LYS A 52 10.63 0.99 8.39
N CYS A 53 10.65 0.56 7.12
CA CYS A 53 9.43 0.30 6.35
C CYS A 53 9.14 -1.20 6.33
N SER A 54 7.85 -1.55 6.22
CA SER A 54 7.42 -2.96 6.17
C SER A 54 7.95 -3.69 4.91
N ASP A 55 8.73 -2.98 4.06
CA ASP A 55 9.33 -3.52 2.84
C ASP A 55 8.31 -3.74 1.73
N LEU A 56 7.03 -3.62 2.04
CA LEU A 56 6.00 -3.81 1.04
C LEU A 56 6.10 -2.72 0.00
N CYS A 57 6.15 -1.46 0.47
CA CYS A 57 6.27 -0.28 -0.39
C CYS A 57 7.74 0.09 -0.52
N GLN A 58 8.19 0.30 -1.75
CA GLN A 58 9.60 0.61 -2.02
C GLN A 58 9.99 2.05 -1.69
N TYR A 59 9.09 2.99 -1.96
CA TYR A 59 9.37 4.42 -1.74
C TYR A 59 9.30 4.78 -0.26
N CYS A 60 8.57 4.00 0.51
CA CYS A 60 8.43 4.27 1.93
C CYS A 60 9.77 4.07 2.65
N ARG A 61 10.66 3.33 2.02
CA ARG A 61 11.96 3.03 2.63
C ARG A 61 12.74 4.30 2.94
N TYR A 62 12.61 5.30 2.05
CA TYR A 62 13.30 6.59 2.20
C TYR A 62 12.40 7.63 2.88
N GLN A 63 11.17 7.78 2.36
CA GLN A 63 10.19 8.76 2.87
C GLN A 63 8.78 8.18 2.87
N LYS A 64 8.24 7.98 4.08
CA LYS A 64 6.89 7.40 4.27
C LYS A 64 5.83 8.08 3.40
N ASP A 65 4.89 7.25 2.92
CA ASP A 65 3.76 7.67 2.05
C ASP A 65 2.42 7.25 2.66
N LEU A 66 2.41 6.99 3.97
CA LEU A 66 1.18 6.55 4.67
C LEU A 66 0.06 7.62 4.67
N ALA A 67 0.26 8.74 3.97
CA ALA A 67 -0.75 9.78 3.93
C ALA A 67 -2.01 9.27 3.25
N ILE A 68 -1.82 8.51 2.16
CA ILE A 68 -2.96 7.98 1.41
C ILE A 68 -3.69 6.87 2.20
N HIS A 69 -3.06 5.70 2.38
CA HIS A 69 -3.70 4.62 3.14
C HIS A 69 -3.70 4.96 4.63
N HIS A 70 -4.91 5.09 5.19
CA HIS A 70 -5.08 5.40 6.61
C HIS A 70 -4.91 4.15 7.46
N GLN A 71 -4.17 4.28 8.56
CA GLN A 71 -3.93 3.15 9.46
C GLN A 71 -5.20 2.84 10.25
N HIS A 72 -5.58 1.55 10.25
CA HIS A 72 -6.77 1.12 10.97
C HIS A 72 -6.52 1.12 12.48
N HIS A 73 -7.53 1.52 13.23
CA HIS A 73 -7.42 1.56 14.68
C HIS A 73 -7.25 0.15 15.25
N HIS A 74 -8.00 -0.79 14.69
CA HIS A 74 -7.93 -2.18 15.15
C HIS A 74 -6.56 -2.77 14.85
N GLY A 75 -6.03 -2.46 13.68
CA GLY A 75 -4.72 -2.96 13.27
C GLY A 75 -4.73 -4.48 13.18
N GLY A 76 -3.72 -5.12 13.77
CA GLY A 76 -3.62 -6.57 13.74
C GLY A 76 -4.73 -7.21 14.57
N SER A 77 -5.12 -8.42 14.18
CA SER A 77 -6.17 -9.14 14.89
C SER A 77 -5.70 -9.51 16.30
N MET A 78 -6.63 -9.49 17.25
CA MET A 78 -6.30 -9.83 18.63
C MET A 78 -5.86 -11.29 18.72
N GLY A 79 -6.56 -12.15 17.99
CA GLY A 79 -6.23 -13.58 18.01
C GLY A 79 -7.07 -14.34 16.99
N MET A 80 -6.79 -15.63 16.85
CA MET A 80 -7.53 -16.46 15.91
C MET A 80 -8.99 -16.58 16.34
N SER A 81 -9.21 -16.70 17.65
CA SER A 81 -10.56 -16.82 18.18
C SER A 81 -11.29 -15.47 18.12
N GLY A 82 -12.61 -15.51 18.27
CA GLY A 82 -13.41 -14.29 18.22
C GLY A 82 -14.84 -14.56 18.69
N SER A 83 -15.60 -13.49 18.91
CA SER A 83 -16.99 -13.60 19.35
C SER A 83 -17.75 -12.31 19.06
N GLY A 84 -19.07 -12.40 19.02
CA GLY A 84 -19.90 -11.24 18.75
C GLY A 84 -19.77 -10.20 19.85
N THR A 85 -19.61 -10.67 21.08
CA THR A 85 -19.46 -9.78 22.23
C THR A 85 -18.08 -9.15 22.24
N GLY A 86 -17.92 -8.09 23.04
CA GLY A 86 -16.63 -7.39 23.13
C GLY A 86 -16.37 -6.56 21.88
N TYR A 87 -15.19 -5.96 21.81
CA TYR A 87 -14.81 -5.15 20.66
C TYR A 87 -14.65 -6.03 19.42
ZN ZN B . 4.56 4.19 0.48
ZN ZN C . -0.41 -1.20 -10.80
N MET A 1 -18.59 -6.98 -22.23
CA MET A 1 -19.45 -6.26 -21.25
C MET A 1 -20.77 -7.00 -21.11
N GLY A 2 -21.16 -7.28 -19.88
CA GLY A 2 -22.41 -7.99 -19.61
C GLY A 2 -22.30 -9.45 -19.99
N ALA A 3 -21.05 -9.96 -20.02
CA ALA A 3 -20.80 -11.35 -20.38
C ALA A 3 -19.45 -11.83 -19.82
N PRO A 4 -19.13 -13.14 -19.84
CA PRO A 4 -17.81 -13.63 -19.32
C PRO A 4 -16.64 -13.01 -20.08
N VAL A 5 -15.53 -12.79 -19.35
CA VAL A 5 -14.32 -12.19 -19.91
C VAL A 5 -13.07 -12.90 -19.33
N PRO A 6 -11.90 -12.91 -20.02
CA PRO A 6 -10.66 -13.56 -19.49
C PRO A 6 -10.33 -13.12 -18.07
N TYR A 7 -10.55 -11.84 -17.80
CA TYR A 7 -10.28 -11.28 -16.48
C TYR A 7 -11.16 -12.01 -15.41
N PRO A 8 -10.62 -12.73 -14.41
CA PRO A 8 -11.47 -13.43 -13.40
C PRO A 8 -12.03 -12.48 -12.33
N ASP A 9 -11.81 -11.18 -12.54
CA ASP A 9 -12.27 -10.14 -11.61
C ASP A 9 -12.64 -8.85 -12.38
N PRO A 10 -13.76 -8.80 -13.10
CA PRO A 10 -14.18 -7.58 -13.85
C PRO A 10 -14.31 -6.35 -12.94
N LEU A 11 -14.72 -6.60 -11.70
CA LEU A 11 -14.88 -5.52 -10.72
C LEU A 11 -13.54 -5.00 -10.26
N GLU A 12 -12.55 -5.93 -10.12
CA GLU A 12 -11.17 -5.62 -9.66
C GLU A 12 -11.11 -4.35 -8.77
N PRO A 13 -11.66 -4.38 -7.56
CA PRO A 13 -11.65 -3.16 -6.69
C PRO A 13 -10.24 -2.62 -6.44
N ARG A 14 -10.12 -1.30 -6.37
CA ARG A 14 -8.82 -0.67 -6.13
C ARG A 14 -8.28 -1.08 -4.76
N GLY A 15 -9.18 -1.15 -3.79
CA GLY A 15 -8.78 -1.52 -2.43
C GLY A 15 -7.85 -0.49 -1.81
N GLY A 16 -6.77 -0.96 -1.19
CA GLY A 16 -5.81 -0.06 -0.57
C GLY A 16 -5.02 0.70 -1.62
N LYS A 17 -4.71 1.96 -1.31
CA LYS A 17 -3.96 2.80 -2.23
C LYS A 17 -2.53 2.29 -2.28
N HIS A 18 -1.95 2.10 -1.11
CA HIS A 18 -0.56 1.65 -0.99
C HIS A 18 -0.22 0.42 -1.83
N ILE A 19 -1.22 -0.44 -2.01
CA ILE A 19 -1.07 -1.69 -2.78
C ILE A 19 -1.84 -1.59 -4.09
N CYS A 20 -1.11 -1.69 -5.19
CA CYS A 20 -1.73 -1.65 -6.51
C CYS A 20 -2.43 -2.98 -6.75
N ALA A 21 -3.52 -2.97 -7.51
CA ALA A 21 -4.29 -4.20 -7.78
C ALA A 21 -3.59 -5.07 -8.82
N ILE A 22 -2.62 -4.45 -9.51
CA ILE A 22 -1.85 -5.10 -10.58
C ILE A 22 -0.37 -5.26 -10.17
N CYS A 23 0.39 -4.17 -10.23
CA CYS A 23 1.81 -4.19 -9.93
C CYS A 23 2.11 -4.50 -8.48
N GLY A 24 1.07 -4.54 -7.67
CA GLY A 24 1.21 -4.85 -6.26
C GLY A 24 1.70 -3.68 -5.43
N ASN A 25 2.32 -2.63 -6.04
CA ASN A 25 2.82 -1.49 -5.23
C ASN A 25 3.17 -0.21 -6.04
N ASN A 26 2.66 -0.04 -7.27
CA ASN A 26 2.95 1.20 -8.08
C ASN A 26 1.89 2.29 -7.85
N ALA A 27 0.86 1.94 -7.06
CA ALA A 27 -0.21 2.86 -6.72
C ALA A 27 0.27 3.77 -5.59
N GLU A 28 1.36 4.51 -5.87
CA GLU A 28 1.95 5.42 -4.92
C GLU A 28 2.68 6.53 -5.66
N ASP A 29 3.24 6.20 -6.84
CA ASP A 29 4.01 7.16 -7.65
C ASP A 29 3.66 7.09 -9.13
N TYR A 30 4.43 6.30 -9.91
CA TYR A 30 4.23 6.17 -11.34
C TYR A 30 3.24 5.07 -11.63
N LYS A 31 2.76 5.04 -12.89
CA LYS A 31 1.78 4.04 -13.36
C LYS A 31 2.25 3.49 -14.71
N HIS A 32 3.55 3.26 -14.82
CA HIS A 32 4.13 2.72 -16.05
C HIS A 32 3.97 1.21 -16.15
N THR A 33 4.07 0.54 -15.00
CA THR A 33 3.96 -0.92 -14.96
C THR A 33 2.50 -1.36 -15.02
N ASP A 34 1.59 -0.41 -14.87
CA ASP A 34 0.17 -0.74 -14.90
C ASP A 34 -0.22 -1.27 -16.27
N MET A 35 0.43 -0.76 -17.31
CA MET A 35 0.12 -1.20 -18.67
C MET A 35 0.49 -2.67 -18.85
N ASP A 36 1.63 -3.06 -18.30
CA ASP A 36 2.12 -4.45 -18.40
C ASP A 36 3.10 -4.77 -17.28
N LEU A 37 3.16 -6.04 -16.89
CA LEU A 37 4.06 -6.49 -15.84
C LEU A 37 5.49 -6.48 -16.38
N THR A 38 6.43 -6.17 -15.49
CA THR A 38 7.87 -6.11 -15.84
C THR A 38 8.71 -6.76 -14.74
N TYR A 39 9.99 -6.97 -15.04
CA TYR A 39 10.89 -7.59 -14.07
C TYR A 39 11.20 -6.63 -12.94
N THR A 40 11.11 -7.13 -11.70
CA THR A 40 11.37 -6.30 -10.52
C THR A 40 12.88 -6.11 -10.34
N ASP A 41 13.28 -4.84 -10.12
CA ASP A 41 14.69 -4.50 -9.92
C ASP A 41 15.08 -4.70 -8.45
N ARG A 42 15.67 -5.86 -8.16
CA ARG A 42 16.10 -6.17 -6.80
C ARG A 42 17.34 -5.36 -6.44
N ASP A 43 17.41 -4.94 -5.18
CA ASP A 43 18.54 -4.14 -4.72
C ASP A 43 19.79 -5.01 -4.60
N TYR A 44 20.73 -4.81 -5.52
CA TYR A 44 21.97 -5.58 -5.53
C TYR A 44 22.74 -5.36 -4.25
N LYS A 45 22.89 -4.09 -3.85
CA LYS A 45 23.61 -3.70 -2.65
C LYS A 45 22.77 -2.74 -1.81
N ASN A 46 22.83 -2.92 -0.49
CA ASN A 46 22.07 -2.09 0.44
C ASN A 46 22.80 -0.76 0.67
N CYS A 47 22.38 0.27 -0.06
CA CYS A 47 22.99 1.59 0.07
C CYS A 47 22.63 2.21 1.40
N GLU A 48 21.32 2.29 1.69
CA GLU A 48 20.80 2.87 2.93
C GLU A 48 19.78 1.94 3.57
N SER A 49 19.46 2.22 4.84
CA SER A 49 18.50 1.41 5.59
C SER A 49 17.99 2.19 6.80
N TYR A 50 16.95 3.00 6.58
CA TYR A 50 16.37 3.79 7.65
C TYR A 50 15.78 2.88 8.72
N HIS A 51 15.01 1.90 8.27
CA HIS A 51 14.35 0.93 9.15
C HIS A 51 13.56 -0.09 8.36
N LYS A 52 13.21 0.27 7.11
CA LYS A 52 12.44 -0.61 6.22
C LYS A 52 11.23 -1.15 6.95
N CYS A 53 10.27 -0.28 7.20
CA CYS A 53 9.05 -0.66 7.93
C CYS A 53 8.14 -1.52 7.09
N SER A 54 7.77 -1.00 5.90
CA SER A 54 6.88 -1.69 4.97
C SER A 54 7.62 -2.04 3.70
N ASP A 55 8.38 -3.14 3.78
CA ASP A 55 9.16 -3.63 2.65
C ASP A 55 8.30 -3.86 1.40
N LEU A 56 6.99 -3.94 1.62
CA LEU A 56 6.05 -4.14 0.52
C LEU A 56 6.12 -2.93 -0.40
N CYS A 57 6.15 -1.72 0.20
CA CYS A 57 6.24 -0.47 -0.55
C CYS A 57 7.70 -0.05 -0.67
N GLN A 58 8.19 0.00 -1.88
CA GLN A 58 9.60 0.31 -2.13
C GLN A 58 10.04 1.72 -1.70
N TYR A 59 9.17 2.71 -1.89
CA TYR A 59 9.50 4.11 -1.55
C TYR A 59 9.42 4.38 -0.06
N CYS A 60 8.60 3.62 0.65
CA CYS A 60 8.45 3.81 2.08
C CYS A 60 9.78 3.62 2.81
N ARG A 61 10.68 2.86 2.20
CA ARG A 61 11.98 2.60 2.83
C ARG A 61 12.77 3.89 3.05
N TYR A 62 12.62 4.85 2.12
CA TYR A 62 13.34 6.14 2.19
C TYR A 62 12.47 7.24 2.80
N GLN A 63 11.24 7.38 2.28
CA GLN A 63 10.29 8.41 2.72
C GLN A 63 8.89 7.82 2.87
N LYS A 64 8.38 7.84 4.10
CA LYS A 64 7.05 7.30 4.39
C LYS A 64 5.98 7.98 3.54
N ASP A 65 5.07 7.13 3.03
CA ASP A 65 3.95 7.55 2.17
C ASP A 65 2.61 7.10 2.76
N LEU A 66 2.60 6.74 4.04
CA LEU A 66 1.38 6.23 4.70
C LEU A 66 0.18 7.22 4.67
N ALA A 67 0.34 8.39 4.07
CA ALA A 67 -0.75 9.34 4.01
C ALA A 67 -1.86 8.84 3.09
N ILE A 68 -1.49 8.30 1.94
CA ILE A 68 -2.48 7.82 0.98
C ILE A 68 -3.29 6.65 1.54
N HIS A 69 -2.62 5.69 2.20
CA HIS A 69 -3.31 4.54 2.78
C HIS A 69 -4.40 4.99 3.75
N HIS A 70 -4.07 5.92 4.63
CA HIS A 70 -5.03 6.45 5.61
C HIS A 70 -6.01 7.41 4.93
N GLN A 71 -7.30 7.22 5.20
CA GLN A 71 -8.33 8.07 4.63
C GLN A 71 -8.33 9.44 5.29
N HIS A 72 -8.26 10.50 4.47
CA HIS A 72 -8.24 11.86 4.99
C HIS A 72 -9.64 12.27 5.46
N HIS A 73 -9.70 12.86 6.66
CA HIS A 73 -10.96 13.30 7.22
C HIS A 73 -11.56 14.43 6.40
N HIS A 74 -10.71 15.38 5.99
CA HIS A 74 -11.16 16.51 5.21
C HIS A 74 -11.67 16.05 3.85
N GLY A 75 -10.97 15.08 3.26
CA GLY A 75 -11.35 14.56 1.96
C GLY A 75 -12.66 13.76 2.07
N GLY A 76 -13.43 13.75 0.99
CA GLY A 76 -14.70 13.03 0.97
C GLY A 76 -14.47 11.53 0.93
N SER A 77 -15.54 10.77 1.12
CA SER A 77 -15.46 9.31 1.10
C SER A 77 -14.98 8.80 -0.25
N MET A 78 -15.40 9.50 -1.31
CA MET A 78 -15.01 9.11 -2.66
C MET A 78 -13.55 9.46 -2.93
N GLY A 79 -12.88 8.61 -3.69
CA GLY A 79 -11.47 8.81 -4.01
C GLY A 79 -11.30 9.97 -4.98
N MET A 80 -10.18 10.68 -4.84
CA MET A 80 -9.90 11.82 -5.72
C MET A 80 -9.71 11.37 -7.16
N SER A 81 -9.04 10.24 -7.34
CA SER A 81 -8.80 9.70 -8.67
C SER A 81 -10.10 9.25 -9.31
N GLY A 82 -11.00 8.70 -8.50
CA GLY A 82 -12.28 8.23 -9.00
C GLY A 82 -13.14 9.39 -9.50
N SER A 83 -13.99 9.11 -10.49
CA SER A 83 -14.87 10.13 -11.05
C SER A 83 -15.85 10.65 -10.01
N GLY A 84 -16.30 9.75 -9.14
CA GLY A 84 -17.26 10.11 -8.10
C GLY A 84 -18.65 10.33 -8.68
N THR A 85 -18.80 10.02 -9.97
CA THR A 85 -20.09 10.18 -10.65
C THR A 85 -21.06 9.08 -10.24
N GLY A 86 -22.34 9.30 -10.49
CA GLY A 86 -23.37 8.32 -10.13
C GLY A 86 -23.18 7.02 -10.92
N TYR A 87 -22.85 7.15 -12.19
CA TYR A 87 -22.64 5.98 -13.03
C TYR A 87 -21.39 5.22 -12.60
ZN ZN B . 4.63 3.95 0.72
ZN ZN C . -0.10 -0.62 -10.88
N MET A 1 -25.50 18.78 4.04
CA MET A 1 -25.20 19.27 5.42
C MET A 1 -24.16 18.35 6.06
N GLY A 2 -22.89 18.74 5.93
CA GLY A 2 -21.81 17.95 6.51
C GLY A 2 -21.59 16.66 5.72
N ALA A 3 -22.04 16.66 4.46
CA ALA A 3 -21.90 15.50 3.58
C ALA A 3 -22.09 15.91 2.10
N PRO A 4 -21.17 16.65 1.50
CA PRO A 4 -21.32 17.05 0.06
C PRO A 4 -21.45 15.86 -0.88
N VAL A 5 -22.34 16.01 -1.87
CA VAL A 5 -22.59 14.99 -2.88
C VAL A 5 -21.51 14.99 -4.00
N PRO A 6 -21.01 16.14 -4.48
CA PRO A 6 -19.97 16.16 -5.57
C PRO A 6 -18.70 15.41 -5.19
N TYR A 7 -18.36 15.48 -3.89
CA TYR A 7 -17.16 14.84 -3.36
C TYR A 7 -17.31 14.53 -1.85
N PRO A 8 -17.90 13.40 -1.43
CA PRO A 8 -18.02 13.09 0.02
C PRO A 8 -16.67 12.96 0.73
N ASP A 9 -16.71 12.39 1.93
CA ASP A 9 -15.48 12.21 2.73
C ASP A 9 -14.64 11.04 2.18
N PRO A 10 -13.34 10.90 2.53
CA PRO A 10 -12.50 9.77 1.99
C PRO A 10 -12.82 8.43 2.69
N LEU A 11 -13.74 8.48 3.65
CA LEU A 11 -14.14 7.28 4.39
C LEU A 11 -14.94 6.33 3.49
N GLU A 12 -15.85 6.90 2.71
CA GLU A 12 -16.69 6.10 1.81
C GLU A 12 -15.86 5.25 0.82
N PRO A 13 -15.02 5.81 -0.07
CA PRO A 13 -14.21 4.97 -1.01
C PRO A 13 -13.32 3.97 -0.30
N ARG A 14 -13.18 2.79 -0.91
CA ARG A 14 -12.35 1.72 -0.34
C ARG A 14 -10.88 2.07 -0.44
N GLY A 15 -10.12 1.68 0.58
CA GLY A 15 -8.68 1.96 0.62
C GLY A 15 -7.93 1.06 -0.36
N GLY A 16 -6.86 0.43 0.13
CA GLY A 16 -6.05 -0.45 -0.71
C GLY A 16 -5.21 0.35 -1.68
N LYS A 17 -5.01 1.63 -1.38
CA LYS A 17 -4.22 2.48 -2.25
C LYS A 17 -2.78 1.99 -2.23
N HIS A 18 -2.23 1.81 -1.02
CA HIS A 18 -0.84 1.37 -0.86
C HIS A 18 -0.47 0.13 -1.69
N ILE A 19 -1.49 -0.67 -2.05
CA ILE A 19 -1.30 -1.90 -2.85
C ILE A 19 -1.86 -1.68 -4.24
N CYS A 20 -0.98 -1.71 -5.25
CA CYS A 20 -1.39 -1.57 -6.63
C CYS A 20 -2.07 -2.86 -7.08
N ALA A 21 -3.00 -2.77 -8.03
CA ALA A 21 -3.72 -3.95 -8.53
C ALA A 21 -2.85 -4.77 -9.47
N ILE A 22 -1.76 -4.15 -9.94
CA ILE A 22 -0.80 -4.75 -10.89
C ILE A 22 0.57 -4.92 -10.22
N CYS A 23 1.33 -3.84 -10.12
CA CYS A 23 2.69 -3.86 -9.57
C CYS A 23 2.72 -4.29 -8.11
N GLY A 24 1.55 -4.37 -7.50
CA GLY A 24 1.45 -4.77 -6.10
C GLY A 24 1.80 -3.66 -5.13
N ASN A 25 2.50 -2.58 -5.56
CA ASN A 25 2.86 -1.49 -4.62
C ASN A 25 3.36 -0.16 -5.26
N ASN A 26 3.09 0.07 -6.57
CA ASN A 26 3.52 1.35 -7.24
C ASN A 26 2.38 2.39 -7.25
N ALA A 27 1.30 2.09 -6.52
CA ALA A 27 0.14 2.98 -6.40
C ALA A 27 0.39 4.00 -5.30
N GLU A 28 1.37 4.88 -5.55
CA GLU A 28 1.78 5.94 -4.62
C GLU A 28 2.07 7.22 -5.38
N ASP A 29 2.72 7.09 -6.54
CA ASP A 29 3.05 8.28 -7.36
C ASP A 29 3.39 7.93 -8.81
N TYR A 30 4.48 7.19 -9.01
CA TYR A 30 4.92 6.80 -10.36
C TYR A 30 4.11 5.62 -10.84
N LYS A 31 3.78 5.62 -12.14
CA LYS A 31 2.99 4.57 -12.77
C LYS A 31 3.75 4.03 -13.98
N HIS A 32 5.06 3.86 -13.81
CA HIS A 32 5.91 3.35 -14.90
C HIS A 32 5.82 1.84 -15.03
N THR A 33 5.69 1.16 -13.89
CA THR A 33 5.61 -0.31 -13.87
C THR A 33 4.21 -0.78 -14.23
N ASP A 34 3.26 0.15 -14.23
CA ASP A 34 1.87 -0.21 -14.54
C ASP A 34 1.76 -0.69 -15.98
N MET A 35 2.58 -0.13 -16.85
CA MET A 35 2.56 -0.49 -18.26
C MET A 35 3.18 -1.88 -18.45
N ASP A 36 2.47 -2.73 -19.21
CA ASP A 36 2.92 -4.10 -19.48
C ASP A 36 3.88 -4.13 -20.67
N LEU A 37 5.17 -4.03 -20.36
CA LEU A 37 6.23 -4.05 -21.38
C LEU A 37 6.43 -5.47 -21.89
N THR A 38 6.80 -5.60 -23.15
CA THR A 38 7.03 -6.91 -23.75
C THR A 38 8.18 -7.63 -23.06
N TYR A 39 9.26 -6.90 -22.81
CA TYR A 39 10.44 -7.46 -22.15
C TYR A 39 10.17 -7.68 -20.67
N THR A 40 10.64 -8.81 -20.13
CA THR A 40 10.42 -9.12 -18.71
C THR A 40 11.13 -8.08 -17.84
N ASP A 41 10.37 -7.50 -16.91
CA ASP A 41 10.89 -6.49 -15.99
C ASP A 41 11.63 -7.15 -14.83
N ARG A 42 12.93 -6.88 -14.72
CA ARG A 42 13.73 -7.45 -13.65
C ARG A 42 13.34 -6.81 -12.32
N ASP A 43 13.34 -7.61 -11.26
CA ASP A 43 12.99 -7.10 -9.94
C ASP A 43 13.99 -6.05 -9.49
N TYR A 44 13.48 -5.00 -8.86
CA TYR A 44 14.33 -3.91 -8.37
C TYR A 44 15.11 -4.36 -7.14
N LYS A 45 16.39 -3.96 -7.09
CA LYS A 45 17.25 -4.31 -5.95
C LYS A 45 18.35 -3.25 -5.81
N ASN A 46 18.61 -2.86 -4.56
CA ASN A 46 19.63 -1.86 -4.23
C ASN A 46 20.17 -2.10 -2.83
N CYS A 47 21.49 -1.99 -2.68
CA CYS A 47 22.13 -2.19 -1.39
C CYS A 47 21.67 -1.12 -0.39
N GLU A 48 21.48 0.10 -0.88
CA GLU A 48 21.06 1.20 -0.03
C GLU A 48 19.69 0.90 0.57
N SER A 49 19.50 1.29 1.82
CA SER A 49 18.23 1.08 2.52
C SER A 49 18.12 2.00 3.74
N TYR A 50 16.89 2.15 4.24
CA TYR A 50 16.61 2.98 5.41
C TYR A 50 15.30 2.52 6.03
N HIS A 51 15.32 2.43 7.38
CA HIS A 51 14.16 2.00 8.20
C HIS A 51 13.24 1.01 7.45
N LYS A 52 13.61 -0.26 7.49
CA LYS A 52 12.86 -1.30 6.78
C LYS A 52 11.56 -1.62 7.52
N CYS A 53 10.65 -0.65 7.53
CA CYS A 53 9.35 -0.80 8.21
C CYS A 53 8.36 -1.60 7.36
N SER A 54 7.83 -0.98 6.29
CA SER A 54 6.87 -1.60 5.39
C SER A 54 7.58 -2.16 4.17
N ASP A 55 8.13 -3.35 4.34
CA ASP A 55 8.86 -4.02 3.26
C ASP A 55 7.95 -4.24 2.05
N LEU A 56 6.64 -4.25 2.29
CA LEU A 56 5.69 -4.45 1.20
C LEU A 56 5.81 -3.29 0.20
N CYS A 57 5.85 -2.06 0.74
CA CYS A 57 5.99 -0.84 -0.05
C CYS A 57 7.47 -0.47 -0.12
N GLN A 58 8.03 -0.55 -1.32
CA GLN A 58 9.46 -0.27 -1.49
C GLN A 58 9.82 1.20 -1.24
N TYR A 59 8.94 2.10 -1.64
CA TYR A 59 9.18 3.54 -1.50
C TYR A 59 9.10 4.00 -0.05
N CYS A 60 8.28 3.33 0.75
CA CYS A 60 8.13 3.69 2.15
C CYS A 60 9.46 3.62 2.88
N ARG A 61 10.36 2.79 2.39
CA ARG A 61 11.65 2.61 3.04
C ARG A 61 12.45 3.92 3.08
N TYR A 62 12.42 4.66 1.96
CA TYR A 62 13.15 5.92 1.84
C TYR A 62 12.33 7.11 2.35
N GLN A 63 11.10 7.22 1.84
CA GLN A 63 10.18 8.31 2.20
C GLN A 63 8.80 7.75 2.46
N LYS A 64 8.30 7.95 3.68
CA LYS A 64 6.97 7.46 4.07
C LYS A 64 5.89 8.04 3.17
N ASP A 65 4.98 7.14 2.73
CA ASP A 65 3.86 7.48 1.85
C ASP A 65 2.53 7.20 2.55
N LEU A 66 2.57 6.88 3.84
CA LEU A 66 1.36 6.53 4.61
C LEU A 66 0.24 7.62 4.57
N ALA A 67 0.46 8.74 3.91
CA ALA A 67 -0.57 9.78 3.84
C ALA A 67 -1.79 9.27 3.08
N ILE A 68 -1.56 8.58 1.96
CA ILE A 68 -2.68 8.08 1.15
C ILE A 68 -3.52 7.05 1.93
N HIS A 69 -3.01 5.84 2.14
CA HIS A 69 -3.74 4.81 2.86
C HIS A 69 -3.73 5.08 4.37
N HIS A 70 -4.90 5.36 4.93
CA HIS A 70 -5.02 5.65 6.37
C HIS A 70 -5.01 4.33 7.16
N GLN A 71 -4.18 4.28 8.19
CA GLN A 71 -4.07 3.07 9.03
C GLN A 71 -5.30 2.95 9.93
N HIS A 72 -5.94 1.79 9.87
CA HIS A 72 -7.14 1.54 10.69
C HIS A 72 -6.75 1.34 12.16
N HIS A 73 -7.59 1.85 13.06
CA HIS A 73 -7.32 1.71 14.49
C HIS A 73 -7.38 0.24 14.90
N HIS A 74 -8.37 -0.47 14.39
CA HIS A 74 -8.53 -1.89 14.70
C HIS A 74 -7.47 -2.72 14.00
N GLY A 75 -6.89 -3.68 14.72
CA GLY A 75 -5.86 -4.55 14.16
C GLY A 75 -6.47 -5.52 13.17
N GLY A 76 -5.60 -6.16 12.38
CA GLY A 76 -6.06 -7.13 11.38
C GLY A 76 -6.73 -8.32 12.05
N SER A 77 -6.17 -8.77 13.16
CA SER A 77 -6.72 -9.91 13.90
C SER A 77 -8.03 -9.51 14.60
N MET A 78 -8.94 -10.47 14.71
CA MET A 78 -10.23 -10.21 15.37
C MET A 78 -10.01 -9.90 16.85
N GLY A 79 -9.09 -10.64 17.47
CA GLY A 79 -8.80 -10.43 18.88
C GLY A 79 -8.15 -9.07 19.11
N MET A 80 -8.21 -8.59 20.34
CA MET A 80 -7.61 -7.30 20.68
C MET A 80 -6.11 -7.34 20.47
N SER A 81 -5.50 -8.47 20.87
CA SER A 81 -4.04 -8.65 20.74
C SER A 81 -3.68 -10.13 20.79
N GLY A 82 -2.46 -10.44 20.38
CA GLY A 82 -2.00 -11.84 20.38
C GLY A 82 -1.87 -12.36 21.80
N SER A 83 -2.07 -13.67 21.97
CA SER A 83 -1.97 -14.29 23.28
C SER A 83 -0.56 -14.16 23.85
N GLY A 84 0.43 -14.31 22.98
CA GLY A 84 1.82 -14.22 23.40
C GLY A 84 2.14 -12.81 23.89
N THR A 85 2.98 -12.72 24.93
CA THR A 85 3.37 -11.43 25.49
C THR A 85 4.33 -10.71 24.55
N GLY A 86 4.50 -9.41 24.79
CA GLY A 86 5.39 -8.61 23.96
C GLY A 86 4.80 -8.40 22.58
N TYR A 87 3.47 -8.47 22.49
CA TYR A 87 2.76 -8.30 21.22
C TYR A 87 3.20 -9.34 20.19
ZN ZN B . 4.34 3.64 0.81
ZN ZN C . 0.90 -0.25 -10.64
N MET A 1 -9.20 -11.60 3.12
CA MET A 1 -9.11 -10.13 2.92
C MET A 1 -7.96 -9.58 3.75
N GLY A 2 -7.86 -10.05 4.99
CA GLY A 2 -6.80 -9.60 5.89
C GLY A 2 -7.04 -8.17 6.35
N ALA A 3 -8.31 -7.75 6.31
CA ALA A 3 -8.70 -6.39 6.73
C ALA A 3 -10.20 -6.31 7.01
N PRO A 4 -10.71 -6.90 8.09
CA PRO A 4 -12.17 -6.82 8.42
C PRO A 4 -12.63 -5.38 8.64
N VAL A 5 -13.92 -5.12 8.34
CA VAL A 5 -14.53 -3.78 8.49
C VAL A 5 -15.99 -3.94 9.02
N PRO A 6 -16.20 -4.31 10.29
CA PRO A 6 -17.59 -4.46 10.84
C PRO A 6 -18.43 -3.20 10.70
N TYR A 7 -17.79 -2.06 11.00
CA TYR A 7 -18.48 -0.77 10.91
C TYR A 7 -18.66 -0.37 9.42
N PRO A 8 -19.69 0.40 9.02
CA PRO A 8 -19.86 0.78 7.58
C PRO A 8 -18.86 1.86 7.15
N ASP A 9 -18.06 2.32 8.12
CA ASP A 9 -17.03 3.36 7.90
C ASP A 9 -17.62 4.56 7.13
N PRO A 10 -18.43 5.42 7.76
CA PRO A 10 -19.02 6.60 7.04
C PRO A 10 -17.96 7.50 6.44
N LEU A 11 -16.83 7.58 7.12
CA LEU A 11 -15.72 8.40 6.66
C LEU A 11 -15.10 7.81 5.38
N GLU A 12 -14.95 6.47 5.35
CA GLU A 12 -14.35 5.71 4.22
C GLU A 12 -13.29 6.52 3.43
N PRO A 13 -12.12 6.80 4.00
CA PRO A 13 -11.08 7.61 3.28
C PRO A 13 -10.68 7.00 1.94
N ARG A 14 -10.45 7.86 0.96
CA ARG A 14 -10.06 7.41 -0.37
C ARG A 14 -8.72 6.69 -0.30
N GLY A 15 -7.82 7.22 0.53
CA GLY A 15 -6.50 6.63 0.68
C GLY A 15 -5.75 6.65 -0.64
N GLY A 16 -5.22 5.51 -1.04
CA GLY A 16 -4.49 5.42 -2.29
C GLY A 16 -4.13 3.97 -2.61
N LYS A 17 -4.62 3.05 -1.77
CA LYS A 17 -4.37 1.62 -1.93
C LYS A 17 -2.89 1.35 -2.09
N HIS A 18 -2.22 1.35 -0.96
CA HIS A 18 -0.75 1.14 -0.89
C HIS A 18 -0.28 -0.05 -1.76
N ILE A 19 -1.18 -1.01 -1.99
CA ILE A 19 -0.88 -2.19 -2.82
C ILE A 19 -1.57 -2.04 -4.18
N CYS A 20 -0.76 -1.88 -5.23
CA CYS A 20 -1.30 -1.76 -6.58
C CYS A 20 -1.85 -3.13 -7.01
N ALA A 21 -2.85 -3.14 -7.88
CA ALA A 21 -3.45 -4.41 -8.34
C ALA A 21 -2.57 -5.09 -9.37
N ILE A 22 -1.61 -4.32 -9.91
CA ILE A 22 -0.68 -4.78 -10.96
C ILE A 22 0.75 -4.79 -10.40
N CYS A 23 1.38 -3.61 -10.33
CA CYS A 23 2.76 -3.48 -9.88
C CYS A 23 2.97 -3.92 -8.44
N GLY A 24 1.87 -4.20 -7.75
CA GLY A 24 1.94 -4.64 -6.37
C GLY A 24 2.20 -3.51 -5.40
N ASN A 25 2.73 -2.33 -5.86
CA ASN A 25 3.01 -1.22 -4.90
C ASN A 25 3.29 0.18 -5.55
N ASN A 26 2.92 0.41 -6.82
CA ASN A 26 3.14 1.75 -7.46
C ASN A 26 1.90 2.65 -7.34
N ALA A 27 0.95 2.21 -6.51
CA ALA A 27 -0.29 2.95 -6.28
C ALA A 27 -0.12 3.95 -5.13
N GLU A 28 0.74 4.93 -5.37
CA GLU A 28 1.00 5.97 -4.37
C GLU A 28 1.78 7.15 -4.96
N ASP A 29 2.41 6.94 -6.13
CA ASP A 29 3.22 7.98 -6.80
C ASP A 29 3.12 7.86 -8.32
N TYR A 30 4.11 7.21 -8.96
CA TYR A 30 4.14 7.05 -10.40
C TYR A 30 3.25 5.90 -10.84
N LYS A 31 2.83 5.94 -12.11
CA LYS A 31 1.97 4.91 -12.69
C LYS A 31 2.56 4.47 -14.04
N HIS A 32 3.89 4.46 -14.12
CA HIS A 32 4.59 4.06 -15.35
C HIS A 32 4.70 2.54 -15.44
N THR A 33 4.75 1.87 -14.29
CA THR A 33 4.88 0.42 -14.25
C THR A 33 3.54 -0.25 -14.52
N ASP A 34 2.46 0.53 -14.45
CA ASP A 34 1.13 -0.02 -14.69
C ASP A 34 1.01 -0.52 -16.12
N MET A 35 1.55 0.26 -17.06
CA MET A 35 1.50 -0.12 -18.47
C MET A 35 2.35 -1.37 -18.73
N ASP A 36 3.54 -1.40 -18.12
CA ASP A 36 4.47 -2.53 -18.28
C ASP A 36 4.17 -3.62 -17.26
N LEU A 37 3.54 -4.69 -17.74
CA LEU A 37 3.19 -5.82 -16.88
C LEU A 37 4.45 -6.63 -16.58
N THR A 38 4.50 -7.19 -15.36
CA THR A 38 5.65 -7.99 -14.91
C THR A 38 5.26 -8.91 -13.76
N TYR A 39 5.97 -10.03 -13.64
CA TYR A 39 5.72 -11.01 -12.57
C TYR A 39 6.33 -10.52 -11.26
N THR A 40 5.60 -10.74 -10.17
CA THR A 40 6.09 -10.31 -8.86
C THR A 40 7.29 -11.15 -8.42
N ASP A 41 8.30 -10.49 -7.86
CA ASP A 41 9.51 -11.16 -7.41
C ASP A 41 9.28 -11.82 -6.05
N ARG A 42 8.77 -13.05 -6.08
CA ARG A 42 8.50 -13.78 -4.84
C ARG A 42 9.82 -14.09 -4.12
N ASP A 43 10.82 -14.50 -4.89
CA ASP A 43 12.12 -14.83 -4.32
C ASP A 43 12.84 -13.57 -3.86
N TYR A 44 13.55 -13.66 -2.74
CA TYR A 44 14.29 -12.53 -2.20
C TYR A 44 15.52 -12.24 -3.06
N LYS A 45 15.79 -10.94 -3.28
CA LYS A 45 16.92 -10.49 -4.11
C LYS A 45 17.71 -9.41 -3.36
N ASN A 46 19.01 -9.34 -3.64
CA ASN A 46 19.87 -8.36 -3.00
C ASN A 46 19.53 -6.94 -3.46
N CYS A 47 19.11 -6.11 -2.50
CA CYS A 47 18.74 -4.73 -2.80
C CYS A 47 18.69 -3.91 -1.52
N GLU A 48 18.66 -2.58 -1.66
CA GLU A 48 18.61 -1.68 -0.51
C GLU A 48 17.35 -1.95 0.30
N SER A 49 17.42 -1.66 1.60
CA SER A 49 16.29 -1.88 2.50
C SER A 49 16.46 -1.07 3.79
N TYR A 50 15.38 -0.92 4.54
CA TYR A 50 15.38 -0.19 5.80
C TYR A 50 14.39 -0.82 6.77
N HIS A 51 14.73 -0.76 8.05
CA HIS A 51 13.87 -1.33 9.09
C HIS A 51 12.61 -0.50 9.26
N LYS A 52 12.71 0.79 8.96
CA LYS A 52 11.57 1.69 9.11
C LYS A 52 10.41 1.26 8.20
N CYS A 53 10.71 1.00 6.93
CA CYS A 53 9.67 0.59 5.95
C CYS A 53 8.86 -0.61 6.45
N SER A 54 7.66 -0.75 5.87
CA SER A 54 6.75 -1.84 6.21
C SER A 54 7.17 -3.13 5.51
N ASP A 55 8.20 -3.03 4.66
CA ASP A 55 8.74 -4.17 3.92
C ASP A 55 7.76 -4.72 2.87
N LEU A 56 7.28 -3.82 2.04
CA LEU A 56 6.38 -4.16 0.95
C LEU A 56 6.37 -3.04 -0.10
N CYS A 57 6.36 -1.79 0.39
CA CYS A 57 6.38 -0.60 -0.47
C CYS A 57 7.82 -0.14 -0.65
N GLN A 58 8.31 -0.21 -1.89
CA GLN A 58 9.69 0.15 -2.19
C GLN A 58 9.96 1.65 -2.03
N TYR A 59 8.99 2.47 -2.34
CA TYR A 59 9.14 3.93 -2.28
C TYR A 59 9.11 4.45 -0.85
N CYS A 60 8.43 3.73 0.04
CA CYS A 60 8.33 4.15 1.43
C CYS A 60 9.72 4.23 2.07
N ARG A 61 10.65 3.43 1.56
CA ARG A 61 12.01 3.37 2.11
C ARG A 61 12.70 4.74 2.09
N TYR A 62 12.57 5.45 0.96
CA TYR A 62 13.21 6.76 0.78
C TYR A 62 12.35 7.88 1.37
N GLN A 63 11.07 7.89 0.99
CA GLN A 63 10.10 8.90 1.43
C GLN A 63 8.81 8.21 1.84
N LYS A 64 8.49 8.28 3.13
CA LYS A 64 7.28 7.66 3.66
C LYS A 64 6.04 8.18 2.96
N ASP A 65 5.16 7.22 2.62
CA ASP A 65 3.89 7.49 1.93
C ASP A 65 2.70 7.16 2.85
N LEU A 66 2.95 7.02 4.15
CA LEU A 66 1.88 6.65 5.13
C LEU A 66 0.65 7.60 5.11
N ALA A 67 0.67 8.65 4.30
CA ALA A 67 -0.48 9.56 4.25
C ALA A 67 -1.70 8.83 3.71
N ILE A 68 -1.52 8.12 2.62
CA ILE A 68 -2.62 7.41 1.99
C ILE A 68 -3.24 6.37 2.96
N HIS A 69 -2.78 5.12 2.89
CA HIS A 69 -3.30 4.07 3.75
C HIS A 69 -2.93 4.33 5.21
N HIS A 70 -3.96 4.38 6.05
CA HIS A 70 -3.77 4.61 7.49
C HIS A 70 -3.27 3.34 8.17
N GLN A 71 -2.36 3.51 9.14
CA GLN A 71 -1.79 2.38 9.89
C GLN A 71 -1.34 2.85 11.26
N HIS A 72 -1.48 1.97 12.26
CA HIS A 72 -1.08 2.29 13.62
C HIS A 72 0.44 2.27 13.75
N HIS A 73 0.99 3.26 14.46
CA HIS A 73 2.43 3.34 14.65
C HIS A 73 2.94 2.13 15.42
N HIS A 74 2.22 1.74 16.47
CA HIS A 74 2.61 0.59 17.28
C HIS A 74 2.40 -0.70 16.51
N GLY A 75 3.32 -1.65 16.67
CA GLY A 75 3.22 -2.93 15.99
C GLY A 75 1.97 -3.68 16.41
N GLY A 76 1.62 -3.55 17.69
CA GLY A 76 0.44 -4.24 18.23
C GLY A 76 0.12 -3.74 19.63
N SER A 77 -1.04 -4.16 20.15
CA SER A 77 -1.47 -3.75 21.48
C SER A 77 -0.62 -4.46 22.54
N MET A 78 -0.60 -3.89 23.74
CA MET A 78 0.17 -4.46 24.85
C MET A 78 -0.53 -5.72 25.36
N GLY A 79 0.26 -6.75 25.65
CA GLY A 79 -0.29 -8.00 26.15
C GLY A 79 -1.04 -8.75 25.04
N MET A 80 -1.71 -9.84 25.41
CA MET A 80 -2.46 -10.64 24.46
C MET A 80 -3.73 -9.90 24.03
N SER A 81 -4.10 -10.06 22.76
CA SER A 81 -5.30 -9.40 22.24
C SER A 81 -6.54 -9.86 22.99
N GLY A 82 -6.64 -11.16 23.22
CA GLY A 82 -7.80 -11.71 23.93
C GLY A 82 -7.56 -13.17 24.28
N SER A 83 -8.42 -13.72 25.14
CA SER A 83 -8.31 -15.11 25.57
C SER A 83 -8.73 -16.05 24.44
N GLY A 84 -8.34 -17.31 24.56
CA GLY A 84 -8.67 -18.30 23.53
C GLY A 84 -7.83 -18.10 22.27
N THR A 85 -7.90 -19.08 21.36
CA THR A 85 -7.15 -19.01 20.11
C THR A 85 -7.81 -18.04 19.13
N GLY A 86 -7.07 -17.66 18.10
CA GLY A 86 -7.57 -16.74 17.08
C GLY A 86 -7.55 -15.30 17.58
N TYR A 87 -6.85 -15.09 18.71
CA TYR A 87 -6.71 -13.76 19.33
C TYR A 87 -5.42 -13.70 20.14
ZN ZN B . 4.44 3.78 0.35
ZN ZN C . 0.46 -0.10 -10.72
N MET A 1 -1.31 -22.46 -17.55
CA MET A 1 -0.37 -21.46 -16.95
C MET A 1 -0.49 -20.16 -17.73
N GLY A 2 -0.41 -20.24 -19.05
CA GLY A 2 -0.51 -19.05 -19.90
C GLY A 2 -1.91 -18.48 -19.85
N ALA A 3 -2.03 -17.19 -20.20
CA ALA A 3 -3.31 -16.48 -20.21
C ALA A 3 -4.08 -16.66 -18.88
N PRO A 4 -3.63 -16.09 -17.76
CA PRO A 4 -4.36 -16.25 -16.46
C PRO A 4 -5.79 -15.71 -16.55
N VAL A 5 -6.69 -16.33 -15.75
CA VAL A 5 -8.12 -15.95 -15.70
C VAL A 5 -8.59 -15.92 -14.21
N PRO A 6 -8.20 -14.93 -13.39
CA PRO A 6 -8.62 -14.87 -11.96
C PRO A 6 -10.14 -14.89 -11.78
N TYR A 7 -10.83 -14.16 -12.66
CA TYR A 7 -12.30 -14.10 -12.61
C TYR A 7 -12.80 -13.63 -11.22
N PRO A 8 -12.64 -12.35 -10.85
CA PRO A 8 -13.07 -11.88 -9.50
C PRO A 8 -14.58 -11.69 -9.43
N ASP A 9 -15.04 -11.27 -8.25
CA ASP A 9 -16.48 -11.07 -8.01
C ASP A 9 -16.96 -9.76 -8.69
N PRO A 10 -18.25 -9.56 -8.95
CA PRO A 10 -18.73 -8.30 -9.61
C PRO A 10 -18.58 -7.07 -8.70
N LEU A 11 -18.44 -7.33 -7.41
CA LEU A 11 -18.31 -6.26 -6.43
C LEU A 11 -17.04 -5.46 -6.69
N GLU A 12 -15.97 -6.16 -7.06
CA GLU A 12 -14.66 -5.56 -7.37
C GLU A 12 -14.20 -4.61 -6.23
N PRO A 13 -13.82 -5.12 -5.05
CA PRO A 13 -13.38 -4.23 -3.93
C PRO A 13 -12.18 -3.36 -4.31
N ARG A 14 -12.17 -2.13 -3.80
CA ARG A 14 -11.08 -1.20 -4.09
C ARG A 14 -9.77 -1.72 -3.51
N GLY A 15 -9.84 -2.31 -2.32
CA GLY A 15 -8.65 -2.85 -1.67
C GLY A 15 -7.76 -1.73 -1.14
N GLY A 16 -6.63 -2.11 -0.56
CA GLY A 16 -5.70 -1.12 -0.01
C GLY A 16 -5.06 -0.32 -1.12
N LYS A 17 -4.92 0.98 -0.89
CA LYS A 17 -4.32 1.85 -1.87
C LYS A 17 -2.86 1.50 -1.98
N HIS A 18 -2.18 1.43 -0.83
CA HIS A 18 -0.74 1.12 -0.77
C HIS A 18 -0.34 -0.09 -1.64
N ILE A 19 -1.31 -0.97 -1.96
CA ILE A 19 -1.07 -2.15 -2.79
C ILE A 19 -1.71 -1.96 -4.15
N CYS A 20 -0.86 -1.83 -5.17
CA CYS A 20 -1.33 -1.68 -6.54
C CYS A 20 -1.84 -3.03 -7.02
N ALA A 21 -2.77 -3.03 -7.95
CA ALA A 21 -3.35 -4.26 -8.47
C ALA A 21 -2.39 -4.95 -9.44
N ILE A 22 -1.39 -4.19 -9.90
CA ILE A 22 -0.39 -4.64 -10.88
C ILE A 22 1.02 -4.64 -10.25
N CYS A 23 1.64 -3.45 -10.17
CA CYS A 23 3.00 -3.31 -9.68
C CYS A 23 3.14 -3.71 -8.22
N GLY A 24 2.01 -3.88 -7.54
CA GLY A 24 2.00 -4.27 -6.15
C GLY A 24 2.32 -3.11 -5.19
N ASN A 25 2.83 -1.96 -5.69
CA ASN A 25 3.16 -0.83 -4.79
C ASN A 25 3.38 0.55 -5.49
N ASN A 26 2.90 0.73 -6.73
CA ASN A 26 3.02 2.05 -7.42
C ASN A 26 1.76 2.90 -7.23
N ALA A 27 0.79 2.36 -6.50
CA ALA A 27 -0.46 3.06 -6.24
C ALA A 27 -0.26 4.07 -5.10
N GLU A 28 0.73 4.94 -5.28
CA GLU A 28 1.06 5.96 -4.28
C GLU A 28 1.95 7.05 -4.87
N ASP A 29 2.42 6.86 -6.12
CA ASP A 29 3.32 7.83 -6.77
C ASP A 29 3.20 7.76 -8.31
N TYR A 30 4.32 7.56 -9.00
CA TYR A 30 4.34 7.49 -10.45
C TYR A 30 3.73 6.18 -10.91
N LYS A 31 2.98 6.26 -12.02
CA LYS A 31 2.29 5.10 -12.60
C LYS A 31 2.97 4.71 -13.92
N HIS A 32 4.30 4.63 -13.89
CA HIS A 32 5.06 4.27 -15.08
C HIS A 32 5.09 2.76 -15.28
N THR A 33 5.16 2.02 -14.18
CA THR A 33 5.22 0.56 -14.23
C THR A 33 3.82 -0.02 -14.46
N ASP A 34 2.80 0.81 -14.33
CA ASP A 34 1.43 0.33 -14.51
C ASP A 34 1.22 -0.12 -15.95
N MET A 35 1.85 0.60 -16.88
CA MET A 35 1.72 0.25 -18.29
C MET A 35 2.39 -1.09 -18.58
N ASP A 36 3.54 -1.32 -17.95
CA ASP A 36 4.30 -2.56 -18.13
C ASP A 36 3.78 -3.65 -17.21
N LEU A 37 3.20 -4.69 -17.80
CA LEU A 37 2.67 -5.82 -17.05
C LEU A 37 3.82 -6.67 -16.52
N THR A 38 3.56 -7.40 -15.44
CA THR A 38 4.56 -8.27 -14.79
C THR A 38 3.95 -9.62 -14.47
N TYR A 39 4.80 -10.63 -14.41
CA TYR A 39 4.36 -12.00 -14.12
C TYR A 39 3.75 -12.08 -12.73
N THR A 40 4.41 -11.42 -11.77
CA THR A 40 3.96 -11.41 -10.36
C THR A 40 4.04 -9.99 -9.81
N ASP A 41 3.23 -9.73 -8.77
CA ASP A 41 3.18 -8.42 -8.12
C ASP A 41 4.27 -8.28 -7.05
N ARG A 42 5.30 -9.15 -7.15
CA ARG A 42 6.43 -9.16 -6.20
C ARG A 42 7.74 -9.06 -6.99
N ASP A 43 8.68 -8.30 -6.43
CA ASP A 43 9.97 -8.10 -7.06
C ASP A 43 10.79 -9.39 -7.01
N TYR A 44 11.60 -9.61 -8.04
CA TYR A 44 12.42 -10.81 -8.11
C TYR A 44 13.38 -10.87 -6.92
N LYS A 45 14.01 -9.73 -6.62
CA LYS A 45 14.95 -9.62 -5.51
C LYS A 45 15.02 -8.18 -5.01
N ASN A 46 14.77 -7.99 -3.71
CA ASN A 46 14.82 -6.67 -3.07
C ASN A 46 16.23 -6.38 -2.57
N CYS A 47 17.03 -5.73 -3.41
CA CYS A 47 18.40 -5.39 -3.04
C CYS A 47 18.43 -4.38 -1.89
N GLU A 48 17.75 -3.25 -2.10
CA GLU A 48 17.67 -2.18 -1.09
C GLU A 48 16.62 -2.52 -0.04
N SER A 49 16.87 -2.13 1.20
CA SER A 49 15.93 -2.39 2.30
C SER A 49 16.25 -1.52 3.51
N TYR A 50 15.25 -1.32 4.38
CA TYR A 50 15.40 -0.52 5.59
C TYR A 50 14.45 -1.02 6.68
N HIS A 51 14.88 -0.90 7.92
CA HIS A 51 14.09 -1.33 9.07
C HIS A 51 12.83 -0.47 9.21
N LYS A 52 12.95 0.80 8.85
CA LYS A 52 11.83 1.74 8.97
C LYS A 52 10.68 1.34 8.04
N CYS A 53 11.01 1.05 6.77
CA CYS A 53 10.00 0.67 5.77
C CYS A 53 9.03 -0.38 6.28
N SER A 54 7.83 -0.39 5.69
CA SER A 54 6.79 -1.33 6.09
C SER A 54 7.10 -2.75 5.59
N ASP A 55 8.17 -2.85 4.79
CA ASP A 55 8.65 -4.13 4.23
C ASP A 55 7.68 -4.71 3.20
N LEU A 56 7.23 -3.86 2.30
CA LEU A 56 6.34 -4.26 1.22
C LEU A 56 6.33 -3.19 0.13
N CYS A 57 6.31 -1.92 0.57
CA CYS A 57 6.29 -0.76 -0.32
C CYS A 57 7.73 -0.30 -0.59
N GLN A 58 8.13 -0.35 -1.86
CA GLN A 58 9.50 0.03 -2.24
C GLN A 58 9.78 1.52 -2.07
N TYR A 59 8.79 2.36 -2.38
CA TYR A 59 8.97 3.82 -2.31
C TYR A 59 9.03 4.32 -0.88
N CYS A 60 8.38 3.60 0.03
CA CYS A 60 8.37 3.99 1.43
C CYS A 60 9.77 3.98 2.02
N ARG A 61 10.67 3.25 1.37
CA ARG A 61 12.04 3.12 1.86
C ARG A 61 12.74 4.49 1.95
N TYR A 62 12.57 5.30 0.91
CA TYR A 62 13.20 6.63 0.84
C TYR A 62 12.32 7.73 1.44
N GLN A 63 11.05 7.74 1.00
CA GLN A 63 10.07 8.75 1.45
C GLN A 63 8.76 8.08 1.82
N LYS A 64 8.40 8.16 3.10
CA LYS A 64 7.15 7.55 3.59
C LYS A 64 5.94 8.09 2.83
N ASP A 65 5.07 7.14 2.46
CA ASP A 65 3.83 7.41 1.72
C ASP A 65 2.61 7.07 2.58
N LEU A 66 2.81 6.85 3.88
CA LEU A 66 1.71 6.46 4.79
C LEU A 66 0.49 7.43 4.80
N ALA A 67 0.54 8.53 4.05
CA ALA A 67 -0.58 9.46 4.03
C ALA A 67 -1.82 8.78 3.45
N ILE A 68 -1.63 8.04 2.36
CA ILE A 68 -2.77 7.38 1.71
C ILE A 68 -3.49 6.40 2.66
N HIS A 69 -2.89 5.24 2.93
CA HIS A 69 -3.51 4.25 3.83
C HIS A 69 -3.79 4.85 5.20
N HIS A 70 -5.03 4.68 5.67
CA HIS A 70 -5.43 5.21 6.97
C HIS A 70 -4.70 4.51 8.11
N GLN A 71 -4.63 3.19 8.04
CA GLN A 71 -3.96 2.39 9.06
C GLN A 71 -2.45 2.58 8.98
N HIS A 72 -1.84 2.91 10.12
CA HIS A 72 -0.40 3.11 10.18
C HIS A 72 0.35 1.81 9.91
N HIS A 73 -0.20 0.70 10.42
CA HIS A 73 0.41 -0.62 10.25
C HIS A 73 -0.66 -1.71 10.32
N HIS A 74 -0.44 -2.78 9.56
CA HIS A 74 -1.38 -3.89 9.53
C HIS A 74 -1.32 -4.66 10.84
N GLY A 75 -2.48 -5.04 11.36
CA GLY A 75 -2.55 -5.79 12.61
C GLY A 75 -1.98 -7.19 12.44
N GLY A 76 -1.65 -7.83 13.56
CA GLY A 76 -1.10 -9.18 13.53
C GLY A 76 -2.12 -10.17 12.97
N SER A 77 -3.39 -9.96 13.32
CA SER A 77 -4.45 -10.84 12.85
C SER A 77 -4.73 -10.61 11.37
N MET A 78 -5.37 -11.59 10.74
CA MET A 78 -5.71 -11.48 9.32
C MET A 78 -6.69 -10.34 9.09
N GLY A 79 -7.64 -10.19 10.00
CA GLY A 79 -8.63 -9.13 9.88
C GLY A 79 -9.52 -9.07 11.11
N MET A 80 -10.39 -8.07 11.16
CA MET A 80 -11.30 -7.92 12.29
C MET A 80 -12.25 -9.10 12.38
N SER A 81 -12.72 -9.56 11.22
CA SER A 81 -13.64 -10.70 11.16
C SER A 81 -12.90 -12.00 11.44
N GLY A 82 -13.67 -13.05 11.72
CA GLY A 82 -13.07 -14.36 12.02
C GLY A 82 -12.47 -14.97 10.75
N SER A 83 -11.60 -15.96 10.94
CA SER A 83 -10.94 -16.63 9.82
C SER A 83 -10.38 -17.98 10.26
N GLY A 84 -10.10 -18.85 9.29
CA GLY A 84 -9.56 -20.17 9.60
C GLY A 84 -10.59 -21.05 10.27
N THR A 85 -11.86 -20.73 10.05
CA THR A 85 -12.95 -21.50 10.65
C THR A 85 -12.97 -22.92 10.10
N GLY A 86 -12.58 -23.06 8.83
CA GLY A 86 -12.56 -24.38 8.20
C GLY A 86 -11.57 -25.30 8.89
N TYR A 87 -10.35 -24.82 9.10
CA TYR A 87 -9.32 -25.60 9.76
C TYR A 87 -9.67 -25.81 11.24
ZN ZN B . 4.45 3.68 0.39
ZN ZN C . 0.72 0.04 -10.54
#